data_5HSS
#
_entry.id   5HSS
#
_cell.length_a   99.270
_cell.length_b   106.290
_cell.length_c   221.330
_cell.angle_alpha   90.00
_cell.angle_beta   90.00
_cell.angle_gamma   90.00
#
_symmetry.space_group_name_H-M   'P 21 21 21'
#
loop_
_entity.id
_entity.type
_entity.pdbx_description
1 polymer 'Linalool dehydratase/isomerase'
2 non-polymer 2-(2-METHOXYETHOXY)ETHANOL
3 non-polymer Geraniol
4 non-polymer Beta-Myrcene
5 water water
#
_entity_poly.entity_id   1
_entity_poly.type   'polypeptide(L)'
_entity_poly.pdbx_seq_one_letter_code
;AELPPGRLATTEDYFAQQAKQAVTPDVMAQLAYMNYIDFISPFYSRGCSFEAWELKHTPQRVIKYSIAFYAYGLASVALI
DPKLRALAGHDLDIAVSKMKCKRVWGDWEEDGFGTDPIEKENIMYKGHLNLMYGLYQLVTGSRRYEAEHAHLTRIIHDEI
AANPFAGIVCEPDNYFVQCNSVAYLSLWVYDRLHGTDYRAATRAWLDFIQKDLIDPERGAFYLSYHPESGAVKPWISAYT
TAWTLAMVHGMDPAFSERYYPRFKQTFVEVYDEGRKARVRETAGTDDADGGVGLASAFTLLLAREMGDQQLFDQLLNHLE
PPAKPSIVSASLRYEHPGSLLFDELLFLAKVHAGFGALLRMPPPAAKLAGK
;
_entity_poly.pdbx_strand_id   A,B,C,D,E
#
# COMPACT_ATOMS: atom_id res chain seq x y z
N ALA A 1 49.73 23.94 4.87
CA ALA A 1 48.36 24.15 4.44
C ALA A 1 48.05 23.32 3.20
N GLU A 2 48.17 22.00 3.33
CA GLU A 2 47.87 21.08 2.24
C GLU A 2 46.43 20.60 2.29
N LEU A 3 45.91 20.20 1.14
CA LEU A 3 44.51 19.78 1.02
C LEU A 3 44.38 18.42 0.34
N PRO A 4 44.04 17.36 1.08
CA PRO A 4 43.91 16.00 0.49
C PRO A 4 42.65 15.86 -0.35
N PRO A 5 42.57 14.83 -1.19
CA PRO A 5 41.38 14.67 -2.05
C PRO A 5 40.10 14.48 -1.24
N GLY A 6 39.05 15.16 -1.67
CA GLY A 6 37.77 15.08 -1.02
C GLY A 6 37.59 16.03 0.13
N ARG A 7 38.63 16.77 0.52
CA ARG A 7 38.47 17.82 1.52
C ARG A 7 38.18 19.13 0.79
N LEU A 8 37.27 19.93 1.34
CA LEU A 8 36.89 21.17 0.69
C LEU A 8 37.67 22.37 1.21
N ALA A 9 38.10 22.33 2.47
CA ALA A 9 38.90 23.42 3.03
C ALA A 9 39.81 22.84 4.11
N THR A 10 40.90 23.55 4.39
CA THR A 10 41.85 23.07 5.38
C THR A 10 41.26 23.25 6.77
N THR A 11 41.74 22.44 7.71
CA THR A 11 41.32 22.61 9.09
C THR A 11 41.64 24.02 9.60
N GLU A 12 42.79 24.57 9.20
CA GLU A 12 43.15 25.94 9.55
C GLU A 12 42.09 26.94 9.08
N ASP A 13 41.52 26.73 7.88
CA ASP A 13 40.49 27.63 7.39
C ASP A 13 39.27 27.59 8.29
N TYR A 14 38.81 26.39 8.67
CA TYR A 14 37.63 26.31 9.52
C TYR A 14 37.87 27.00 10.85
N PHE A 15 39.02 26.72 11.48
CA PHE A 15 39.27 27.30 12.79
C PHE A 15 39.47 28.81 12.73
N ALA A 16 39.76 29.36 11.55
CA ALA A 16 40.01 30.79 11.38
C ALA A 16 38.78 31.59 10.92
N GLN A 17 37.63 30.94 10.69
CA GLN A 17 36.45 31.63 10.17
C GLN A 17 36.04 32.81 11.06
N GLN A 18 35.99 32.59 12.38
CA GLN A 18 35.54 33.67 13.25
C GLN A 18 36.50 34.86 13.23
N ALA A 19 37.80 34.59 13.21
CA ALA A 19 38.75 35.71 13.14
C ALA A 19 38.58 36.50 11.84
N LYS A 20 38.32 35.81 10.74
CA LYS A 20 38.06 36.47 9.48
C LYS A 20 36.63 36.97 9.33
N GLN A 21 35.76 36.72 10.31
CA GLN A 21 34.33 37.09 10.23
CA GLN A 21 34.35 37.13 10.20
C GLN A 21 33.73 36.70 8.88
N ALA A 22 34.06 35.50 8.41
CA ALA A 22 33.47 34.98 7.18
C ALA A 22 33.51 33.45 7.20
N VAL A 23 32.44 32.82 6.73
CA VAL A 23 32.44 31.36 6.64
C VAL A 23 33.19 30.92 5.39
N THR A 24 33.63 29.67 5.39
CA THR A 24 34.35 29.14 4.24
C THR A 24 33.37 28.86 3.10
N PRO A 25 33.88 28.83 1.86
CA PRO A 25 32.97 28.68 0.72
C PRO A 25 32.13 27.41 0.77
N ASP A 26 32.68 26.31 1.30
CA ASP A 26 31.87 25.10 1.40
C ASP A 26 30.83 25.19 2.52
N VAL A 27 31.08 26.00 3.55
CA VAL A 27 30.02 26.21 4.53
C VAL A 27 28.90 27.05 3.91
N MET A 28 29.26 28.04 3.11
CA MET A 28 28.25 28.79 2.37
C MET A 28 27.46 27.87 1.44
N ALA A 29 28.15 26.90 0.83
CA ALA A 29 27.47 25.95 -0.03
C ALA A 29 26.59 24.99 0.78
N GLN A 30 26.93 24.72 2.04
CA GLN A 30 26.00 23.97 2.89
C GLN A 30 24.76 24.80 3.18
N LEU A 31 24.94 26.10 3.44
CA LEU A 31 23.82 27.01 3.63
C LEU A 31 22.94 27.11 2.40
N ALA A 32 23.53 27.00 1.20
CA ALA A 32 22.71 26.99 -0.02
C ALA A 32 21.84 25.74 -0.09
N TYR A 33 22.44 24.55 0.16
CA TYR A 33 21.62 23.35 0.19
C TYR A 33 20.48 23.52 1.19
N MET A 34 20.77 24.15 2.34
CA MET A 34 19.74 24.31 3.36
C MET A 34 18.66 25.31 2.94
N ASN A 35 18.99 26.29 2.08
CA ASN A 35 18.07 27.42 1.84
C ASN A 35 17.66 27.64 0.39
N TYR A 36 18.30 27.02 -0.59
CA TYR A 36 18.20 27.59 -1.93
C TYR A 36 16.90 27.17 -2.65
N ILE A 37 16.67 25.86 -2.82
CA ILE A 37 15.65 25.38 -3.74
C ILE A 37 14.27 25.42 -3.11
N ASP A 38 13.29 25.93 -3.87
CA ASP A 38 11.92 25.99 -3.41
C ASP A 38 11.40 24.61 -3.01
N PHE A 39 10.65 24.58 -1.90
CA PHE A 39 9.88 23.41 -1.47
C PHE A 39 10.73 22.32 -0.82
N ILE A 40 11.86 21.93 -1.41
CA ILE A 40 12.54 20.71 -0.95
C ILE A 40 13.76 20.98 -0.09
N SER A 41 14.23 22.23 -0.01
CA SER A 41 15.33 22.52 0.89
C SER A 41 14.79 22.54 2.32
N PRO A 42 15.59 22.13 3.29
CA PRO A 42 15.03 21.96 4.65
C PRO A 42 14.49 23.26 5.25
N PHE A 43 15.07 24.43 4.95
CA PHE A 43 14.63 25.66 5.60
C PHE A 43 13.84 26.58 4.67
N TYR A 44 13.07 25.98 3.77
CA TYR A 44 12.29 26.82 2.88
C TYR A 44 11.09 27.43 3.62
N SER A 45 10.44 26.65 4.47
CA SER A 45 9.15 27.05 4.99
C SER A 45 9.04 26.71 6.47
N ARG A 46 8.34 27.56 7.21
CA ARG A 46 8.01 27.26 8.59
C ARG A 46 6.87 26.26 8.73
N GLY A 47 6.23 25.88 7.62
CA GLY A 47 5.15 24.91 7.66
C GLY A 47 5.67 23.52 7.99
N CYS A 48 4.74 22.59 8.19
CA CYS A 48 5.07 21.20 8.56
C CYS A 48 5.31 20.34 7.33
N SER A 49 6.19 20.79 6.45
CA SER A 49 6.62 20.00 5.30
C SER A 49 8.01 19.44 5.59
N PHE A 50 8.24 18.18 5.24
CA PHE A 50 9.51 17.54 5.56
C PHE A 50 10.09 16.82 4.35
N GLU A 51 9.79 17.32 3.15
CA GLU A 51 10.35 16.75 1.94
C GLU A 51 11.86 16.58 2.02
N ALA A 52 12.56 17.58 2.59
CA ALA A 52 14.03 17.50 2.61
C ALA A 52 14.49 16.26 3.35
N TRP A 53 13.82 15.97 4.46
CA TRP A 53 14.16 14.82 5.28
C TRP A 53 13.66 13.53 4.66
N GLU A 54 12.55 13.59 3.95
CA GLU A 54 12.11 12.43 3.19
C GLU A 54 13.07 12.12 2.06
N LEU A 55 13.60 13.16 1.39
CA LEU A 55 14.59 12.94 0.33
C LEU A 55 15.85 12.26 0.87
N LYS A 56 16.28 12.61 2.08
CA LYS A 56 17.44 11.99 2.72
C LYS A 56 17.12 10.72 3.47
N HIS A 57 15.86 10.33 3.58
CA HIS A 57 15.49 9.11 4.28
C HIS A 57 15.81 9.20 5.78
N THR A 58 15.67 10.37 6.38
CA THR A 58 15.87 10.47 7.82
C THR A 58 14.79 9.66 8.53
N PRO A 59 15.14 8.69 9.34
CA PRO A 59 14.11 8.00 10.13
C PRO A 59 13.35 9.02 10.97
N GLN A 60 12.05 8.78 11.19
CA GLN A 60 11.25 9.80 11.83
C GLN A 60 11.83 10.20 13.18
N ARG A 61 12.30 9.24 13.98
CA ARG A 61 12.82 9.53 15.32
C ARG A 61 14.05 10.41 15.33
N VAL A 62 14.71 10.59 14.18
CA VAL A 62 15.96 11.34 14.09
C VAL A 62 15.79 12.77 13.62
N ILE A 63 14.62 13.11 13.06
CA ILE A 63 14.39 14.46 12.56
C ILE A 63 14.61 15.48 13.66
N LYS A 64 14.16 15.19 14.88
CA LYS A 64 14.32 16.19 15.93
C LYS A 64 15.81 16.50 16.16
N TYR A 65 16.68 15.49 16.06
CA TYR A 65 18.13 15.77 16.25
C TYR A 65 18.72 16.45 15.02
N SER A 66 18.26 16.06 13.83
CA SER A 66 18.64 16.76 12.61
C SER A 66 18.31 18.25 12.71
N ILE A 67 17.07 18.57 13.09
CA ILE A 67 16.69 19.97 13.20
C ILE A 67 17.55 20.66 14.23
N ALA A 68 17.73 20.04 15.39
CA ALA A 68 18.44 20.69 16.49
C ALA A 68 19.88 21.01 16.11
N PHE A 69 20.58 20.03 15.52
CA PHE A 69 22.00 20.22 15.19
C PHE A 69 22.17 21.27 14.10
N TYR A 70 21.24 21.31 13.14
CA TYR A 70 21.21 22.45 12.23
C TYR A 70 21.14 23.73 13.03
N ALA A 71 20.23 23.78 14.00
CA ALA A 71 20.04 24.99 14.80
C ALA A 71 21.33 25.38 15.50
N TYR A 72 22.01 24.41 16.16
CA TYR A 72 23.24 24.72 16.90
C TYR A 72 24.30 25.24 15.97
N GLY A 73 24.40 24.65 14.77
CA GLY A 73 25.33 25.18 13.79
C GLY A 73 24.97 26.58 13.34
N LEU A 74 23.66 26.85 13.14
CA LEU A 74 23.25 28.20 12.71
C LEU A 74 23.61 29.25 13.74
N ALA A 75 23.54 28.91 15.03
CA ALA A 75 23.93 29.85 16.07
C ALA A 75 25.38 30.28 15.89
N SER A 76 26.25 29.33 15.59
CA SER A 76 27.64 29.70 15.35
C SER A 76 27.83 30.48 14.06
N VAL A 77 27.04 30.20 13.03
CA VAL A 77 27.13 31.02 11.81
C VAL A 77 26.78 32.47 12.14
N ALA A 78 25.78 32.66 13.02
CA ALA A 78 25.41 34.00 13.45
C ALA A 78 26.58 34.69 14.14
N LEU A 79 27.32 33.96 14.97
CA LEU A 79 28.45 34.54 15.68
C LEU A 79 29.66 34.72 14.75
N ILE A 80 29.85 33.82 13.79
CA ILE A 80 31.01 33.92 12.88
C ILE A 80 30.90 35.11 11.96
N ASP A 81 29.77 35.22 11.26
CA ASP A 81 29.64 36.09 10.09
C ASP A 81 28.50 37.05 10.34
N PRO A 82 28.78 38.28 10.77
CA PRO A 82 27.69 39.24 10.96
C PRO A 82 26.80 39.38 9.74
N LYS A 83 27.37 39.34 8.52
CA LYS A 83 26.56 39.54 7.33
C LYS A 83 25.48 38.48 7.21
N LEU A 84 25.66 37.33 7.83
CA LEU A 84 24.71 36.24 7.74
C LEU A 84 23.81 36.13 8.97
N ARG A 85 23.91 37.05 9.92
CA ARG A 85 23.17 36.88 11.17
C ARG A 85 21.65 36.91 10.94
N ALA A 86 21.17 37.77 10.04
CA ALA A 86 19.74 37.81 9.76
C ALA A 86 19.27 36.50 9.13
N LEU A 87 20.01 36.00 8.14
CA LEU A 87 19.66 34.71 7.54
C LEU A 87 19.63 33.60 8.59
N ALA A 88 20.67 33.53 9.43
CA ALA A 88 20.68 32.52 10.49
C ALA A 88 19.51 32.72 11.44
N GLY A 89 19.16 33.97 11.73
CA GLY A 89 17.98 34.20 12.55
C GLY A 89 16.73 33.63 11.90
N HIS A 90 16.54 33.90 10.62
CA HIS A 90 15.39 33.37 9.87
C HIS A 90 15.37 31.85 9.91
N ASP A 91 16.51 31.21 9.68
CA ASP A 91 16.57 29.75 9.74
C ASP A 91 16.21 29.24 11.13
N LEU A 92 16.74 29.91 12.17
CA LEU A 92 16.43 29.50 13.55
C LEU A 92 14.93 29.60 13.81
N ASP A 93 14.29 30.66 13.32
CA ASP A 93 12.84 30.75 13.43
C ASP A 93 12.16 29.53 12.79
N ILE A 94 12.55 29.20 11.57
CA ILE A 94 11.93 28.06 10.91
C ILE A 94 12.25 26.76 11.63
N ALA A 95 13.47 26.61 12.13
CA ALA A 95 13.79 25.37 12.84
C ALA A 95 12.88 25.18 14.04
N VAL A 96 12.74 26.22 14.88
CA VAL A 96 11.87 26.13 16.05
C VAL A 96 10.46 25.76 15.63
N SER A 97 9.99 26.37 14.54
CA SER A 97 8.65 26.08 14.03
C SER A 97 8.53 24.60 13.62
N LYS A 98 9.49 24.09 12.87
CA LYS A 98 9.39 22.68 12.47
C LYS A 98 9.52 21.76 13.68
N MET A 99 10.33 22.13 14.66
CA MET A 99 10.52 21.30 15.85
C MET A 99 9.22 21.03 16.59
N LYS A 100 8.20 21.86 16.37
CA LYS A 100 6.93 21.73 17.06
C LYS A 100 5.89 20.95 16.27
N CYS A 101 6.21 20.56 15.04
CA CYS A 101 5.27 19.77 14.25
C CYS A 101 5.17 18.35 14.80
N LYS A 102 3.97 17.78 14.71
CA LYS A 102 3.74 16.44 15.27
C LYS A 102 4.63 15.41 14.61
N ARG A 103 4.94 15.59 13.33
CA ARG A 103 5.82 14.68 12.62
C ARG A 103 7.17 14.56 13.31
N VAL A 104 7.56 15.58 14.08
CA VAL A 104 8.85 15.60 14.77
C VAL A 104 8.79 14.93 16.15
N TRP A 105 7.80 15.26 16.96
CA TRP A 105 7.73 14.73 18.31
C TRP A 105 6.76 13.56 18.46
N GLY A 106 6.05 13.18 17.40
CA GLY A 106 4.94 12.24 17.51
C GLY A 106 5.30 10.87 18.03
N ASP A 107 6.55 10.44 17.90
CA ASP A 107 6.93 9.11 18.40
C ASP A 107 6.60 8.95 19.89
N TRP A 108 6.72 10.04 20.66
CA TRP A 108 6.36 10.02 22.09
C TRP A 108 4.93 9.51 22.31
N GLU A 109 4.01 9.88 21.42
CA GLU A 109 2.62 9.45 21.53
C GLU A 109 2.41 8.04 20.97
N GLU A 110 3.08 7.69 19.87
CA GLU A 110 2.97 6.35 19.29
C GLU A 110 3.40 5.27 20.27
N ASP A 111 4.44 5.55 21.07
CA ASP A 111 4.95 4.60 22.05
C ASP A 111 4.10 4.48 23.29
N GLY A 112 3.08 5.33 23.44
CA GLY A 112 2.13 5.24 24.54
C GLY A 112 2.44 6.11 25.74
N PHE A 113 3.35 7.07 25.62
CA PHE A 113 3.79 7.88 26.74
C PHE A 113 2.94 9.12 26.96
N GLY A 114 2.02 9.45 26.04
CA GLY A 114 1.15 10.59 26.26
C GLY A 114 0.92 11.49 25.07
N THR A 115 0.10 12.53 25.25
CA THR A 115 -0.24 13.48 24.20
C THR A 115 0.56 14.77 24.29
N ASP A 116 1.18 15.04 25.44
CA ASP A 116 1.98 16.25 25.62
C ASP A 116 3.45 15.87 25.64
N PRO A 117 4.23 16.29 24.63
CA PRO A 117 5.65 15.90 24.59
C PRO A 117 6.53 16.67 25.56
N ILE A 118 6.03 17.71 26.23
CA ILE A 118 6.86 18.51 27.12
C ILE A 118 6.44 18.41 28.58
N GLU A 119 5.26 17.86 28.87
CA GLU A 119 4.72 17.87 30.23
C GLU A 119 5.63 17.14 31.22
N LYS A 120 6.01 15.91 30.92
CA LYS A 120 6.81 15.10 31.84
C LYS A 120 7.86 14.35 31.06
N GLU A 121 9.07 14.27 31.62
CA GLU A 121 10.15 13.46 31.04
C GLU A 121 10.39 13.91 29.59
N ASN A 122 10.73 12.97 28.71
CA ASN A 122 10.99 13.25 27.30
C ASN A 122 12.01 14.38 27.12
N ILE A 123 13.01 14.41 27.99
CA ILE A 123 14.00 15.46 27.90
C ILE A 123 14.83 15.34 26.62
N MET A 124 14.91 14.15 26.03
CA MET A 124 15.60 14.00 24.75
C MET A 124 15.00 14.92 23.69
N TYR A 125 13.72 15.25 23.80
CA TYR A 125 13.08 16.16 22.87
C TYR A 125 13.01 17.58 23.42
N LYS A 126 12.34 17.77 24.54
CA LYS A 126 12.11 19.14 24.99
C LYS A 126 13.39 19.83 25.43
N GLY A 127 14.45 19.05 25.73
CA GLY A 127 15.74 19.66 26.02
C GLY A 127 16.29 20.41 24.83
N HIS A 128 16.34 19.76 23.68
CA HIS A 128 16.80 20.44 22.47
C HIS A 128 15.90 21.61 22.12
N LEU A 129 14.58 21.42 22.20
CA LEU A 129 13.65 22.50 21.90
C LEU A 129 13.91 23.69 22.81
N ASN A 130 14.13 23.43 24.10
CA ASN A 130 14.34 24.52 25.04
C ASN A 130 15.61 25.30 24.69
N LEU A 131 16.68 24.58 24.36
CA LEU A 131 17.91 25.24 23.94
C LEU A 131 17.70 26.05 22.66
N MET A 132 16.95 25.50 21.70
CA MET A 132 16.68 26.23 20.45
C MET A 132 15.88 27.51 20.72
N TYR A 133 14.88 27.44 21.60
CA TYR A 133 14.18 28.65 22.04
C TYR A 133 15.17 29.73 22.44
N GLY A 134 16.14 29.38 23.30
CA GLY A 134 17.04 30.38 23.83
C GLY A 134 18.04 30.87 22.79
N LEU A 135 18.63 29.94 22.03
CA LEU A 135 19.59 30.33 20.99
C LEU A 135 18.93 31.24 19.96
N TYR A 136 17.67 30.98 19.61
CA TYR A 136 16.98 31.85 18.68
C TYR A 136 16.91 33.28 19.21
N GLN A 137 16.61 33.45 20.50
CA GLN A 137 16.49 34.80 21.04
C GLN A 137 17.83 35.51 21.17
N LEU A 138 18.89 34.76 21.51
CA LEU A 138 20.22 35.38 21.54
C LEU A 138 20.61 35.90 20.16
N VAL A 139 20.30 35.15 19.11
CA VAL A 139 20.70 35.56 17.76
C VAL A 139 19.89 36.76 17.31
N THR A 140 18.56 36.70 17.47
CA THR A 140 17.69 37.70 16.88
C THR A 140 17.23 38.78 17.84
N GLY A 141 17.15 38.48 19.14
CA GLY A 141 16.48 39.35 20.07
C GLY A 141 14.97 39.27 20.00
N SER A 142 14.42 38.42 19.14
CA SER A 142 12.99 38.28 19.01
C SER A 142 12.43 37.52 20.20
N ARG A 143 11.27 37.97 20.67
CA ARG A 143 10.57 37.36 21.78
C ARG A 143 9.44 36.46 21.31
N ARG A 144 9.44 36.13 20.02
CA ARG A 144 8.40 35.30 19.43
C ARG A 144 8.11 34.07 20.29
N TYR A 145 9.14 33.40 20.78
CA TYR A 145 9.00 32.16 21.53
C TYR A 145 9.27 32.34 23.02
N GLU A 146 9.30 33.58 23.52
CA GLU A 146 9.75 33.83 24.89
C GLU A 146 8.83 33.19 25.91
N ALA A 147 7.52 33.31 25.72
CA ALA A 147 6.58 32.68 26.65
C ALA A 147 6.83 31.18 26.72
N GLU A 148 6.93 30.53 25.57
CA GLU A 148 7.12 29.09 25.55
C GLU A 148 8.45 28.71 26.19
N HIS A 149 9.49 29.54 25.98
CA HIS A 149 10.81 29.33 26.59
C HIS A 149 10.72 29.35 28.11
N ALA A 150 10.02 30.35 28.66
CA ALA A 150 9.84 30.43 30.11
C ALA A 150 9.00 29.27 30.65
N HIS A 151 8.01 28.81 29.88
CA HIS A 151 7.18 27.71 30.34
C HIS A 151 7.97 26.40 30.38
N LEU A 152 8.70 26.08 29.31
CA LEU A 152 9.44 24.83 29.27
C LEU A 152 10.64 24.86 30.21
N THR A 153 11.29 26.02 30.33
CA THR A 153 12.38 26.11 31.30
C THR A 153 11.86 25.92 32.72
N ARG A 154 10.68 26.47 33.03
CA ARG A 154 10.08 26.22 34.33
C ARG A 154 9.78 24.75 34.54
N ILE A 155 9.25 24.07 33.52
CA ILE A 155 9.02 22.63 33.63
C ILE A 155 10.33 21.91 33.91
N ILE A 156 11.36 22.24 33.13
CA ILE A 156 12.66 21.58 33.31
C ILE A 156 13.17 21.81 34.72
N HIS A 157 13.15 23.07 35.17
CA HIS A 157 13.64 23.40 36.51
C HIS A 157 12.89 22.62 37.59
N ASP A 158 11.54 22.59 37.49
CA ASP A 158 10.74 21.89 38.50
C ASP A 158 11.01 20.39 38.49
N GLU A 159 11.20 19.81 37.31
CA GLU A 159 11.46 18.38 37.22
C GLU A 159 12.80 18.02 37.85
N ILE A 160 13.84 18.84 37.60
CA ILE A 160 15.12 18.59 38.26
C ILE A 160 14.95 18.62 39.76
N ALA A 161 14.28 19.66 40.26
CA ALA A 161 14.16 19.87 41.70
C ALA A 161 13.41 18.71 42.38
N ALA A 162 12.52 18.03 41.65
CA ALA A 162 11.71 16.97 42.23
C ALA A 162 12.39 15.61 42.21
N ASN A 163 13.45 15.46 41.42
CA ASN A 163 14.07 14.13 41.31
C ASN A 163 15.12 13.93 42.39
N PRO A 164 15.17 12.74 43.00
CA PRO A 164 16.24 12.47 43.97
C PRO A 164 17.61 12.42 43.31
N PHE A 165 17.71 11.94 42.08
CA PHE A 165 18.92 12.12 41.32
C PHE A 165 18.91 13.49 40.64
N ALA A 166 20.07 13.90 40.13
CA ALA A 166 20.21 15.18 39.48
C ALA A 166 19.93 14.99 38.00
N GLY A 167 18.86 15.62 37.52
CA GLY A 167 18.51 15.56 36.11
C GLY A 167 17.12 15.01 35.91
N ILE A 168 16.84 14.65 34.66
CA ILE A 168 15.52 14.21 34.23
C ILE A 168 15.66 13.00 33.31
N VAL A 169 14.67 12.13 33.34
CA VAL A 169 14.74 10.93 32.53
C VAL A 169 14.12 11.21 31.17
N CYS A 170 14.45 10.36 30.18
CA CYS A 170 13.79 10.43 28.87
C CYS A 170 12.47 9.67 28.88
N GLU A 171 12.51 8.41 29.28
CA GLU A 171 11.36 7.57 29.47
C GLU A 171 11.40 7.13 30.93
N PRO A 172 10.32 6.60 31.48
CA PRO A 172 10.35 6.18 32.89
C PRO A 172 11.50 5.21 33.13
N ASP A 173 12.43 5.61 33.99
CA ASP A 173 13.59 4.80 34.37
C ASP A 173 14.66 4.73 33.29
N ASN A 174 14.74 5.70 32.37
CA ASN A 174 15.79 5.77 31.37
C ASN A 174 16.45 7.13 31.46
N TYR A 175 17.68 7.16 31.99
CA TYR A 175 18.41 8.41 32.17
C TYR A 175 19.56 8.45 31.19
N PHE A 176 19.64 9.52 30.39
CA PHE A 176 20.73 9.68 29.44
C PHE A 176 21.46 10.98 29.76
N VAL A 177 22.77 10.85 30.01
CA VAL A 177 23.55 12.00 30.42
C VAL A 177 23.67 13.00 29.29
N GLN A 178 23.81 12.53 28.04
CA GLN A 178 23.95 13.48 26.93
C GLN A 178 22.69 14.31 26.74
N CYS A 179 21.51 13.73 26.98
CA CYS A 179 20.27 14.49 26.89
C CYS A 179 20.14 15.48 28.04
N ASN A 180 20.62 15.13 29.22
CA ASN A 180 20.59 16.08 30.33
C ASN A 180 21.51 17.26 30.08
N SER A 181 22.67 17.02 29.49
CA SER A 181 23.58 18.13 29.25
C SER A 181 22.94 19.18 28.36
N VAL A 182 22.12 18.78 27.39
CA VAL A 182 21.42 19.78 26.60
C VAL A 182 20.49 20.59 27.47
N ALA A 183 19.73 19.90 28.34
CA ALA A 183 18.77 20.59 29.19
C ALA A 183 19.47 21.54 30.16
N TYR A 184 20.58 21.08 30.77
CA TYR A 184 21.34 21.98 31.65
C TYR A 184 21.92 23.16 30.87
N LEU A 185 22.46 22.90 29.67
CA LEU A 185 22.99 23.99 28.85
C LEU A 185 21.93 25.04 28.56
N SER A 186 20.68 24.61 28.37
CA SER A 186 19.60 25.56 28.10
C SER A 186 19.29 26.44 29.31
N LEU A 187 19.55 25.95 30.51
CA LEU A 187 19.33 26.79 31.69
C LEU A 187 20.30 27.96 31.71
N TRP A 188 21.53 27.74 31.29
CA TRP A 188 22.48 28.86 31.22
C TRP A 188 22.03 29.89 30.20
N VAL A 189 21.51 29.44 29.07
CA VAL A 189 21.01 30.37 28.06
C VAL A 189 19.88 31.23 28.63
N TYR A 190 18.94 30.60 29.35
CA TYR A 190 17.88 31.39 29.97
C TYR A 190 18.46 32.40 30.95
N ASP A 191 19.43 31.98 31.77
CA ASP A 191 20.08 32.90 32.70
C ASP A 191 20.72 34.07 31.96
N ARG A 192 21.35 33.80 30.80
CA ARG A 192 21.97 34.91 30.07
C ARG A 192 20.91 35.84 29.53
N LEU A 193 19.79 35.31 29.03
CA LEU A 193 18.75 36.17 28.48
C LEU A 193 18.01 36.95 29.55
N HIS A 194 17.85 36.36 30.73
CA HIS A 194 17.12 37.03 31.80
C HIS A 194 18.05 37.19 33.00
N GLY A 195 17.53 37.45 34.18
CA GLY A 195 18.47 37.55 35.27
C GLY A 195 18.60 36.28 36.05
N THR A 196 17.93 35.22 35.63
CA THR A 196 17.69 34.08 36.50
C THR A 196 18.98 33.38 36.90
N ASP A 197 18.84 32.48 37.87
CA ASP A 197 19.92 31.62 38.34
C ASP A 197 19.46 30.16 38.31
N TYR A 198 18.73 29.80 37.26
CA TYR A 198 18.35 28.40 37.06
C TYR A 198 19.58 27.52 36.97
N ARG A 199 20.70 28.07 36.51
CA ARG A 199 21.92 27.29 36.38
C ARG A 199 22.45 26.78 37.72
N ALA A 200 21.89 27.23 38.85
CA ALA A 200 22.41 26.78 40.13
C ALA A 200 22.40 25.27 40.26
N ALA A 201 21.55 24.59 39.49
CA ALA A 201 21.46 23.14 39.56
C ALA A 201 22.64 22.43 38.91
N THR A 202 23.51 23.15 38.22
CA THR A 202 24.56 22.49 37.46
C THR A 202 25.60 21.85 38.36
N ARG A 203 25.87 22.44 39.52
CA ARG A 203 26.85 21.88 40.43
C ARG A 203 26.46 20.47 40.86
N ALA A 204 25.23 20.30 41.34
CA ALA A 204 24.80 18.98 41.80
C ALA A 204 24.87 17.95 40.68
N TRP A 205 24.56 18.37 39.45
CA TRP A 205 24.56 17.42 38.34
C TRP A 205 25.98 16.98 37.97
N LEU A 206 26.92 17.92 37.93
CA LEU A 206 28.31 17.55 37.65
C LEU A 206 28.91 16.67 38.74
N ASP A 207 28.55 16.92 39.99
CA ASP A 207 28.98 16.00 41.05
C ASP A 207 28.33 14.63 40.87
N PHE A 208 27.05 14.61 40.50
CA PHE A 208 26.33 13.34 40.39
C PHE A 208 26.89 12.46 39.27
N ILE A 209 27.07 13.04 38.08
CA ILE A 209 27.51 12.23 36.94
C ILE A 209 28.96 11.80 37.13
N GLN A 210 29.74 12.59 37.87
CA GLN A 210 31.14 12.28 38.11
C GLN A 210 31.28 11.12 39.10
N LYS A 211 30.35 10.98 40.03
CA LYS A 211 30.42 9.93 41.04
C LYS A 211 29.75 8.63 40.61
N ASP A 212 28.77 8.68 39.71
CA ASP A 212 27.98 7.49 39.40
C ASP A 212 28.05 7.06 37.96
N LEU A 213 28.14 8.00 37.01
CA LEU A 213 27.92 7.70 35.61
C LEU A 213 29.19 7.68 34.77
N ILE A 214 30.33 8.07 35.33
CA ILE A 214 31.57 8.18 34.58
C ILE A 214 32.60 7.21 35.13
N ASP A 215 33.36 6.60 34.22
CA ASP A 215 34.56 5.85 34.55
C ASP A 215 35.72 6.82 34.64
N PRO A 216 36.14 7.22 35.84
CA PRO A 216 37.17 8.27 35.92
C PRO A 216 38.47 7.88 35.25
N GLU A 217 38.85 6.60 35.29
CA GLU A 217 40.13 6.19 34.73
C GLU A 217 40.17 6.27 33.22
N ARG A 218 39.09 5.85 32.55
CA ARG A 218 39.02 5.87 31.09
C ARG A 218 38.36 7.13 30.53
N GLY A 219 37.87 8.02 31.37
CA GLY A 219 37.24 9.26 30.92
C GLY A 219 36.05 9.04 30.00
N ALA A 220 35.19 8.08 30.32
CA ALA A 220 34.10 7.70 29.43
C ALA A 220 32.82 7.47 30.20
N PHE A 221 31.71 7.95 29.66
CA PHE A 221 30.43 7.71 30.31
C PHE A 221 29.85 6.36 29.90
N TYR A 222 29.08 5.78 30.81
CA TYR A 222 28.32 4.58 30.48
C TYR A 222 27.11 4.94 29.62
N LEU A 223 26.57 3.92 28.94
CA LEU A 223 25.53 4.11 27.93
C LEU A 223 24.32 4.83 28.51
N SER A 224 23.86 4.39 29.66
CA SER A 224 22.65 4.96 30.24
C SER A 224 22.55 4.55 31.69
N TYR A 225 21.69 5.25 32.41
CA TYR A 225 21.45 5.01 33.83
C TYR A 225 19.96 4.86 34.03
N HIS A 226 19.57 4.08 35.04
CA HIS A 226 18.17 3.73 35.28
C HIS A 226 17.86 3.86 36.77
N PRO A 227 17.32 5.00 37.21
CA PRO A 227 17.20 5.22 38.66
C PRO A 227 16.37 4.16 39.38
N GLU A 228 15.20 3.77 38.86
CA GLU A 228 14.33 2.85 39.58
C GLU A 228 15.08 1.60 40.03
N SER A 229 15.82 0.99 39.12
CA SER A 229 16.62 -0.18 39.44
C SER A 229 18.04 0.17 39.85
N GLY A 230 18.39 1.45 39.90
CA GLY A 230 19.75 1.82 40.24
C GLY A 230 20.78 1.27 39.29
N ALA A 231 20.36 0.78 38.13
CA ALA A 231 21.25 0.12 37.19
C ALA A 231 21.93 1.13 36.29
N VAL A 232 23.15 0.78 35.87
CA VAL A 232 23.92 1.54 34.88
C VAL A 232 24.37 0.51 33.85
N LYS A 233 24.05 0.75 32.58
CA LYS A 233 24.42 -0.21 31.53
C LYS A 233 25.94 -0.34 31.43
N PRO A 234 26.46 -1.55 31.41
CA PRO A 234 27.90 -1.76 31.63
C PRO A 234 28.78 -1.51 30.43
N TRP A 235 28.31 -0.77 29.43
CA TRP A 235 29.12 -0.40 28.28
C TRP A 235 29.42 1.09 28.35
N ILE A 236 30.66 1.46 28.07
CA ILE A 236 31.00 2.87 27.86
C ILE A 236 30.80 3.20 26.40
N SER A 237 30.32 4.42 26.13
CA SER A 237 29.89 4.88 24.81
C SER A 237 30.69 6.10 24.38
N ALA A 238 31.30 6.01 23.19
CA ALA A 238 32.07 7.15 22.67
C ALA A 238 31.16 8.32 22.28
N TYR A 239 30.08 8.04 21.53
CA TYR A 239 29.22 9.14 21.11
C TYR A 239 28.52 9.76 22.31
N THR A 240 28.14 8.95 23.29
CA THR A 240 27.61 9.53 24.52
C THR A 240 28.65 10.47 25.14
N THR A 241 29.89 9.99 25.27
CA THR A 241 30.94 10.76 25.93
C THR A 241 31.36 11.99 25.13
N ALA A 242 31.52 11.86 23.81
CA ALA A 242 31.95 13.03 23.04
C ALA A 242 30.93 14.15 23.16
N TRP A 243 29.65 13.80 22.96
CA TRP A 243 28.58 14.77 23.08
C TRP A 243 28.57 15.41 24.46
N THR A 244 28.57 14.59 25.52
CA THR A 244 28.45 15.14 26.87
C THR A 244 29.62 16.06 27.19
N LEU A 245 30.86 15.61 26.93
CA LEU A 245 32.02 16.43 27.25
C LEU A 245 32.00 17.73 26.46
N ALA A 246 31.52 17.70 25.22
CA ALA A 246 31.45 18.91 24.43
C ALA A 246 30.52 19.93 25.09
N MET A 247 29.35 19.48 25.51
CA MET A 247 28.36 20.38 26.09
C MET A 247 28.76 20.80 27.51
N VAL A 248 29.37 19.90 28.27
CA VAL A 248 29.83 20.27 29.60
C VAL A 248 30.93 21.33 29.50
N HIS A 249 31.73 21.29 28.44
CA HIS A 249 32.85 22.22 28.29
C HIS A 249 32.40 23.68 28.21
N GLY A 250 31.16 23.93 27.79
CA GLY A 250 30.66 25.29 27.80
C GLY A 250 30.16 25.74 29.15
N MET A 251 29.86 24.80 30.04
CA MET A 251 29.41 25.10 31.40
C MET A 251 30.52 25.01 32.43
N ASP A 252 31.38 24.00 32.33
CA ASP A 252 32.52 23.82 33.23
C ASP A 252 33.68 23.33 32.39
N PRO A 253 34.48 24.23 31.85
CA PRO A 253 35.59 23.81 30.99
C PRO A 253 36.53 22.84 31.69
N ALA A 254 36.83 23.08 32.97
CA ALA A 254 37.77 22.22 33.68
C ALA A 254 37.30 20.78 33.68
N PHE A 255 35.99 20.55 33.82
CA PHE A 255 35.46 19.19 33.86
C PHE A 255 35.86 18.42 32.61
N SER A 256 35.58 18.98 31.43
CA SER A 256 35.87 18.29 30.19
C SER A 256 37.36 18.19 29.93
N GLU A 257 38.14 19.21 30.33
CA GLU A 257 39.58 19.12 30.14
C GLU A 257 40.19 18.02 30.98
N ARG A 258 39.52 17.62 32.07
CA ARG A 258 40.05 16.58 32.94
C ARG A 258 40.02 15.20 32.26
N TYR A 259 38.94 14.90 31.53
CA TYR A 259 38.74 13.56 30.98
C TYR A 259 39.08 13.46 29.50
N TYR A 260 39.22 14.58 28.79
CA TYR A 260 39.48 14.53 27.35
C TYR A 260 40.69 13.69 26.99
N PRO A 261 41.85 13.87 27.60
CA PRO A 261 43.01 13.06 27.20
C PRO A 261 42.76 11.58 27.39
N ARG A 262 42.04 11.21 28.45
CA ARG A 262 41.73 9.80 28.66
C ARG A 262 40.65 9.32 27.70
N PHE A 263 39.66 10.16 27.41
CA PHE A 263 38.68 9.79 26.39
C PHE A 263 39.37 9.40 25.09
N LYS A 264 40.34 10.19 24.63
CA LYS A 264 40.96 9.90 23.34
C LYS A 264 41.67 8.57 23.37
N GLN A 265 42.41 8.29 24.46
CA GLN A 265 43.10 7.02 24.60
C GLN A 265 42.11 5.86 24.56
N THR A 266 40.93 6.04 25.15
CA THR A 266 39.97 4.94 25.21
C THR A 266 39.36 4.65 23.83
N PHE A 267 38.97 5.69 23.09
CA PHE A 267 38.10 5.52 21.93
C PHE A 267 38.74 5.82 20.58
N VAL A 268 39.72 6.72 20.50
CA VAL A 268 40.18 7.24 19.22
C VAL A 268 41.30 6.38 18.63
N GLU A 269 41.18 6.03 17.35
CA GLU A 269 42.16 5.21 16.64
C GLU A 269 42.79 6.06 15.54
N VAL A 270 44.07 6.40 15.68
CA VAL A 270 44.77 7.14 14.65
C VAL A 270 45.39 6.15 13.68
N TYR A 271 45.31 6.44 12.38
CA TYR A 271 45.86 5.53 11.38
C TYR A 271 46.27 6.32 10.16
N ASP A 272 46.76 5.61 9.15
CA ASP A 272 47.25 6.24 7.93
C ASP A 272 48.31 7.29 8.26
N GLU A 273 49.35 6.80 8.95
CA GLU A 273 50.53 7.60 9.28
C GLU A 273 50.18 8.95 9.92
N GLY A 274 49.19 8.92 10.82
CA GLY A 274 48.77 10.11 11.51
C GLY A 274 47.88 11.04 10.73
N ARG A 275 47.48 10.68 9.51
CA ARG A 275 46.61 11.58 8.75
C ARG A 275 45.12 11.34 8.96
N LYS A 276 44.71 10.17 9.45
CA LYS A 276 43.29 9.88 9.64
C LYS A 276 43.04 9.37 11.05
N ALA A 277 41.77 9.41 11.45
CA ALA A 277 41.34 8.82 12.69
C ALA A 277 39.89 8.35 12.59
N ARG A 278 39.59 7.26 13.30
CA ARG A 278 38.24 6.74 13.47
C ARG A 278 38.05 6.39 14.94
N VAL A 279 36.81 6.19 15.38
CA VAL A 279 36.51 6.09 16.81
C VAL A 279 35.73 4.80 17.12
N ARG A 280 36.17 4.08 18.14
CA ARG A 280 35.38 2.99 18.69
C ARG A 280 34.12 3.51 19.37
N GLU A 281 33.00 2.80 19.19
CA GLU A 281 31.80 3.21 19.92
C GLU A 281 31.86 2.79 21.39
N THR A 282 32.50 1.66 21.69
CA THR A 282 32.56 1.12 23.04
C THR A 282 33.89 0.38 23.20
N ALA A 283 34.20 0.04 24.45
CA ALA A 283 35.44 -0.66 24.75
C ALA A 283 35.30 -2.15 24.42
N GLY A 284 36.43 -2.79 24.16
CA GLY A 284 36.45 -4.20 23.83
C GLY A 284 36.26 -4.52 22.36
N THR A 285 36.43 -3.55 21.48
CA THR A 285 36.28 -3.77 20.06
C THR A 285 37.29 -2.89 19.35
N ASP A 286 37.70 -3.28 18.15
CA ASP A 286 38.46 -2.37 17.32
C ASP A 286 37.63 -1.80 16.18
N ASP A 287 36.40 -2.29 15.99
CA ASP A 287 35.51 -1.73 14.99
C ASP A 287 35.23 -0.27 15.33
N ALA A 288 35.20 0.56 14.32
CA ALA A 288 34.89 1.98 14.49
C ALA A 288 33.41 2.22 14.21
N ASP A 289 32.85 3.20 14.91
CA ASP A 289 31.51 3.71 14.59
C ASP A 289 30.43 2.62 14.62
N GLY A 290 30.47 1.79 15.66
CA GLY A 290 29.38 0.89 15.97
C GLY A 290 28.22 1.60 16.64
N GLY A 291 27.28 0.80 17.15
CA GLY A 291 26.10 1.36 17.79
C GLY A 291 25.29 2.15 16.78
N VAL A 292 24.94 3.38 17.16
CA VAL A 292 24.20 4.26 16.27
C VAL A 292 25.05 4.81 15.14
N GLY A 293 26.37 4.57 15.17
CA GLY A 293 27.28 4.94 14.10
C GLY A 293 27.76 6.38 14.10
N LEU A 294 27.72 7.09 15.23
CA LEU A 294 28.03 8.51 15.25
C LEU A 294 29.24 8.85 16.09
N ALA A 295 30.01 7.85 16.54
CA ALA A 295 31.16 8.13 17.39
C ALA A 295 32.14 9.09 16.73
N SER A 296 32.56 8.82 15.50
CA SER A 296 33.52 9.70 14.82
C SER A 296 32.93 11.10 14.63
N ALA A 297 31.66 11.18 14.23
CA ALA A 297 31.03 12.48 13.99
C ALA A 297 31.01 13.32 15.27
N PHE A 298 30.53 12.74 16.37
CA PHE A 298 30.47 13.47 17.63
C PHE A 298 31.87 13.76 18.19
N THR A 299 32.84 12.90 17.93
CA THR A 299 34.21 13.21 18.33
C THR A 299 34.77 14.37 17.51
N LEU A 300 34.32 14.51 16.24
CA LEU A 300 34.70 15.69 15.46
C LEU A 300 34.22 16.97 16.15
N LEU A 301 32.97 16.98 16.59
CA LEU A 301 32.47 18.15 17.31
C LEU A 301 33.28 18.39 18.58
N LEU A 302 33.57 17.33 19.34
CA LEU A 302 34.31 17.52 20.60
C LEU A 302 35.68 18.10 20.31
N ALA A 303 36.36 17.58 19.29
CA ALA A 303 37.65 18.12 18.92
C ALA A 303 37.55 19.61 18.59
N ARG A 304 36.49 20.00 17.90
CA ARG A 304 36.24 21.41 17.64
C ARG A 304 36.04 22.20 18.93
N GLU A 305 35.17 21.73 19.82
CA GLU A 305 34.91 22.38 21.09
C GLU A 305 36.18 22.49 21.93
N MET A 306 37.02 21.48 21.89
CA MET A 306 38.24 21.45 22.70
C MET A 306 39.42 22.15 22.04
N GLY A 307 39.31 22.59 20.79
CA GLY A 307 40.45 23.21 20.16
C GLY A 307 41.54 22.25 19.70
N ASP A 308 41.24 20.96 19.53
CA ASP A 308 42.19 19.94 19.10
C ASP A 308 42.21 19.90 17.57
N GLN A 309 42.98 20.81 16.97
CA GLN A 309 42.98 20.88 15.51
C GLN A 309 43.56 19.62 14.87
N GLN A 310 44.56 18.99 15.49
CA GLN A 310 45.14 17.79 14.88
C GLN A 310 44.11 16.68 14.78
N LEU A 311 43.40 16.37 15.88
CA LEU A 311 42.38 15.32 15.84
C LEU A 311 41.25 15.68 14.88
N PHE A 312 40.88 16.96 14.83
CA PHE A 312 39.82 17.39 13.93
C PHE A 312 40.19 17.09 12.48
N ASP A 313 41.42 17.44 12.10
CA ASP A 313 41.88 17.16 10.75
C ASP A 313 41.87 15.66 10.46
N GLN A 314 42.27 14.85 11.45
CA GLN A 314 42.33 13.40 11.26
C GLN A 314 40.94 12.80 11.07
N LEU A 315 39.97 13.22 11.90
CA LEU A 315 38.61 12.70 11.79
C LEU A 315 37.95 13.15 10.49
N LEU A 316 38.12 14.41 10.10
CA LEU A 316 37.50 14.91 8.88
C LEU A 316 38.11 14.26 7.66
N ASN A 317 39.42 13.95 7.69
CA ASN A 317 40.02 13.19 6.61
C ASN A 317 39.47 11.79 6.48
N HIS A 318 38.88 11.26 7.54
CA HIS A 318 38.26 9.95 7.48
C HIS A 318 36.80 10.02 7.07
N LEU A 319 36.12 11.08 7.51
CA LEU A 319 34.69 11.17 7.36
C LEU A 319 34.29 11.71 6.01
N GLU A 320 34.95 12.78 5.53
CA GLU A 320 34.46 13.56 4.39
C GLU A 320 34.81 12.95 3.04
N PRO A 321 36.07 12.60 2.76
CA PRO A 321 36.44 12.14 1.39
C PRO A 321 35.61 10.95 0.91
N PRO A 322 35.43 9.92 1.75
CA PRO A 322 34.62 8.77 1.30
C PRO A 322 33.17 9.14 1.04
N ALA A 323 32.69 10.24 1.62
CA ALA A 323 31.30 10.63 1.39
C ALA A 323 31.09 11.31 0.03
N LYS A 324 32.18 11.63 -0.69
CA LYS A 324 32.14 12.18 -2.05
C LYS A 324 31.38 13.51 -2.09
N PRO A 325 31.94 14.56 -1.53
CA PRO A 325 31.28 15.86 -1.63
C PRO A 325 31.37 16.41 -3.04
N SER A 326 30.32 17.10 -3.45
CA SER A 326 30.41 17.88 -4.66
C SER A 326 29.60 19.15 -4.47
N ILE A 327 30.03 20.18 -5.16
CA ILE A 327 29.35 21.45 -5.13
C ILE A 327 28.82 21.67 -6.54
N VAL A 328 27.51 21.54 -6.69
CA VAL A 328 26.83 21.75 -7.95
C VAL A 328 25.93 22.97 -7.81
N SER A 329 26.11 23.92 -8.72
CA SER A 329 25.32 25.15 -8.71
C SER A 329 25.43 25.85 -7.36
N ALA A 330 26.66 25.87 -6.82
CA ALA A 330 27.03 26.55 -5.58
C ALA A 330 26.35 25.96 -4.36
N SER A 331 25.91 24.70 -4.45
CA SER A 331 25.22 24.01 -3.37
C SER A 331 25.92 22.68 -3.03
N LEU A 332 26.09 22.41 -1.73
CA LEU A 332 26.83 21.23 -1.30
C LEU A 332 25.94 20.00 -1.18
N ARG A 333 26.43 18.87 -1.70
CA ARG A 333 25.76 17.59 -1.64
C ARG A 333 26.83 16.51 -1.39
N TYR A 334 26.44 15.48 -0.65
CA TYR A 334 27.31 14.32 -0.45
C TYR A 334 26.67 13.11 -1.11
N GLU A 335 27.43 12.42 -1.96
CA GLU A 335 26.90 11.27 -2.68
C GLU A 335 26.75 10.01 -1.82
N HIS A 336 27.64 9.80 -0.83
CA HIS A 336 27.64 8.61 0.02
C HIS A 336 27.81 9.01 1.48
N PRO A 337 26.78 9.61 2.10
CA PRO A 337 26.88 9.93 3.53
C PRO A 337 27.20 8.69 4.35
N GLY A 338 28.15 8.83 5.28
CA GLY A 338 28.60 7.65 5.99
C GLY A 338 27.76 7.25 7.19
N SER A 339 26.80 8.08 7.61
CA SER A 339 26.01 7.82 8.81
C SER A 339 24.72 8.61 8.74
N LEU A 340 23.87 8.39 9.73
CA LEU A 340 22.76 9.29 9.97
C LEU A 340 23.31 10.67 10.31
N LEU A 341 22.50 11.69 10.07
CA LEU A 341 22.81 13.04 10.52
C LEU A 341 24.14 13.55 9.98
N PHE A 342 24.52 13.08 8.78
CA PHE A 342 25.87 13.32 8.30
C PHE A 342 26.11 14.79 7.97
N ASP A 343 25.34 15.36 7.03
CA ASP A 343 25.63 16.75 6.66
C ASP A 343 25.34 17.70 7.80
N GLU A 344 24.41 17.35 8.69
CA GLU A 344 24.14 18.18 9.87
C GLU A 344 25.36 18.24 10.78
N LEU A 345 26.00 17.09 11.07
CA LEU A 345 27.10 17.08 12.04
C LEU A 345 28.38 17.66 11.45
N LEU A 346 28.68 17.33 10.19
CA LEU A 346 29.82 17.95 9.55
C LEU A 346 29.63 19.46 9.44
N PHE A 347 28.41 19.90 9.14
CA PHE A 347 28.13 21.34 9.15
C PHE A 347 28.43 21.95 10.51
N LEU A 348 27.85 21.34 11.55
CA LEU A 348 28.03 21.85 12.90
C LEU A 348 29.50 21.87 13.31
N ALA A 349 30.22 20.77 13.06
CA ALA A 349 31.62 20.73 13.45
C ALA A 349 32.44 21.78 12.71
N LYS A 350 32.10 22.03 11.43
CA LYS A 350 32.87 23.00 10.65
C LYS A 350 32.69 24.43 11.12
N VAL A 351 31.52 24.79 11.67
CA VAL A 351 31.30 26.18 12.08
C VAL A 351 31.35 26.37 13.59
N HIS A 352 31.33 25.28 14.37
CA HIS A 352 31.09 25.38 15.81
C HIS A 352 32.08 26.30 16.49
N ALA A 353 31.59 27.38 17.11
CA ALA A 353 32.44 28.33 17.81
C ALA A 353 32.64 28.02 19.29
N GLY A 354 32.06 26.94 19.79
CA GLY A 354 32.18 26.62 21.20
C GLY A 354 30.94 26.98 21.98
N PHE A 355 30.42 26.02 22.76
CA PHE A 355 29.19 26.26 23.51
C PHE A 355 29.37 27.42 24.50
N GLY A 356 30.57 27.59 25.04
CA GLY A 356 30.80 28.75 25.88
C GLY A 356 30.62 30.06 25.12
N ALA A 357 31.09 30.09 23.86
CA ALA A 357 30.97 31.31 23.08
C ALA A 357 29.51 31.61 22.72
N LEU A 358 28.71 30.56 22.47
CA LEU A 358 27.28 30.80 22.21
C LEU A 358 26.62 31.41 23.43
N LEU A 359 26.96 30.92 24.62
CA LEU A 359 26.45 31.51 25.87
C LEU A 359 26.85 32.98 25.99
N ARG A 360 28.10 33.30 25.65
CA ARG A 360 28.58 34.67 25.75
C ARG A 360 28.42 35.43 24.45
N MET A 361 27.47 35.04 23.60
CA MET A 361 27.22 35.70 22.34
C MET A 361 26.75 37.14 22.59
N PRO A 362 27.22 38.12 21.81
CA PRO A 362 26.81 39.50 22.07
C PRO A 362 25.39 39.73 21.63
N PRO A 363 24.69 40.72 22.20
CA PRO A 363 23.28 40.92 21.86
C PRO A 363 23.15 41.41 20.42
N PRO A 364 21.96 41.29 19.85
CA PRO A 364 21.71 41.80 18.49
C PRO A 364 21.36 43.29 18.53
N ALA A 365 21.06 43.83 17.34
CA ALA A 365 20.78 45.26 17.19
C ALA A 365 19.42 45.67 17.76
N ALA A 366 18.78 46.68 17.18
CA ALA A 366 17.46 47.11 17.64
C ALA A 366 16.80 48.04 16.64
N ALA B 1 37.69 -28.29 26.47
CA ALA B 1 39.05 -27.86 26.18
C ALA B 1 39.19 -27.46 24.72
N GLU B 2 38.32 -28.00 23.87
CA GLU B 2 38.40 -27.76 22.43
C GLU B 2 37.25 -26.89 21.96
N LEU B 3 37.42 -26.33 20.77
CA LEU B 3 36.45 -25.42 20.15
C LEU B 3 36.06 -25.91 18.77
N PRO B 4 34.85 -26.39 18.55
CA PRO B 4 34.49 -26.86 17.21
C PRO B 4 34.51 -25.72 16.21
N PRO B 5 34.68 -26.02 14.91
CA PRO B 5 34.96 -24.98 13.91
C PRO B 5 33.91 -23.90 13.64
N GLY B 6 32.83 -23.86 14.39
CA GLY B 6 31.82 -22.84 14.12
C GLY B 6 31.29 -22.24 15.40
N ARG B 7 31.83 -22.70 16.51
CA ARG B 7 31.38 -22.34 17.85
C ARG B 7 32.05 -21.09 18.38
N LEU B 8 31.32 -20.34 19.19
CA LEU B 8 31.87 -19.13 19.80
C LEU B 8 32.55 -19.40 21.14
N ALA B 9 32.07 -20.38 21.90
CA ALA B 9 32.68 -20.73 23.18
C ALA B 9 32.42 -22.21 23.44
N THR B 10 33.25 -22.80 24.32
CA THR B 10 33.10 -24.20 24.64
C THR B 10 31.89 -24.45 25.55
N THR B 11 31.37 -25.68 25.48
CA THR B 11 30.31 -26.11 26.40
C THR B 11 30.79 -26.00 27.84
N GLU B 12 32.07 -26.31 28.08
CA GLU B 12 32.66 -26.17 29.41
C GLU B 12 32.56 -24.74 29.94
N ASP B 13 32.84 -23.75 29.09
CA ASP B 13 32.76 -22.35 29.53
C ASP B 13 31.32 -21.97 29.88
N TYR B 14 30.34 -22.31 29.03
CA TYR B 14 28.96 -21.95 29.34
C TYR B 14 28.54 -22.57 30.67
N PHE B 15 28.88 -23.84 30.89
CA PHE B 15 28.55 -24.48 32.15
C PHE B 15 29.33 -23.91 33.32
N ALA B 16 30.45 -23.26 33.06
CA ALA B 16 31.27 -22.71 34.14
C ALA B 16 30.93 -21.25 34.46
N GLN B 17 29.99 -20.62 33.75
CA GLN B 17 29.71 -19.20 33.97
C GLN B 17 29.32 -18.91 35.41
N GLN B 18 28.41 -19.70 35.97
CA GLN B 18 27.95 -19.42 37.32
C GLN B 18 29.09 -19.57 38.32
N ALA B 19 29.97 -20.55 38.11
CA ALA B 19 31.11 -20.73 39.03
C ALA B 19 32.05 -19.53 38.98
N LYS B 20 32.32 -19.00 37.78
CA LYS B 20 33.20 -17.83 37.67
C LYS B 20 32.51 -16.52 37.98
N GLN B 21 31.18 -16.51 38.18
CA GLN B 21 30.44 -15.29 38.45
C GLN B 21 30.52 -14.30 37.28
N ALA B 22 30.55 -14.83 36.06
CA ALA B 22 30.65 -13.99 34.88
C ALA B 22 30.18 -14.75 33.65
N VAL B 23 29.48 -14.04 32.77
CA VAL B 23 29.01 -14.61 31.52
C VAL B 23 30.16 -14.64 30.52
N THR B 24 30.03 -15.50 29.51
CA THR B 24 31.07 -15.57 28.48
C THR B 24 31.01 -14.35 27.58
N PRO B 25 32.10 -14.08 26.85
CA PRO B 25 32.11 -12.91 25.96
C PRO B 25 30.99 -12.93 24.92
N ASP B 26 30.58 -14.10 24.42
CA ASP B 26 29.50 -14.12 23.43
C ASP B 26 28.13 -13.90 24.06
N VAL B 27 27.93 -14.35 25.31
CA VAL B 27 26.69 -14.03 26.00
C VAL B 27 26.59 -12.53 26.28
N MET B 28 27.72 -11.91 26.62
CA MET B 28 27.74 -10.45 26.81
C MET B 28 27.41 -9.71 25.51
N ALA B 29 27.90 -10.22 24.37
CA ALA B 29 27.59 -9.59 23.09
C ALA B 29 26.13 -9.78 22.73
N GLN B 30 25.49 -10.84 23.21
CA GLN B 30 24.05 -10.98 23.05
C GLN B 30 23.32 -9.95 23.92
N LEU B 31 23.76 -9.75 25.17
CA LEU B 31 23.17 -8.68 25.97
C LEU B 31 23.41 -7.33 25.32
N ALA B 32 24.56 -7.16 24.66
CA ALA B 32 24.81 -5.92 23.94
C ALA B 32 23.78 -5.73 22.82
N TYR B 33 23.55 -6.76 21.99
CA TYR B 33 22.52 -6.68 20.98
C TYR B 33 21.14 -6.38 21.61
N MET B 34 20.88 -6.91 22.80
CA MET B 34 19.59 -6.71 23.42
C MET B 34 19.40 -5.30 23.96
N ASN B 35 20.50 -4.60 24.30
CA ASN B 35 20.44 -3.36 25.06
C ASN B 35 21.10 -2.14 24.43
N TYR B 36 21.94 -2.31 23.39
CA TYR B 36 22.89 -1.24 23.14
C TYR B 36 22.31 -0.10 22.29
N ILE B 37 21.85 -0.41 21.08
CA ILE B 37 21.57 0.64 20.09
C ILE B 37 20.26 1.33 20.41
N ASP B 38 20.27 2.66 20.40
CA ASP B 38 19.05 3.42 20.65
C ASP B 38 17.95 3.04 19.67
N PHE B 39 16.73 2.93 20.21
CA PHE B 39 15.49 2.79 19.44
C PHE B 39 15.28 1.38 18.92
N ILE B 40 16.29 0.78 18.31
CA ILE B 40 16.07 -0.47 17.59
C ILE B 40 16.45 -1.72 18.40
N SER B 41 17.13 -1.56 19.56
CA SER B 41 17.35 -2.75 20.37
C SER B 41 16.06 -3.15 21.09
N PRO B 42 15.84 -4.45 21.29
CA PRO B 42 14.56 -4.90 21.85
C PRO B 42 14.28 -4.39 23.25
N PHE B 43 15.30 -4.20 24.09
CA PHE B 43 15.11 -3.79 25.47
C PHE B 43 15.54 -2.35 25.70
N TYR B 44 15.31 -1.48 24.71
CA TYR B 44 15.63 -0.08 24.84
C TYR B 44 14.63 0.67 25.72
N SER B 45 13.34 0.38 25.55
CA SER B 45 12.29 1.20 26.14
C SER B 45 11.14 0.32 26.62
N ARG B 46 10.46 0.78 27.66
CA ARG B 46 9.29 0.08 28.13
C ARG B 46 8.06 0.41 27.30
N GLY B 47 8.17 1.35 26.36
CA GLY B 47 7.05 1.76 25.52
C GLY B 47 6.59 0.68 24.55
N CYS B 48 5.51 0.98 23.83
CA CYS B 48 4.98 -0.03 22.91
C CYS B 48 5.58 0.05 21.52
N SER B 49 6.91 0.07 21.42
CA SER B 49 7.61 0.03 20.13
C SER B 49 8.28 -1.33 19.97
N PHE B 50 8.19 -1.89 18.77
CA PHE B 50 8.66 -3.24 18.50
C PHE B 50 9.55 -3.27 17.27
N GLU B 51 10.28 -2.18 17.03
CA GLU B 51 11.19 -2.13 15.89
C GLU B 51 12.11 -3.35 15.85
N ALA B 52 12.60 -3.78 17.00
CA ALA B 52 13.55 -4.89 17.00
C ALA B 52 12.94 -6.15 16.40
N TRP B 53 11.68 -6.43 16.73
CA TRP B 53 11.03 -7.63 16.22
C TRP B 53 10.64 -7.48 14.77
N GLU B 54 10.31 -6.26 14.35
CA GLU B 54 10.11 -5.98 12.94
C GLU B 54 11.41 -6.14 12.16
N LEU B 55 12.54 -5.67 12.70
CA LEU B 55 13.80 -5.85 11.97
C LEU B 55 14.14 -7.33 11.78
N LYS B 56 13.80 -8.19 12.75
CA LYS B 56 14.01 -9.64 12.66
C LYS B 56 12.89 -10.39 11.93
N HIS B 57 11.80 -9.72 11.58
CA HIS B 57 10.66 -10.33 10.90
C HIS B 57 9.95 -11.38 11.76
N THR B 58 9.88 -11.17 13.09
CA THR B 58 9.13 -12.06 13.99
C THR B 58 7.63 -11.98 13.72
N PRO B 59 6.97 -13.09 13.41
CA PRO B 59 5.50 -13.07 13.28
C PRO B 59 4.84 -12.57 14.56
N GLN B 60 3.71 -11.87 14.39
CA GLN B 60 3.10 -11.18 15.52
C GLN B 60 2.75 -12.15 16.64
N ARG B 61 2.21 -13.34 16.29
CA ARG B 61 1.80 -14.34 17.27
C ARG B 61 2.97 -14.92 18.04
N VAL B 62 4.19 -14.66 17.60
CA VAL B 62 5.37 -15.21 18.24
C VAL B 62 6.08 -14.18 19.12
N ILE B 63 5.73 -12.90 19.01
CA ILE B 63 6.41 -11.91 19.83
C ILE B 63 6.30 -12.26 21.32
N LYS B 64 5.14 -12.76 21.75
CA LYS B 64 4.95 -13.05 23.17
C LYS B 64 5.95 -14.10 23.65
N TYR B 65 6.26 -15.07 22.79
CA TYR B 65 7.23 -16.09 23.17
C TYR B 65 8.66 -15.54 23.11
N SER B 66 8.96 -14.70 22.13
CA SER B 66 10.27 -14.07 22.11
C SER B 66 10.54 -13.33 23.41
N ILE B 67 9.59 -12.51 23.84
CA ILE B 67 9.77 -11.75 25.07
C ILE B 67 9.96 -12.70 26.26
N ALA B 68 9.14 -13.73 26.35
CA ALA B 68 9.23 -14.62 27.51
C ALA B 68 10.61 -15.27 27.61
N PHE B 69 11.11 -15.82 26.50
CA PHE B 69 12.37 -16.54 26.52
C PHE B 69 13.54 -15.60 26.79
N TYR B 70 13.49 -14.37 26.27
CA TYR B 70 14.44 -13.37 26.74
C TYR B 70 14.36 -13.23 28.27
N ALA B 71 13.14 -13.07 28.79
CA ALA B 71 12.97 -12.88 30.22
C ALA B 71 13.55 -14.05 31.00
N TYR B 72 13.26 -15.29 30.57
CA TYR B 72 13.77 -16.44 31.31
C TYR B 72 15.29 -16.48 31.31
N GLY B 73 15.91 -16.09 30.19
CA GLY B 73 17.36 -15.97 30.15
C GLY B 73 17.90 -14.88 31.06
N LEU B 74 17.23 -13.72 31.09
CA LEU B 74 17.72 -12.64 31.95
C LEU B 74 17.70 -13.04 33.42
N ALA B 75 16.72 -13.84 33.82
CA ALA B 75 16.69 -14.32 35.20
C ALA B 75 17.94 -15.14 35.53
N SER B 76 18.36 -16.05 34.63
CA SER B 76 19.60 -16.80 34.88
C SER B 76 20.83 -15.90 34.79
N VAL B 77 20.83 -14.87 33.94
CA VAL B 77 21.94 -13.92 33.95
C VAL B 77 22.07 -13.27 35.33
N ALA B 78 20.93 -12.95 35.95
CA ALA B 78 20.93 -12.34 37.28
C ALA B 78 21.60 -13.24 38.31
N LEU B 79 21.31 -14.54 38.26
CA LEU B 79 21.86 -15.50 39.21
C LEU B 79 23.31 -15.80 38.92
N ILE B 80 23.69 -15.82 37.64
CA ILE B 80 25.06 -16.10 37.26
C ILE B 80 25.98 -15.00 37.73
N ASP B 81 25.65 -13.75 37.42
CA ASP B 81 26.59 -12.63 37.50
C ASP B 81 26.02 -11.54 38.40
N PRO B 82 26.38 -11.50 39.69
CA PRO B 82 25.84 -10.46 40.58
C PRO B 82 26.04 -9.06 40.03
N LYS B 83 27.19 -8.84 39.38
CA LYS B 83 27.48 -7.56 38.75
C LYS B 83 26.49 -7.20 37.64
N LEU B 84 25.81 -8.18 37.03
CA LEU B 84 24.83 -7.90 36.00
C LEU B 84 23.40 -7.98 36.49
N ARG B 85 23.16 -8.21 37.78
CA ARG B 85 21.80 -8.42 38.24
C ARG B 85 20.91 -7.20 38.00
N ALA B 86 21.45 -5.99 38.23
CA ALA B 86 20.67 -4.77 38.05
C ALA B 86 20.24 -4.58 36.60
N LEU B 87 21.14 -4.84 35.65
CA LEU B 87 20.76 -4.79 34.23
C LEU B 87 19.63 -5.78 33.95
N ALA B 88 19.76 -7.02 34.45
CA ALA B 88 18.75 -8.04 34.23
C ALA B 88 17.40 -7.60 34.78
N GLY B 89 17.39 -7.02 35.98
CA GLY B 89 16.17 -6.48 36.53
C GLY B 89 15.58 -5.38 35.65
N HIS B 90 16.43 -4.45 35.20
CA HIS B 90 15.94 -3.41 34.29
C HIS B 90 15.34 -4.02 33.03
N ASP B 91 16.02 -5.02 32.44
CA ASP B 91 15.47 -5.68 31.27
C ASP B 91 14.15 -6.38 31.57
N LEU B 92 14.05 -7.08 32.70
CA LEU B 92 12.80 -7.76 33.04
C LEU B 92 11.65 -6.76 33.19
N ASP B 93 11.91 -5.60 33.80
CA ASP B 93 10.92 -4.53 33.87
C ASP B 93 10.42 -4.16 32.48
N ILE B 94 11.35 -3.96 31.53
CA ILE B 94 10.94 -3.63 30.17
C ILE B 94 10.20 -4.81 29.54
N ALA B 95 10.65 -6.03 29.79
CA ALA B 95 9.98 -7.20 29.24
C ALA B 95 8.54 -7.27 29.74
N VAL B 96 8.33 -7.15 31.05
CA VAL B 96 6.96 -7.21 31.55
C VAL B 96 6.12 -6.14 30.90
N SER B 97 6.68 -4.93 30.79
CA SER B 97 5.95 -3.82 30.21
C SER B 97 5.56 -4.09 28.75
N LYS B 98 6.51 -4.53 27.92
CA LYS B 98 6.21 -4.81 26.51
C LYS B 98 5.25 -5.97 26.37
N MET B 99 5.32 -6.95 27.28
CA MET B 99 4.43 -8.10 27.23
C MET B 99 2.97 -7.71 27.29
N LYS B 100 2.66 -6.51 27.81
CA LYS B 100 1.27 -6.08 27.96
C LYS B 100 0.80 -5.17 26.83
N CYS B 101 1.64 -4.86 25.85
CA CYS B 101 1.15 -4.07 24.73
C CYS B 101 0.21 -4.89 23.85
N LYS B 102 -0.81 -4.20 23.30
CA LYS B 102 -1.79 -4.90 22.49
C LYS B 102 -1.14 -5.51 21.26
N ARG B 103 -0.02 -4.98 20.80
CA ARG B 103 0.71 -5.64 19.73
C ARG B 103 1.10 -7.05 20.12
N VAL B 104 1.28 -7.32 21.42
CA VAL B 104 1.72 -8.64 21.90
C VAL B 104 0.54 -9.58 22.13
N TRP B 105 -0.52 -9.14 22.80
CA TRP B 105 -1.64 -10.04 23.11
C TRP B 105 -2.81 -9.89 22.15
N GLY B 106 -2.72 -8.95 21.21
CA GLY B 106 -3.88 -8.55 20.43
C GLY B 106 -4.49 -9.64 19.58
N ASP B 107 -3.71 -10.66 19.21
CA ASP B 107 -4.23 -11.76 18.40
C ASP B 107 -5.42 -12.42 19.08
N TRP B 108 -5.44 -12.47 20.42
CA TRP B 108 -6.59 -13.00 21.15
C TRP B 108 -7.89 -12.31 20.75
N GLU B 109 -7.84 -10.99 20.58
CA GLU B 109 -9.03 -10.24 20.18
C GLU B 109 -9.25 -10.34 18.68
N GLU B 110 -8.17 -10.34 17.90
CA GLU B 110 -8.27 -10.45 16.44
C GLU B 110 -8.97 -11.75 16.05
N ASP B 111 -8.71 -12.83 16.78
CA ASP B 111 -9.33 -14.12 16.50
C ASP B 111 -10.77 -14.23 16.97
N GLY B 112 -11.28 -13.24 17.71
CA GLY B 112 -12.65 -13.22 18.18
C GLY B 112 -12.91 -13.75 19.59
N PHE B 113 -11.88 -13.96 20.40
CA PHE B 113 -12.07 -14.53 21.72
C PHE B 113 -12.38 -13.50 22.80
N GLY B 114 -12.24 -12.21 22.50
CA GLY B 114 -12.57 -11.18 23.47
C GLY B 114 -11.58 -10.05 23.59
N THR B 115 -11.89 -9.09 24.46
CA THR B 115 -11.05 -7.91 24.67
C THR B 115 -10.15 -8.02 25.89
N ASP B 116 -10.39 -8.99 26.77
CA ASP B 116 -9.55 -9.19 27.93
C ASP B 116 -8.67 -10.43 27.73
N PRO B 117 -7.35 -10.29 27.58
CA PRO B 117 -6.50 -11.45 27.33
C PRO B 117 -6.22 -12.34 28.56
N ILE B 118 -6.58 -11.92 29.77
CA ILE B 118 -6.26 -12.70 30.96
C ILE B 118 -7.48 -13.25 31.67
N GLU B 119 -8.69 -12.77 31.35
CA GLU B 119 -9.88 -13.10 32.12
C GLU B 119 -10.13 -14.61 32.16
N LYS B 120 -10.15 -15.26 31.00
CA LYS B 120 -10.39 -16.70 30.94
C LYS B 120 -9.50 -17.30 29.86
N GLU B 121 -9.00 -18.50 30.11
CA GLU B 121 -8.23 -19.28 29.14
C GLU B 121 -7.02 -18.44 28.70
N ASN B 122 -6.61 -18.59 27.44
CA ASN B 122 -5.46 -17.88 26.90
C ASN B 122 -4.24 -18.09 27.80
N ILE B 123 -4.10 -19.30 28.33
CA ILE B 123 -2.99 -19.61 29.23
C ILE B 123 -1.66 -19.49 28.50
N MET B 124 -1.67 -19.69 27.18
CA MET B 124 -0.48 -19.52 26.34
C MET B 124 0.10 -18.12 26.46
N TYR B 125 -0.71 -17.13 26.83
CA TYR B 125 -0.23 -15.76 27.06
C TYR B 125 -0.06 -15.46 28.55
N LYS B 126 -1.13 -15.59 29.34
CA LYS B 126 -1.03 -15.15 30.73
C LYS B 126 -0.16 -16.08 31.58
N GLY B 127 0.08 -17.31 31.13
CA GLY B 127 1.03 -18.17 31.84
C GLY B 127 2.42 -17.58 31.82
N HIS B 128 2.89 -17.20 30.64
CA HIS B 128 4.19 -16.54 30.52
C HIS B 128 4.20 -15.19 31.23
N LEU B 129 3.14 -14.39 31.07
CA LEU B 129 3.08 -13.11 31.75
C LEU B 129 3.19 -13.30 33.25
N ASN B 130 2.48 -14.29 33.79
CA ASN B 130 2.48 -14.48 35.24
C ASN B 130 3.85 -14.90 35.74
N LEU B 131 4.50 -15.83 35.05
CA LEU B 131 5.88 -16.21 35.41
C LEU B 131 6.83 -15.02 35.30
N MET B 132 6.66 -14.18 34.28
CA MET B 132 7.52 -12.99 34.15
C MET B 132 7.32 -12.03 35.32
N TYR B 133 6.07 -11.86 35.79
CA TYR B 133 5.84 -11.09 37.00
C TYR B 133 6.74 -11.58 38.14
N GLY B 134 6.72 -12.88 38.41
CA GLY B 134 7.46 -13.39 39.55
C GLY B 134 8.97 -13.33 39.35
N LEU B 135 9.44 -13.69 38.16
CA LEU B 135 10.88 -13.62 37.92
C LEU B 135 11.39 -12.21 38.13
N TYR B 136 10.64 -11.20 37.66
CA TYR B 136 11.04 -9.81 37.87
C TYR B 136 11.15 -9.45 39.35
N GLN B 137 10.18 -9.87 40.17
CA GLN B 137 10.22 -9.48 41.57
C GLN B 137 11.33 -10.21 42.33
N LEU B 138 11.56 -11.50 42.01
CA LEU B 138 12.69 -12.24 42.60
C LEU B 138 14.02 -11.58 42.29
N VAL B 139 14.18 -11.09 41.05
CA VAL B 139 15.44 -10.48 40.65
C VAL B 139 15.63 -9.13 41.35
N THR B 140 14.61 -8.28 41.29
CA THR B 140 14.76 -6.87 41.68
C THR B 140 14.31 -6.57 43.09
N GLY B 141 13.32 -7.31 43.60
CA GLY B 141 12.66 -6.93 44.84
C GLY B 141 11.62 -5.85 44.69
N SER B 142 11.38 -5.36 43.47
CA SER B 142 10.38 -4.32 43.24
C SER B 142 8.99 -4.90 43.30
N ARG B 143 8.07 -4.13 43.89
CA ARG B 143 6.67 -4.52 43.98
C ARG B 143 5.80 -3.83 42.92
N ARG B 144 6.44 -3.26 41.89
CA ARG B 144 5.73 -2.55 40.84
C ARG B 144 4.50 -3.32 40.34
N TYR B 145 4.67 -4.61 40.08
CA TYR B 145 3.63 -5.44 39.49
C TYR B 145 2.98 -6.37 40.50
N GLU B 146 3.21 -6.17 41.79
CA GLU B 146 2.77 -7.15 42.77
C GLU B 146 1.25 -7.29 42.76
N ALA B 147 0.53 -6.17 42.67
CA ALA B 147 -0.92 -6.24 42.59
C ALA B 147 -1.35 -7.07 41.38
N GLU B 148 -0.77 -6.80 40.21
CA GLU B 148 -1.13 -7.56 39.02
C GLU B 148 -0.70 -9.03 39.13
N HIS B 149 0.48 -9.29 39.70
CA HIS B 149 0.92 -10.66 39.90
C HIS B 149 -0.09 -11.43 40.75
N ALA B 150 -0.51 -10.86 41.89
CA ALA B 150 -1.47 -11.57 42.73
C ALA B 150 -2.80 -11.75 42.03
N HIS B 151 -3.21 -10.78 41.21
CA HIS B 151 -4.48 -10.91 40.50
C HIS B 151 -4.45 -12.05 39.48
N LEU B 152 -3.39 -12.14 38.66
CA LEU B 152 -3.32 -13.18 37.63
C LEU B 152 -3.10 -14.56 38.24
N THR B 153 -2.36 -14.62 39.35
CA THR B 153 -2.20 -15.87 40.07
C THR B 153 -3.54 -16.38 40.63
N ARG B 154 -4.33 -15.49 41.22
CA ARG B 154 -5.66 -15.88 41.67
C ARG B 154 -6.52 -16.34 40.49
N ILE B 155 -6.54 -15.58 39.39
CA ILE B 155 -7.27 -16.01 38.21
C ILE B 155 -6.82 -17.39 37.79
N ILE B 156 -5.50 -17.59 37.69
CA ILE B 156 -5.00 -18.91 37.30
C ILE B 156 -5.45 -19.97 38.28
N HIS B 157 -5.28 -19.72 39.58
CA HIS B 157 -5.66 -20.71 40.59
C HIS B 157 -7.13 -21.10 40.46
N ASP B 158 -8.02 -20.12 40.34
CA ASP B 158 -9.45 -20.41 40.28
C ASP B 158 -9.77 -21.23 39.04
N GLU B 159 -9.10 -20.95 37.93
CA GLU B 159 -9.38 -21.68 36.69
C GLU B 159 -9.00 -23.15 36.82
N ILE B 160 -7.84 -23.46 37.41
CA ILE B 160 -7.46 -24.84 37.66
C ILE B 160 -8.50 -25.52 38.55
N ALA B 161 -8.86 -24.85 39.65
CA ALA B 161 -9.79 -25.45 40.60
C ALA B 161 -11.13 -25.76 39.97
N ALA B 162 -11.53 -25.02 38.93
CA ALA B 162 -12.85 -25.23 38.34
C ALA B 162 -12.86 -26.27 37.23
N ASN B 163 -11.64 -26.65 36.65
CA ASN B 163 -11.73 -27.57 35.51
C ASN B 163 -11.75 -29.02 35.98
N PRO B 164 -12.58 -29.86 35.35
CA PRO B 164 -12.57 -31.29 35.70
C PRO B 164 -11.26 -31.98 35.35
N PHE B 165 -10.59 -31.55 34.29
CA PHE B 165 -9.22 -31.94 34.04
C PHE B 165 -8.29 -31.02 34.82
N ALA B 166 -7.04 -31.43 34.98
CA ALA B 166 -6.06 -30.66 35.74
C ALA B 166 -5.35 -29.72 34.78
N GLY B 167 -5.48 -28.41 35.00
CA GLY B 167 -4.82 -27.43 34.15
C GLY B 167 -5.78 -26.47 33.49
N ILE B 168 -5.31 -25.76 32.47
CA ILE B 168 -6.09 -24.70 31.83
C ILE B 168 -5.94 -24.82 30.31
N VAL B 169 -6.99 -24.44 29.59
CA VAL B 169 -6.91 -24.49 28.13
C VAL B 169 -6.44 -23.15 27.59
N CYS B 170 -5.97 -23.15 26.35
CA CYS B 170 -5.60 -21.92 25.67
C CYS B 170 -6.83 -21.31 25.01
N GLU B 171 -7.53 -22.12 24.22
CA GLU B 171 -8.82 -21.85 23.62
C GLU B 171 -9.79 -22.95 24.04
N PRO B 172 -11.09 -22.71 23.94
CA PRO B 172 -12.06 -23.79 24.21
C PRO B 172 -11.72 -25.09 23.49
N ASP B 173 -11.47 -26.15 24.26
CA ASP B 173 -11.17 -27.48 23.76
C ASP B 173 -9.77 -27.59 23.16
N ASN B 174 -8.86 -26.71 23.56
CA ASN B 174 -7.45 -26.77 23.16
C ASN B 174 -6.56 -26.71 24.39
N TYR B 175 -6.01 -27.86 24.77
CA TYR B 175 -5.17 -28.01 25.95
C TYR B 175 -3.75 -28.39 25.53
N PHE B 176 -2.78 -27.62 26.00
CA PHE B 176 -1.37 -27.82 25.67
C PHE B 176 -0.58 -27.99 26.96
N VAL B 177 0.14 -29.12 27.07
CA VAL B 177 0.85 -29.43 28.30
C VAL B 177 2.00 -28.43 28.53
N GLN B 178 2.66 -27.98 27.45
CA GLN B 178 3.81 -27.09 27.63
C GLN B 178 3.37 -25.74 28.18
N CYS B 179 2.21 -25.24 27.74
CA CYS B 179 1.72 -23.97 28.29
C CYS B 179 1.26 -24.13 29.73
N ASN B 180 0.72 -25.29 30.09
CA ASN B 180 0.37 -25.53 31.48
C ASN B 180 1.61 -25.59 32.34
N SER B 181 2.69 -26.19 31.85
CA SER B 181 3.89 -26.28 32.68
C SER B 181 4.39 -24.89 33.05
N VAL B 182 4.23 -23.91 32.15
CA VAL B 182 4.60 -22.54 32.48
C VAL B 182 3.70 -21.99 33.58
N ALA B 183 2.39 -22.24 33.50
CA ALA B 183 1.47 -21.69 34.48
C ALA B 183 1.73 -22.27 35.88
N TYR B 184 1.92 -23.59 35.97
CA TYR B 184 2.21 -24.21 37.25
C TYR B 184 3.53 -23.72 37.84
N LEU B 185 4.55 -23.56 37.01
CA LEU B 185 5.80 -23.00 37.49
C LEU B 185 5.59 -21.61 38.10
N SER B 186 4.65 -20.82 37.53
CA SER B 186 4.42 -19.47 38.05
C SER B 186 3.75 -19.50 39.43
N LEU B 187 3.01 -20.57 39.73
CA LEU B 187 2.45 -20.74 41.07
C LEU B 187 3.56 -21.02 42.08
N TRP B 188 4.57 -21.79 41.68
CA TRP B 188 5.72 -21.99 42.54
C TRP B 188 6.46 -20.68 42.79
N VAL B 189 6.65 -19.86 41.75
CA VAL B 189 7.33 -18.58 41.92
C VAL B 189 6.56 -17.70 42.89
N TYR B 190 5.22 -17.67 42.75
CA TYR B 190 4.39 -16.91 43.68
C TYR B 190 4.51 -17.44 45.11
N ASP B 191 4.47 -18.76 45.27
CA ASP B 191 4.66 -19.33 46.59
C ASP B 191 6.00 -18.90 47.18
N ARG B 192 7.02 -18.81 46.33
CA ARG B 192 8.35 -18.45 46.82
C ARG B 192 8.40 -16.98 47.27
N LEU B 193 7.72 -16.10 46.54
CA LEU B 193 7.67 -14.68 46.89
C LEU B 193 6.77 -14.42 48.10
N HIS B 194 5.71 -15.20 48.26
CA HIS B 194 4.77 -15.00 49.36
C HIS B 194 4.76 -16.26 50.23
N GLY B 195 3.81 -16.39 51.11
CA GLY B 195 3.88 -17.61 51.89
C GLY B 195 3.01 -18.71 51.36
N THR B 196 2.34 -18.46 50.24
CA THR B 196 1.20 -19.24 49.81
C THR B 196 1.59 -20.66 49.45
N ASP B 197 0.57 -21.48 49.19
CA ASP B 197 0.71 -22.85 48.77
C ASP B 197 -0.06 -23.07 47.48
N TYR B 198 0.00 -22.10 46.56
CA TYR B 198 -0.65 -22.29 45.25
C TYR B 198 -0.08 -23.49 44.51
N ARG B 199 1.20 -23.85 44.76
CA ARG B 199 1.79 -25.00 44.10
C ARG B 199 1.15 -26.33 44.51
N ALA B 200 0.27 -26.33 45.51
CA ALA B 200 -0.35 -27.58 45.94
C ALA B 200 -1.07 -28.27 44.79
N ALA B 201 -1.49 -27.52 43.76
CA ALA B 201 -2.17 -28.10 42.61
C ALA B 201 -1.24 -28.85 41.67
N THR B 202 0.07 -28.79 41.89
CA THR B 202 1.00 -29.40 40.96
C THR B 202 0.95 -30.92 40.99
N ARG B 203 0.63 -31.52 42.14
CA ARG B 203 0.60 -32.98 42.23
C ARG B 203 -0.44 -33.59 41.28
N ALA B 204 -1.69 -33.13 41.38
CA ALA B 204 -2.76 -33.66 40.53
C ALA B 204 -2.49 -33.41 39.05
N TRP B 205 -1.77 -32.34 38.73
CA TRP B 205 -1.46 -32.06 37.33
C TRP B 205 -0.45 -33.07 36.80
N LEU B 206 0.58 -33.39 37.59
CA LEU B 206 1.57 -34.36 37.16
C LEU B 206 0.94 -35.74 37.02
N ASP B 207 0.03 -36.11 37.94
CA ASP B 207 -0.70 -37.36 37.81
C ASP B 207 -1.59 -37.34 36.57
N PHE B 208 -2.24 -36.21 36.30
CA PHE B 208 -3.15 -36.15 35.15
C PHE B 208 -2.39 -36.31 33.84
N ILE B 209 -1.30 -35.55 33.66
CA ILE B 209 -0.56 -35.65 32.40
C ILE B 209 0.16 -36.98 32.28
N GLN B 210 0.50 -37.62 33.39
CA GLN B 210 1.28 -38.85 33.32
C GLN B 210 0.44 -40.04 32.83
N LYS B 211 -0.84 -40.11 33.20
CA LYS B 211 -1.63 -41.25 32.80
C LYS B 211 -2.37 -41.04 31.48
N ASP B 212 -2.59 -39.80 31.08
CA ASP B 212 -3.49 -39.48 29.98
C ASP B 212 -2.79 -38.89 28.77
N LEU B 213 -1.76 -38.07 28.98
CA LEU B 213 -1.19 -37.30 27.88
C LEU B 213 0.20 -37.74 27.45
N ILE B 214 0.83 -38.67 28.17
CA ILE B 214 2.22 -39.03 27.90
C ILE B 214 2.30 -40.48 27.45
N ASP B 215 3.15 -40.72 26.45
CA ASP B 215 3.52 -42.09 26.09
C ASP B 215 4.70 -42.52 26.94
N PRO B 216 4.46 -43.26 28.02
CA PRO B 216 5.55 -43.61 28.95
C PRO B 216 6.69 -44.42 28.36
N GLU B 217 6.42 -45.27 27.37
CA GLU B 217 7.47 -46.11 26.80
C GLU B 217 8.49 -45.29 26.01
N ARG B 218 8.01 -44.35 25.20
CA ARG B 218 8.86 -43.49 24.38
C ARG B 218 9.22 -42.18 25.08
N GLY B 219 8.71 -41.94 26.28
CA GLY B 219 9.03 -40.73 27.02
C GLY B 219 8.69 -39.46 26.26
N ALA B 220 7.51 -39.40 25.66
CA ALA B 220 7.13 -38.31 24.77
C ALA B 220 5.68 -37.91 24.98
N PHE B 221 5.41 -36.61 24.96
CA PHE B 221 4.04 -36.13 25.05
C PHE B 221 3.37 -36.08 23.67
N TYR B 222 2.06 -36.28 23.66
CA TYR B 222 1.31 -36.06 22.44
C TYR B 222 1.13 -34.58 22.18
N LEU B 223 0.80 -34.25 20.92
CA LEU B 223 0.80 -32.85 20.47
C LEU B 223 -0.10 -31.98 21.34
N SER B 224 -1.33 -32.42 21.59
CA SER B 224 -2.27 -31.61 22.35
C SER B 224 -3.44 -32.49 22.74
N TYR B 225 -4.21 -31.99 23.70
CA TYR B 225 -5.37 -32.67 24.26
C TYR B 225 -6.58 -31.77 24.11
N HIS B 226 -7.75 -32.37 23.95
CA HIS B 226 -8.97 -31.61 23.65
C HIS B 226 -10.07 -32.13 24.57
N PRO B 227 -10.22 -31.52 25.76
CA PRO B 227 -11.11 -32.10 26.78
C PRO B 227 -12.56 -32.25 26.35
N GLU B 228 -13.14 -31.23 25.72
CA GLU B 228 -14.54 -31.30 25.32
C GLU B 228 -14.81 -32.51 24.43
N SER B 229 -13.94 -32.78 23.46
CA SER B 229 -14.11 -33.95 22.59
C SER B 229 -13.38 -35.18 23.11
N GLY B 230 -12.71 -35.10 24.25
CA GLY B 230 -11.95 -36.24 24.74
C GLY B 230 -10.84 -36.68 23.81
N ALA B 231 -10.44 -35.84 22.86
CA ALA B 231 -9.48 -36.20 21.84
C ALA B 231 -8.05 -35.91 22.28
N VAL B 232 -7.11 -36.69 21.75
CA VAL B 232 -5.69 -36.42 21.87
C VAL B 232 -5.10 -36.55 20.47
N LYS B 233 -4.39 -35.52 20.02
CA LYS B 233 -3.80 -35.62 18.68
C LYS B 233 -2.79 -36.76 18.67
N PRO B 234 -2.89 -37.69 17.73
CA PRO B 234 -2.13 -38.95 17.84
C PRO B 234 -0.65 -38.85 17.46
N TRP B 235 -0.10 -37.64 17.44
CA TRP B 235 1.33 -37.47 17.17
C TRP B 235 2.03 -37.08 18.46
N ILE B 236 3.18 -37.65 18.71
CA ILE B 236 4.06 -37.20 19.80
C ILE B 236 4.98 -36.13 19.22
N SER B 237 5.29 -35.12 20.03
CA SER B 237 6.03 -33.93 19.60
C SER B 237 7.31 -33.80 20.40
N ALA B 238 8.43 -33.67 19.69
CA ALA B 238 9.70 -33.49 20.36
C ALA B 238 9.78 -32.11 21.03
N TYR B 239 9.46 -31.03 20.28
CA TYR B 239 9.59 -29.70 20.89
C TYR B 239 8.62 -29.52 22.06
N THR B 240 7.44 -30.14 21.97
CA THR B 240 6.50 -30.15 23.08
C THR B 240 7.10 -30.82 24.29
N THR B 241 7.64 -32.03 24.11
CA THR B 241 8.12 -32.81 25.25
C THR B 241 9.33 -32.17 25.89
N ALA B 242 10.27 -31.69 25.08
CA ALA B 242 11.49 -31.11 25.64
C ALA B 242 11.16 -29.92 26.54
N TRP B 243 10.34 -28.99 26.04
CA TRP B 243 9.93 -27.83 26.83
C TRP B 243 9.26 -28.25 28.13
N THR B 244 8.29 -29.17 28.06
CA THR B 244 7.54 -29.56 29.25
C THR B 244 8.46 -30.20 30.28
N LEU B 245 9.31 -31.15 29.84
CA LEU B 245 10.23 -31.80 30.76
C LEU B 245 11.22 -30.80 31.36
N ALA B 246 11.65 -29.79 30.59
CA ALA B 246 12.58 -28.83 31.15
C ALA B 246 11.94 -28.08 32.31
N MET B 247 10.73 -27.57 32.11
CA MET B 247 10.09 -26.83 33.20
C MET B 247 9.64 -27.73 34.32
N VAL B 248 9.21 -28.96 34.02
CA VAL B 248 8.82 -29.87 35.09
C VAL B 248 10.01 -30.20 35.99
N HIS B 249 11.21 -30.29 35.42
CA HIS B 249 12.40 -30.67 36.18
C HIS B 249 12.70 -29.69 37.31
N GLY B 250 12.20 -28.45 37.20
CA GLY B 250 12.34 -27.47 38.26
C GLY B 250 11.32 -27.60 39.37
N MET B 251 10.21 -28.30 39.12
CA MET B 251 9.19 -28.54 40.12
C MET B 251 9.28 -29.94 40.71
N ASP B 252 9.52 -30.95 39.85
CA ASP B 252 9.60 -32.35 40.25
C ASP B 252 10.73 -32.98 39.45
N PRO B 253 11.96 -32.94 39.96
CA PRO B 253 13.10 -33.48 39.18
C PRO B 253 12.93 -34.95 38.80
N ALA B 254 12.47 -35.78 39.73
CA ALA B 254 12.34 -37.20 39.46
C ALA B 254 11.47 -37.47 38.26
N PHE B 255 10.40 -36.69 38.09
CA PHE B 255 9.49 -36.88 36.97
C PHE B 255 10.25 -36.82 35.64
N SER B 256 11.01 -35.75 35.42
CA SER B 256 11.70 -35.56 34.15
C SER B 256 12.91 -36.49 33.99
N GLU B 257 13.59 -36.82 35.09
CA GLU B 257 14.72 -37.73 35.00
C GLU B 257 14.28 -39.13 34.58
N ARG B 258 13.03 -39.51 34.86
CA ARG B 258 12.53 -40.81 34.41
C ARG B 258 12.33 -40.86 32.88
N TYR B 259 11.79 -39.79 32.30
CA TYR B 259 11.47 -39.84 30.87
C TYR B 259 12.59 -39.33 29.98
N TYR B 260 13.54 -38.58 30.51
CA TYR B 260 14.60 -38.00 29.67
C TYR B 260 15.33 -39.04 28.84
N PRO B 261 15.83 -40.13 29.41
CA PRO B 261 16.54 -41.12 28.56
C PRO B 261 15.66 -41.73 27.49
N ARG B 262 14.45 -42.15 27.84
CA ARG B 262 13.53 -42.66 26.83
C ARG B 262 13.25 -41.60 25.77
N PHE B 263 13.16 -40.33 26.19
CA PHE B 263 12.94 -39.22 25.26
C PHE B 263 14.08 -39.09 24.25
N LYS B 264 15.33 -39.24 24.71
CA LYS B 264 16.46 -39.12 23.80
C LYS B 264 16.44 -40.24 22.77
N GLN B 265 16.09 -41.45 23.19
CA GLN B 265 15.98 -42.56 22.25
C GLN B 265 14.94 -42.27 21.18
N THR B 266 13.81 -41.67 21.56
CA THR B 266 12.73 -41.49 20.61
C THR B 266 13.10 -40.44 19.56
N PHE B 267 13.67 -39.32 19.98
CA PHE B 267 13.74 -38.14 19.11
C PHE B 267 15.14 -37.74 18.68
N VAL B 268 16.16 -38.03 19.47
CA VAL B 268 17.49 -37.44 19.25
C VAL B 268 18.26 -38.29 18.26
N GLU B 269 18.89 -37.64 17.29
CA GLU B 269 19.71 -38.31 16.27
C GLU B 269 21.13 -37.79 16.42
N VAL B 270 22.04 -38.67 16.87
CA VAL B 270 23.45 -38.33 16.94
C VAL B 270 24.10 -38.68 15.61
N TYR B 271 25.00 -37.83 15.15
CA TYR B 271 25.65 -38.04 13.86
C TYR B 271 27.02 -37.36 13.89
N ASP B 272 27.69 -37.38 12.74
CA ASP B 272 29.04 -36.84 12.61
C ASP B 272 29.96 -37.46 13.65
N GLU B 273 29.97 -38.80 13.68
CA GLU B 273 30.82 -39.58 14.59
C GLU B 273 30.70 -39.07 16.03
N GLY B 274 29.47 -38.80 16.45
CA GLY B 274 29.19 -38.34 17.79
C GLY B 274 29.46 -36.88 18.06
N ARG B 275 29.85 -36.09 17.06
CA ARG B 275 30.14 -34.69 17.32
C ARG B 275 28.94 -33.77 17.17
N LYS B 276 27.88 -34.20 16.48
CA LYS B 276 26.68 -33.40 16.25
C LYS B 276 25.45 -34.22 16.62
N ALA B 277 24.34 -33.51 16.82
CA ALA B 277 23.03 -34.12 17.06
C ALA B 277 21.95 -33.21 16.50
N ARG B 278 20.87 -33.81 16.00
CA ARG B 278 19.67 -33.09 15.61
C ARG B 278 18.49 -33.91 16.09
N VAL B 279 17.31 -33.29 16.09
CA VAL B 279 16.15 -33.84 16.79
C VAL B 279 14.97 -33.97 15.83
N ARG B 280 14.35 -35.16 15.79
CA ARG B 280 13.08 -35.37 15.11
C ARG B 280 11.93 -34.69 15.85
N GLU B 281 11.04 -34.02 15.08
CA GLU B 281 9.90 -33.37 15.72
C GLU B 281 8.84 -34.40 16.13
N THR B 282 8.68 -35.46 15.36
CA THR B 282 7.67 -36.48 15.64
C THR B 282 8.21 -37.85 15.25
N ALA B 283 7.46 -38.88 15.64
CA ALA B 283 7.80 -40.26 15.33
C ALA B 283 7.38 -40.62 13.91
N GLY B 284 8.07 -41.59 13.35
CA GLY B 284 7.76 -42.06 12.01
C GLY B 284 8.46 -41.31 10.89
N THR B 285 9.48 -40.52 11.18
CA THR B 285 10.24 -39.76 10.20
C THR B 285 11.70 -39.75 10.61
N ASP B 286 12.59 -39.55 9.64
CA ASP B 286 13.99 -39.23 9.95
C ASP B 286 14.30 -37.76 9.73
N ASP B 287 13.33 -37.00 9.22
CA ASP B 287 13.47 -35.55 9.09
C ASP B 287 13.68 -34.92 10.45
N ALA B 288 14.55 -33.92 10.52
CA ALA B 288 14.76 -33.18 11.74
C ALA B 288 14.01 -31.86 11.69
N ASP B 289 13.48 -31.47 12.84
CA ASP B 289 12.94 -30.13 13.07
C ASP B 289 11.82 -29.77 12.10
N GLY B 290 10.88 -30.70 11.95
CA GLY B 290 9.63 -30.39 11.31
C GLY B 290 8.71 -29.61 12.24
N GLY B 291 7.47 -29.47 11.81
CA GLY B 291 6.49 -28.74 12.59
C GLY B 291 6.91 -27.29 12.72
N VAL B 292 6.95 -26.81 13.96
CA VAL B 292 7.35 -25.43 14.21
C VAL B 292 8.84 -25.24 14.05
N GLY B 293 9.62 -26.32 13.93
CA GLY B 293 11.05 -26.21 13.67
C GLY B 293 11.91 -25.93 14.88
N LEU B 294 11.44 -26.26 16.09
CA LEU B 294 12.14 -25.89 17.30
C LEU B 294 12.58 -27.09 18.13
N ALA B 295 12.42 -28.31 17.61
CA ALA B 295 12.78 -29.50 18.39
C ALA B 295 14.23 -29.43 18.87
N SER B 296 15.16 -29.14 17.96
CA SER B 296 16.58 -29.06 18.33
C SER B 296 16.85 -27.93 19.31
N ALA B 297 16.25 -26.75 19.10
CA ALA B 297 16.47 -25.61 19.99
C ALA B 297 16.01 -25.92 21.41
N PHE B 298 14.76 -26.40 21.57
CA PHE B 298 14.21 -26.77 22.88
C PHE B 298 14.91 -27.96 23.52
N THR B 299 15.41 -28.90 22.70
CA THR B 299 16.18 -29.99 23.26
C THR B 299 17.51 -29.48 23.82
N LEU B 300 18.06 -28.43 23.21
CA LEU B 300 19.26 -27.80 23.75
C LEU B 300 19.00 -27.24 25.16
N LEU B 301 17.86 -26.59 25.35
CA LEU B 301 17.49 -26.11 26.68
C LEU B 301 17.30 -27.28 27.65
N LEU B 302 16.64 -28.36 27.21
CA LEU B 302 16.40 -29.47 28.11
C LEU B 302 17.71 -30.14 28.54
N ALA B 303 18.64 -30.33 27.62
CA ALA B 303 19.95 -30.87 27.98
C ALA B 303 20.66 -29.96 28.97
N ARG B 304 20.60 -28.64 28.74
CA ARG B 304 21.13 -27.72 29.75
C ARG B 304 20.42 -27.92 31.08
N GLU B 305 19.08 -27.94 31.06
CA GLU B 305 18.32 -28.16 32.28
C GLU B 305 18.68 -29.50 32.93
N MET B 306 18.90 -30.53 32.12
CA MET B 306 19.22 -31.84 32.70
C MET B 306 20.71 -32.01 33.03
N GLY B 307 21.55 -31.04 32.68
CA GLY B 307 22.98 -31.13 32.89
C GLY B 307 23.71 -32.00 31.90
N ASP B 308 23.11 -32.29 30.74
CA ASP B 308 23.67 -33.18 29.71
C ASP B 308 24.61 -32.39 28.80
N GLN B 309 25.87 -32.26 29.26
CA GLN B 309 26.86 -31.50 28.52
C GLN B 309 27.19 -32.14 27.17
N GLN B 310 27.16 -33.47 27.10
CA GLN B 310 27.48 -34.11 25.84
C GLN B 310 26.46 -33.74 24.77
N LEU B 311 25.17 -33.89 25.08
CA LEU B 311 24.13 -33.56 24.12
C LEU B 311 24.06 -32.06 23.83
N PHE B 312 24.32 -31.23 24.86
CA PHE B 312 24.35 -29.79 24.65
C PHE B 312 25.41 -29.43 23.62
N ASP B 313 26.61 -30.01 23.74
CA ASP B 313 27.65 -29.77 22.76
C ASP B 313 27.25 -30.27 21.37
N GLN B 314 26.61 -31.44 21.30
CA GLN B 314 26.24 -32.01 20.01
C GLN B 314 25.17 -31.17 19.32
N LEU B 315 24.17 -30.70 20.07
CA LEU B 315 23.10 -29.89 19.49
C LEU B 315 23.61 -28.53 19.06
N LEU B 316 24.49 -27.91 19.87
CA LEU B 316 25.00 -26.60 19.52
C LEU B 316 25.92 -26.67 18.30
N ASN B 317 26.71 -27.75 18.18
CA ASN B 317 27.54 -27.97 16.99
C ASN B 317 26.71 -28.11 15.73
N HIS B 318 25.44 -28.44 15.85
CA HIS B 318 24.54 -28.48 14.72
C HIS B 318 23.84 -27.14 14.51
N LEU B 319 23.51 -26.44 15.59
CA LEU B 319 22.70 -25.24 15.46
C LEU B 319 23.52 -23.99 15.14
N GLU B 320 24.66 -23.79 15.79
CA GLU B 320 25.26 -22.47 15.70
C GLU B 320 26.05 -22.27 14.41
N PRO B 321 26.97 -23.16 14.06
CA PRO B 321 27.89 -22.90 12.94
C PRO B 321 27.14 -22.56 11.66
N PRO B 322 26.14 -23.33 11.24
CA PRO B 322 25.42 -22.97 10.01
C PRO B 322 24.69 -21.64 10.09
N ALA B 323 24.41 -21.15 11.30
CA ALA B 323 23.77 -19.85 11.47
C ALA B 323 24.73 -18.68 11.25
N LYS B 324 26.06 -18.93 11.18
CA LYS B 324 27.08 -17.92 10.89
C LYS B 324 27.05 -16.78 11.90
N PRO B 325 27.42 -17.01 13.14
CA PRO B 325 27.47 -15.91 14.12
C PRO B 325 28.62 -14.97 13.82
N SER B 326 28.40 -13.68 14.10
CA SER B 326 29.53 -12.76 14.10
C SER B 326 29.34 -11.72 15.19
N ILE B 327 30.45 -11.21 15.69
CA ILE B 327 30.48 -10.18 16.70
C ILE B 327 31.12 -8.93 16.10
N VAL B 328 30.31 -7.90 15.88
CA VAL B 328 30.76 -6.62 15.34
C VAL B 328 30.53 -5.59 16.43
N SER B 329 31.57 -4.84 16.75
CA SER B 329 31.48 -3.78 17.75
C SER B 329 30.94 -4.34 19.07
N ALA B 330 31.42 -5.53 19.45
CA ALA B 330 31.10 -6.20 20.70
C ALA B 330 29.63 -6.60 20.80
N SER B 331 28.94 -6.73 19.68
CA SER B 331 27.53 -7.09 19.67
C SER B 331 27.32 -8.31 18.77
N LEU B 332 26.49 -9.26 19.23
CA LEU B 332 26.29 -10.53 18.54
C LEU B 332 25.19 -10.45 17.49
N ARG B 333 25.45 -11.09 16.35
CA ARG B 333 24.49 -11.18 15.26
C ARG B 333 24.59 -12.55 14.62
N TYR B 334 23.47 -13.07 14.13
CA TYR B 334 23.43 -14.33 13.40
C TYR B 334 23.01 -14.06 11.96
N GLU B 335 23.83 -14.53 11.01
CA GLU B 335 23.55 -14.25 9.61
C GLU B 335 22.45 -15.14 9.03
N HIS B 336 22.39 -16.41 9.44
CA HIS B 336 21.41 -17.35 8.89
C HIS B 336 20.75 -18.08 10.05
N PRO B 337 19.93 -17.38 10.83
CA PRO B 337 19.21 -18.04 11.92
C PRO B 337 18.41 -19.21 11.36
N GLY B 338 18.50 -20.35 12.03
CA GLY B 338 17.92 -21.56 11.49
C GLY B 338 16.46 -21.78 11.78
N SER B 339 15.86 -20.93 12.62
CA SER B 339 14.48 -21.14 13.02
C SER B 339 13.92 -19.82 13.54
N LEU B 340 12.62 -19.82 13.82
CA LEU B 340 12.04 -18.77 14.66
C LEU B 340 12.68 -18.83 16.03
N LEU B 341 12.62 -17.71 16.74
CA LEU B 341 13.08 -17.62 18.13
C LEU B 341 14.55 -18.07 18.28
N PHE B 342 15.35 -17.85 17.24
CA PHE B 342 16.69 -18.44 17.19
C PHE B 342 17.63 -17.84 18.24
N ASP B 343 17.90 -16.54 18.16
CA ASP B 343 18.84 -15.97 19.12
C ASP B 343 18.27 -15.99 20.53
N GLU B 344 16.94 -15.93 20.67
CA GLU B 344 16.33 -16.02 22.00
C GLU B 344 16.60 -17.38 22.61
N LEU B 345 16.40 -18.46 21.85
CA LEU B 345 16.53 -19.79 22.46
C LEU B 345 18.00 -20.15 22.70
N LEU B 346 18.90 -19.81 21.77
CA LEU B 346 20.32 -20.04 22.02
C LEU B 346 20.82 -19.23 23.21
N PHE B 347 20.36 -17.97 23.33
CA PHE B 347 20.67 -17.18 24.52
C PHE B 347 20.21 -17.90 25.78
N LEU B 348 18.94 -18.33 25.80
CA LEU B 348 18.40 -18.97 26.98
C LEU B 348 19.21 -20.20 27.39
N ALA B 349 19.52 -21.07 26.41
CA ALA B 349 20.25 -22.30 26.70
C ALA B 349 21.66 -22.03 27.22
N LYS B 350 22.34 -21.01 26.69
CA LYS B 350 23.73 -20.77 27.09
C LYS B 350 23.84 -20.31 28.54
N VAL B 351 22.85 -19.57 29.05
CA VAL B 351 22.93 -19.03 30.40
C VAL B 351 22.08 -19.80 31.40
N HIS B 352 21.18 -20.66 30.93
CA HIS B 352 20.14 -21.24 31.79
C HIS B 352 20.76 -21.95 32.98
N ALA B 353 20.38 -21.50 34.17
CA ALA B 353 20.84 -22.07 35.43
C ALA B 353 19.91 -23.17 35.94
N GLY B 354 18.83 -23.46 35.22
CA GLY B 354 17.90 -24.47 35.68
C GLY B 354 16.70 -23.85 36.36
N PHE B 355 15.49 -24.28 36.03
CA PHE B 355 14.33 -23.64 36.63
C PHE B 355 14.32 -23.83 38.16
N GLY B 356 14.87 -24.91 38.67
CA GLY B 356 14.95 -25.04 40.11
C GLY B 356 15.77 -23.92 40.75
N ALA B 357 16.88 -23.55 40.12
CA ALA B 357 17.75 -22.54 40.74
C ALA B 357 17.07 -21.18 40.76
N LEU B 358 16.32 -20.85 39.70
CA LEU B 358 15.55 -19.61 39.67
C LEU B 358 14.53 -19.54 40.80
N LEU B 359 13.90 -20.68 41.12
CA LEU B 359 13.00 -20.76 42.27
C LEU B 359 13.71 -20.42 43.56
N ARG B 360 14.95 -20.89 43.73
CA ARG B 360 15.71 -20.64 44.94
C ARG B 360 16.66 -19.44 44.79
N MET B 361 16.37 -18.51 43.88
CA MET B 361 17.26 -17.37 43.69
C MET B 361 17.30 -16.51 44.95
N PRO B 362 18.47 -16.08 45.40
CA PRO B 362 18.56 -15.32 46.67
C PRO B 362 18.06 -13.89 46.50
N PRO B 363 17.67 -13.24 47.59
CA PRO B 363 17.17 -11.87 47.48
C PRO B 363 18.26 -10.94 46.99
N PRO B 364 17.90 -9.75 46.52
CA PRO B 364 18.92 -8.80 46.06
C PRO B 364 19.55 -8.09 47.25
N ALA B 365 20.64 -7.37 46.95
CA ALA B 365 21.52 -6.78 47.95
C ALA B 365 20.87 -5.71 48.82
N ALA B 366 19.60 -5.37 48.58
CA ALA B 366 18.85 -4.43 49.41
C ALA B 366 19.57 -3.08 49.55
N ALA C 1 -9.87 -15.83 -51.10
CA ALA C 1 -9.50 -15.71 -49.69
C ALA C 1 -10.17 -16.81 -48.87
N GLU C 2 -9.45 -17.32 -47.89
CA GLU C 2 -9.93 -18.40 -47.04
C GLU C 2 -10.10 -17.87 -45.60
N LEU C 3 -9.49 -18.48 -44.60
CA LEU C 3 -9.62 -18.05 -43.22
C LEU C 3 -8.21 -17.62 -42.87
N PRO C 4 -7.93 -16.33 -42.83
CA PRO C 4 -6.57 -15.89 -42.59
C PRO C 4 -6.13 -16.26 -41.20
N PRO C 5 -4.84 -16.37 -40.98
CA PRO C 5 -4.35 -16.72 -39.65
C PRO C 5 -4.79 -15.65 -38.67
N GLY C 6 -5.65 -16.05 -37.75
CA GLY C 6 -6.14 -15.17 -36.72
C GLY C 6 -7.60 -14.82 -36.85
N ARG C 7 -8.25 -15.24 -37.94
CA ARG C 7 -9.67 -15.05 -38.08
C ARG C 7 -10.36 -16.32 -37.61
N LEU C 8 -11.49 -16.16 -36.92
CA LEU C 8 -12.23 -17.32 -36.43
C LEU C 8 -13.34 -17.75 -37.39
N ALA C 9 -13.96 -16.81 -38.10
CA ALA C 9 -15.00 -17.14 -39.04
C ALA C 9 -15.00 -16.10 -40.16
N THR C 10 -15.55 -16.48 -41.29
CA THR C 10 -15.58 -15.57 -42.42
C THR C 10 -16.60 -14.46 -42.19
N THR C 11 -16.39 -13.34 -42.88
CA THR C 11 -17.36 -12.27 -42.87
C THR C 11 -18.71 -12.74 -43.37
N GLU C 12 -18.70 -13.57 -44.42
CA GLU C 12 -19.96 -14.10 -44.93
C GLU C 12 -20.73 -14.84 -43.84
N ASP C 13 -20.02 -15.55 -42.96
CA ASP C 13 -20.67 -16.24 -41.85
C ASP C 13 -21.33 -15.27 -40.88
N TYR C 14 -20.60 -14.20 -40.48
CA TYR C 14 -21.19 -13.22 -39.57
C TYR C 14 -22.43 -12.59 -40.18
N PHE C 15 -22.35 -12.18 -41.44
CA PHE C 15 -23.52 -11.55 -42.04
C PHE C 15 -24.69 -12.52 -42.23
N ALA C 16 -24.43 -13.82 -42.18
CA ALA C 16 -25.47 -14.83 -42.39
C ALA C 16 -26.08 -15.36 -41.09
N GLN C 17 -25.63 -14.88 -39.92
CA GLN C 17 -26.09 -15.44 -38.65
C GLN C 17 -27.60 -15.37 -38.53
N GLN C 18 -28.18 -14.20 -38.82
CA GLN C 18 -29.62 -13.99 -38.70
C GLN C 18 -30.39 -14.86 -39.70
N ALA C 19 -29.86 -15.02 -40.91
CA ALA C 19 -30.52 -15.88 -41.88
C ALA C 19 -30.51 -17.34 -41.41
N LYS C 20 -29.39 -17.80 -40.86
CA LYS C 20 -29.35 -19.15 -40.34
C LYS C 20 -30.02 -19.27 -38.97
N GLN C 21 -30.42 -18.15 -38.36
CA GLN C 21 -31.03 -18.14 -37.02
C GLN C 21 -30.12 -18.81 -35.98
N ALA C 22 -28.84 -18.45 -35.98
CA ALA C 22 -27.88 -19.07 -35.08
C ALA C 22 -26.55 -18.32 -35.14
N VAL C 23 -25.92 -18.09 -33.98
CA VAL C 23 -24.65 -17.37 -33.94
C VAL C 23 -23.52 -18.32 -34.34
N THR C 24 -22.38 -17.74 -34.74
CA THR C 24 -21.22 -18.53 -35.09
C THR C 24 -20.59 -19.14 -33.83
N PRO C 25 -19.78 -20.18 -33.98
CA PRO C 25 -19.15 -20.79 -32.79
C PRO C 25 -18.28 -19.82 -32.00
N ASP C 26 -17.60 -18.89 -32.65
CA ASP C 26 -16.78 -17.96 -31.89
C ASP C 26 -17.63 -16.90 -31.18
N VAL C 27 -18.78 -16.52 -31.75
CA VAL C 27 -19.67 -15.66 -31.00
C VAL C 27 -20.21 -16.40 -29.77
N MET C 28 -20.56 -17.68 -29.93
CA MET C 28 -20.99 -18.49 -28.80
C MET C 28 -19.89 -18.56 -27.75
N ALA C 29 -18.63 -18.69 -28.20
CA ALA C 29 -17.51 -18.73 -27.27
C ALA C 29 -17.30 -17.39 -26.56
N GLN C 30 -17.67 -16.27 -27.21
CA GLN C 30 -17.62 -14.99 -26.52
C GLN C 30 -18.69 -14.93 -25.42
N LEU C 31 -19.89 -15.41 -25.72
CA LEU C 31 -20.93 -15.50 -24.71
C LEU C 31 -20.51 -16.39 -23.56
N ALA C 32 -19.74 -17.43 -23.86
CA ALA C 32 -19.25 -18.33 -22.82
C ALA C 32 -18.32 -17.57 -21.90
N TYR C 33 -17.39 -16.80 -22.48
CA TYR C 33 -16.55 -15.92 -21.66
C TYR C 33 -17.42 -14.99 -20.82
N MET C 34 -18.52 -14.49 -21.39
CA MET C 34 -19.38 -13.56 -20.65
C MET C 34 -20.15 -14.26 -19.53
N ASN C 35 -20.45 -15.56 -19.65
CA ASN C 35 -21.38 -16.22 -18.74
C ASN C 35 -20.84 -17.45 -17.98
N TYR C 36 -19.68 -18.00 -18.33
CA TYR C 36 -19.44 -19.38 -17.93
C TYR C 36 -18.89 -19.49 -16.50
N ILE C 37 -17.72 -18.85 -16.22
CA ILE C 37 -16.95 -19.13 -15.00
C ILE C 37 -17.54 -18.41 -13.80
N ASP C 38 -17.76 -19.14 -12.71
CA ASP C 38 -18.29 -18.56 -11.49
C ASP C 38 -17.47 -17.35 -11.03
N PHE C 39 -18.17 -16.31 -10.56
CA PHE C 39 -17.57 -15.18 -9.84
C PHE C 39 -16.86 -14.20 -10.75
N ILE C 40 -16.04 -14.68 -11.69
CA ILE C 40 -15.18 -13.78 -12.44
C ILE C 40 -15.71 -13.47 -13.85
N SER C 41 -16.72 -14.18 -14.34
CA SER C 41 -17.25 -13.78 -15.64
C SER C 41 -18.08 -12.50 -15.50
N PRO C 42 -18.04 -11.62 -16.51
CA PRO C 42 -18.66 -10.30 -16.34
C PRO C 42 -20.13 -10.37 -16.01
N PHE C 43 -20.87 -11.35 -16.55
CA PHE C 43 -22.32 -11.42 -16.36
C PHE C 43 -22.72 -12.56 -15.43
N TYR C 44 -21.87 -12.84 -14.43
CA TYR C 44 -22.16 -13.92 -13.50
C TYR C 44 -23.30 -13.54 -12.55
N SER C 45 -23.33 -12.30 -12.11
CA SER C 45 -24.20 -11.85 -11.03
C SER C 45 -24.69 -10.42 -11.25
N ARG C 46 -25.88 -10.12 -10.75
CA ARG C 46 -26.40 -8.76 -10.77
C ARG C 46 -25.81 -7.87 -9.70
N GLY C 47 -25.02 -8.38 -8.78
CA GLY C 47 -24.46 -7.58 -7.72
C GLY C 47 -23.43 -6.57 -8.23
N CYS C 48 -22.94 -5.75 -7.30
CA CYS C 48 -21.93 -4.73 -7.64
C CYS C 48 -20.53 -5.30 -7.52
N SER C 49 -20.33 -6.42 -8.20
CA SER C 49 -19.04 -7.09 -8.30
C SER C 49 -18.45 -6.87 -9.68
N PHE C 50 -17.15 -6.55 -9.74
CA PHE C 50 -16.55 -6.20 -11.03
C PHE C 50 -15.23 -6.91 -11.29
N GLU C 51 -15.03 -8.09 -10.70
CA GLU C 51 -13.78 -8.83 -10.91
C GLU C 51 -13.44 -8.93 -12.40
N ALA C 52 -14.43 -9.16 -13.25
CA ALA C 52 -14.14 -9.38 -14.66
C ALA C 52 -13.41 -8.18 -15.27
N TRP C 53 -13.81 -6.96 -14.91
CA TRP C 53 -13.16 -5.76 -15.43
C TRP C 53 -11.82 -5.47 -14.73
N GLU C 54 -11.70 -5.79 -13.46
CA GLU C 54 -10.39 -5.69 -12.82
C GLU C 54 -9.39 -6.62 -13.51
N LEU C 55 -9.82 -7.84 -13.86
CA LEU C 55 -8.93 -8.76 -14.57
C LEU C 55 -8.52 -8.23 -15.94
N LYS C 56 -9.40 -7.50 -16.63
CA LYS C 56 -9.04 -6.89 -17.91
C LYS C 56 -8.38 -5.52 -17.75
N HIS C 57 -8.29 -4.99 -16.53
CA HIS C 57 -7.70 -3.67 -16.31
C HIS C 57 -8.49 -2.54 -16.98
N THR C 58 -9.81 -2.69 -17.02
CA THR C 58 -10.65 -1.63 -17.57
C THR C 58 -10.54 -0.39 -16.69
N PRO C 59 -10.12 0.75 -17.20
CA PRO C 59 -10.17 1.97 -16.39
C PRO C 59 -11.60 2.20 -15.96
N GLN C 60 -11.78 2.72 -14.74
CA GLN C 60 -13.12 2.83 -14.18
C GLN C 60 -14.04 3.68 -15.07
N ARG C 61 -13.50 4.78 -15.64
CA ARG C 61 -14.33 5.66 -16.46
C ARG C 61 -14.88 4.99 -17.70
N VAL C 62 -14.35 3.83 -18.06
CA VAL C 62 -14.74 3.11 -19.29
C VAL C 62 -15.67 1.95 -19.01
N ILE C 63 -15.82 1.53 -17.75
CA ILE C 63 -16.69 0.41 -17.43
C ILE C 63 -18.10 0.66 -17.94
N LYS C 64 -18.60 1.90 -17.82
CA LYS C 64 -19.96 2.18 -18.29
C LYS C 64 -20.10 1.93 -19.79
N TYR C 65 -19.06 2.20 -20.55
CA TYR C 65 -19.14 1.94 -21.99
C TYR C 65 -19.01 0.44 -22.27
N SER C 66 -18.15 -0.27 -21.53
CA SER C 66 -18.06 -1.71 -21.66
C SER C 66 -19.42 -2.38 -21.46
N ILE C 67 -20.13 -2.03 -20.38
CA ILE C 67 -21.45 -2.59 -20.09
C ILE C 67 -22.45 -2.26 -21.20
N ALA C 68 -22.47 -1.00 -21.65
CA ALA C 68 -23.42 -0.59 -22.67
C ALA C 68 -23.22 -1.32 -23.98
N PHE C 69 -21.96 -1.43 -24.42
CA PHE C 69 -21.67 -2.08 -25.69
C PHE C 69 -21.94 -3.58 -25.64
N TYR C 70 -21.67 -4.23 -24.50
CA TYR C 70 -22.14 -5.59 -24.29
C TYR C 70 -23.66 -5.67 -24.47
N ALA C 71 -24.38 -4.76 -23.84
CA ALA C 71 -25.84 -4.76 -23.92
C ALA C 71 -26.31 -4.65 -25.35
N TYR C 72 -25.71 -3.74 -26.14
CA TYR C 72 -26.13 -3.57 -27.53
C TYR C 72 -25.92 -4.85 -28.33
N GLY C 73 -24.81 -5.56 -28.08
CA GLY C 73 -24.61 -6.84 -28.73
C GLY C 73 -25.63 -7.89 -28.29
N LEU C 74 -25.92 -7.93 -26.99
CA LEU C 74 -26.93 -8.87 -26.51
C LEU C 74 -28.29 -8.59 -27.13
N ALA C 75 -28.60 -7.33 -27.45
CA ALA C 75 -29.88 -7.05 -28.12
C ALA C 75 -29.92 -7.75 -29.47
N SER C 76 -28.82 -7.68 -30.23
CA SER C 76 -28.78 -8.36 -31.52
C SER C 76 -28.74 -9.87 -31.36
N VAL C 77 -28.03 -10.39 -30.34
CA VAL C 77 -28.07 -11.84 -30.13
C VAL C 77 -29.52 -12.28 -29.92
N ALA C 78 -30.31 -11.47 -29.21
CA ALA C 78 -31.72 -11.82 -29.03
C ALA C 78 -32.43 -11.95 -30.36
N LEU C 79 -32.16 -11.01 -31.28
CA LEU C 79 -32.81 -10.97 -32.59
C LEU C 79 -32.25 -12.03 -33.54
N ILE C 80 -30.96 -12.35 -33.46
CA ILE C 80 -30.36 -13.34 -34.35
C ILE C 80 -30.90 -14.73 -34.05
N ASP C 81 -30.81 -15.14 -32.79
CA ASP C 81 -30.96 -16.55 -32.38
C ASP C 81 -32.05 -16.66 -31.33
N PRO C 82 -33.27 -17.00 -31.72
CA PRO C 82 -34.35 -17.18 -30.72
C PRO C 82 -33.98 -18.14 -29.61
N LYS C 83 -33.20 -19.19 -29.90
CA LYS C 83 -32.78 -20.14 -28.87
C LYS C 83 -31.96 -19.48 -27.76
N LEU C 84 -31.31 -18.35 -28.05
CA LEU C 84 -30.49 -17.64 -27.08
C LEU C 84 -31.18 -16.41 -26.48
N ARG C 85 -32.45 -16.16 -26.83
CA ARG C 85 -33.09 -14.91 -26.41
C ARG C 85 -33.27 -14.86 -24.89
N ALA C 86 -33.63 -15.97 -24.26
CA ALA C 86 -33.75 -15.92 -22.80
C ALA C 86 -32.42 -15.59 -22.15
N LEU C 87 -31.33 -16.16 -22.67
CA LEU C 87 -30.02 -15.85 -22.14
C LEU C 87 -29.71 -14.36 -22.28
N ALA C 88 -29.92 -13.81 -23.47
CA ALA C 88 -29.68 -12.39 -23.68
C ALA C 88 -30.52 -11.55 -22.73
N GLY C 89 -31.78 -11.93 -22.54
CA GLY C 89 -32.60 -11.20 -21.58
C GLY C 89 -32.01 -11.20 -20.18
N HIS C 90 -31.60 -12.36 -19.71
CA HIS C 90 -30.96 -12.45 -18.40
C HIS C 90 -29.70 -11.59 -18.34
N ASP C 91 -28.86 -11.66 -19.38
CA ASP C 91 -27.64 -10.83 -19.38
C ASP C 91 -27.98 -9.34 -19.34
N LEU C 92 -28.98 -8.93 -20.13
CA LEU C 92 -29.37 -7.53 -20.13
C LEU C 92 -29.84 -7.11 -18.73
N ASP C 93 -30.61 -7.96 -18.06
CA ASP C 93 -31.01 -7.67 -16.69
C ASP C 93 -29.78 -7.38 -15.84
N ILE C 94 -28.75 -8.22 -15.97
CA ILE C 94 -27.53 -8.01 -15.21
C ILE C 94 -26.82 -6.76 -15.66
N ALA C 95 -26.83 -6.50 -16.97
CA ALA C 95 -26.18 -5.31 -17.49
C ALA C 95 -26.81 -4.05 -16.89
N VAL C 96 -28.14 -3.96 -16.89
CA VAL C 96 -28.82 -2.80 -16.32
C VAL C 96 -28.49 -2.67 -14.84
N SER C 97 -28.54 -3.77 -14.10
CA SER C 97 -28.28 -3.74 -12.66
C SER C 97 -26.85 -3.25 -12.36
N LYS C 98 -25.87 -3.79 -13.07
CA LYS C 98 -24.49 -3.36 -12.85
C LYS C 98 -24.27 -1.92 -13.27
N MET C 99 -24.99 -1.47 -14.32
CA MET C 99 -24.87 -0.10 -14.79
C MET C 99 -25.23 0.91 -13.72
N LYS C 100 -25.96 0.50 -12.69
CA LYS C 100 -26.40 1.44 -11.67
C LYS C 100 -25.50 1.47 -10.43
N CYS C 101 -24.45 0.65 -10.39
CA CYS C 101 -23.53 0.65 -9.26
C CYS C 101 -22.66 1.90 -9.24
N LYS C 102 -22.35 2.36 -8.03
CA LYS C 102 -21.55 3.57 -7.89
C LYS C 102 -20.17 3.42 -8.54
N ARG C 103 -19.65 2.19 -8.64
CA ARG C 103 -18.40 1.98 -9.34
C ARG C 103 -18.49 2.38 -10.81
N VAL C 104 -19.69 2.32 -11.40
CA VAL C 104 -19.85 2.66 -12.80
C VAL C 104 -20.09 4.17 -12.99
N TRP C 105 -20.92 4.79 -12.15
CA TRP C 105 -21.20 6.21 -12.34
C TRP C 105 -20.43 7.11 -11.40
N GLY C 106 -19.63 6.54 -10.49
CA GLY C 106 -19.04 7.33 -9.42
C GLY C 106 -18.14 8.47 -9.89
N ASP C 107 -17.57 8.37 -11.09
CA ASP C 107 -16.68 9.43 -11.58
C ASP C 107 -17.37 10.80 -11.54
N TRP C 108 -18.66 10.82 -11.86
CA TRP C 108 -19.43 12.07 -11.83
C TRP C 108 -19.35 12.72 -10.45
N GLU C 109 -19.41 11.91 -9.40
CA GLU C 109 -19.35 12.45 -8.05
C GLU C 109 -17.90 12.75 -7.65
N GLU C 110 -16.95 11.89 -8.04
CA GLU C 110 -15.54 12.14 -7.76
C GLU C 110 -15.05 13.44 -8.38
N ASP C 111 -15.52 13.75 -9.59
CA ASP C 111 -15.12 14.98 -10.29
C ASP C 111 -15.79 16.22 -9.73
N GLY C 112 -16.74 16.07 -8.80
CA GLY C 112 -17.35 17.18 -8.13
C GLY C 112 -18.64 17.70 -8.74
N PHE C 113 -19.25 16.95 -9.66
CA PHE C 113 -20.45 17.41 -10.35
C PHE C 113 -21.75 17.13 -9.60
N GLY C 114 -21.72 16.37 -8.52
CA GLY C 114 -22.94 16.14 -7.77
C GLY C 114 -23.11 14.70 -7.35
N THR C 115 -24.18 14.40 -6.61
CA THR C 115 -24.44 13.06 -6.12
C THR C 115 -25.45 12.29 -6.96
N ASP C 116 -26.16 12.97 -7.86
CA ASP C 116 -27.17 12.34 -8.71
C ASP C 116 -26.63 12.22 -10.13
N PRO C 117 -26.36 11.02 -10.63
CA PRO C 117 -25.79 10.90 -11.98
C PRO C 117 -26.80 11.07 -13.12
N ILE C 118 -28.10 11.18 -12.82
CA ILE C 118 -29.10 11.30 -13.89
C ILE C 118 -29.83 12.62 -13.86
N GLU C 119 -29.70 13.43 -12.79
CA GLU C 119 -30.52 14.63 -12.62
C GLU C 119 -30.34 15.62 -13.78
N LYS C 120 -29.10 15.97 -14.09
CA LYS C 120 -28.81 16.97 -15.11
C LYS C 120 -27.53 16.60 -15.84
N GLU C 121 -27.50 16.89 -17.14
CA GLU C 121 -26.29 16.70 -17.95
C GLU C 121 -25.87 15.22 -17.83
N ASN C 122 -24.57 14.96 -17.88
CA ASN C 122 -24.05 13.60 -17.79
C ASN C 122 -24.75 12.69 -18.79
N ILE C 123 -25.02 13.23 -19.98
CA ILE C 123 -25.69 12.42 -20.99
C ILE C 123 -24.80 11.24 -21.39
N MET C 124 -23.48 11.38 -21.22
CA MET C 124 -22.56 10.28 -21.52
C MET C 124 -22.89 9.01 -20.71
N TYR C 125 -23.48 9.16 -19.53
CA TYR C 125 -23.88 8.02 -18.70
C TYR C 125 -25.36 7.69 -18.85
N LYS C 126 -26.24 8.64 -18.53
CA LYS C 126 -27.66 8.34 -18.48
C LYS C 126 -28.21 8.07 -19.87
N GLY C 127 -27.51 8.50 -20.93
CA GLY C 127 -27.94 8.14 -22.27
C GLY C 127 -27.88 6.65 -22.52
N HIS C 128 -26.72 6.04 -22.24
CA HIS C 128 -26.57 4.60 -22.37
C HIS C 128 -27.51 3.87 -21.43
N LEU C 129 -27.65 4.36 -20.20
CA LEU C 129 -28.56 3.69 -19.29
C LEU C 129 -29.97 3.68 -19.85
N ASN C 130 -30.41 4.79 -20.42
CA ASN C 130 -31.79 4.86 -20.94
C ASN C 130 -31.99 3.89 -22.11
N LEU C 131 -31.01 3.81 -23.02
CA LEU C 131 -31.12 2.85 -24.12
C LEU C 131 -31.17 1.42 -23.62
N MET C 132 -30.37 1.08 -22.59
CA MET C 132 -30.41 -0.25 -22.00
C MET C 132 -31.76 -0.57 -21.34
N TYR C 133 -32.35 0.39 -20.61
CA TYR C 133 -33.70 0.17 -20.10
C TYR C 133 -34.61 -0.33 -21.21
N GLY C 134 -34.64 0.40 -22.34
CA GLY C 134 -35.58 0.06 -23.39
C GLY C 134 -35.21 -1.22 -24.10
N LEU C 135 -33.92 -1.42 -24.43
CA LEU C 135 -33.51 -2.68 -25.06
C LEU C 135 -33.88 -3.87 -24.19
N TYR C 136 -33.72 -3.75 -22.88
CA TYR C 136 -34.11 -4.85 -22.00
C TYR C 136 -35.60 -5.17 -22.15
N GLN C 137 -36.44 -4.14 -22.24
CA GLN C 137 -37.88 -4.40 -22.28
C GLN C 137 -38.30 -5.02 -23.61
N LEU C 138 -37.67 -4.60 -24.71
CA LEU C 138 -37.93 -5.20 -26.02
C LEU C 138 -37.58 -6.69 -26.06
N VAL C 139 -36.45 -7.07 -25.49
CA VAL C 139 -36.00 -8.45 -25.54
C VAL C 139 -36.88 -9.34 -24.69
N THR C 140 -37.18 -8.90 -23.47
CA THR C 140 -37.84 -9.72 -22.46
C THR C 140 -39.36 -9.52 -22.36
N GLY C 141 -39.87 -8.32 -22.63
CA GLY C 141 -41.24 -7.98 -22.32
C GLY C 141 -41.49 -7.62 -20.86
N SER C 142 -40.47 -7.66 -20.01
CA SER C 142 -40.56 -7.33 -18.60
C SER C 142 -40.65 -5.83 -18.38
N ARG C 143 -41.47 -5.42 -17.41
CA ARG C 143 -41.61 -4.05 -16.98
C ARG C 143 -40.78 -3.75 -15.73
N ARG C 144 -39.84 -4.64 -15.41
CA ARG C 144 -38.98 -4.49 -14.25
C ARG C 144 -38.44 -3.07 -14.09
N TYR C 145 -37.96 -2.47 -15.18
CA TYR C 145 -37.39 -1.13 -15.10
C TYR C 145 -38.27 -0.06 -15.71
N GLU C 146 -39.53 -0.37 -15.99
CA GLU C 146 -40.36 0.54 -16.78
C GLU C 146 -40.51 1.90 -16.11
N ALA C 147 -40.76 1.93 -14.80
CA ALA C 147 -40.89 3.23 -14.13
C ALA C 147 -39.63 4.06 -14.33
N GLU C 148 -38.46 3.46 -14.08
CA GLU C 148 -37.20 4.18 -14.22
C GLU C 148 -36.98 4.61 -15.66
N HIS C 149 -37.35 3.75 -16.60
CA HIS C 149 -37.27 4.09 -18.01
C HIS C 149 -38.10 5.35 -18.32
N ALA C 150 -39.34 5.40 -17.81
CA ALA C 150 -40.18 6.57 -18.07
C ALA C 150 -39.62 7.83 -17.41
N HIS C 151 -39.05 7.68 -16.21
CA HIS C 151 -38.50 8.82 -15.50
C HIS C 151 -37.24 9.37 -16.20
N LEU C 152 -36.31 8.48 -16.60
CA LEU C 152 -35.10 8.94 -17.26
C LEU C 152 -35.42 9.46 -18.66
N THR C 153 -36.39 8.85 -19.33
CA THR C 153 -36.80 9.35 -20.64
C THR C 153 -37.41 10.75 -20.54
N ARG C 154 -38.14 11.01 -19.45
CA ARG C 154 -38.72 12.34 -19.26
C ARG C 154 -37.67 13.36 -18.89
N ILE C 155 -36.66 12.95 -18.11
CA ILE C 155 -35.53 13.84 -17.82
C ILE C 155 -34.83 14.22 -19.12
N ILE C 156 -34.48 13.23 -19.94
CA ILE C 156 -33.81 13.54 -21.19
C ILE C 156 -34.67 14.47 -22.05
N HIS C 157 -35.93 14.10 -22.26
CA HIS C 157 -36.81 14.89 -23.13
C HIS C 157 -36.92 16.35 -22.66
N ASP C 158 -37.07 16.55 -21.35
CA ASP C 158 -37.19 17.92 -20.83
C ASP C 158 -35.91 18.71 -21.07
N GLU C 159 -34.76 18.07 -20.85
CA GLU C 159 -33.49 18.78 -21.02
C GLU C 159 -33.29 19.21 -22.47
N ILE C 160 -33.66 18.35 -23.42
CA ILE C 160 -33.64 18.75 -24.83
C ILE C 160 -34.50 19.98 -25.02
N ALA C 161 -35.71 19.97 -24.45
CA ALA C 161 -36.65 21.09 -24.64
C ALA C 161 -36.11 22.41 -24.12
N ALA C 162 -35.27 22.38 -23.09
CA ALA C 162 -34.83 23.62 -22.47
C ALA C 162 -33.60 24.23 -23.13
N ASN C 163 -32.89 23.48 -23.98
CA ASN C 163 -31.63 24.01 -24.49
C ASN C 163 -31.83 24.80 -25.79
N PRO C 164 -31.14 25.94 -25.95
CA PRO C 164 -31.22 26.67 -27.24
C PRO C 164 -30.60 25.91 -28.40
N PHE C 165 -29.53 25.16 -28.16
CA PHE C 165 -29.03 24.21 -29.14
C PHE C 165 -29.82 22.91 -29.02
N ALA C 166 -29.66 22.03 -30.00
CA ALA C 166 -30.37 20.76 -30.02
C ALA C 166 -29.51 19.72 -29.33
N GLY C 167 -30.01 19.17 -28.21
CA GLY C 167 -29.29 18.14 -27.48
C GLY C 167 -29.00 18.42 -26.01
N ILE C 168 -28.07 17.66 -25.44
CA ILE C 168 -27.71 17.72 -24.02
C ILE C 168 -26.20 17.61 -23.90
N VAL C 169 -25.64 18.31 -22.91
CA VAL C 169 -24.19 18.31 -22.68
C VAL C 169 -23.84 17.22 -21.67
N CYS C 170 -22.55 16.85 -21.63
CA CYS C 170 -22.04 15.94 -20.61
C CYS C 170 -21.67 16.70 -19.33
N GLU C 171 -20.87 17.73 -19.49
CA GLU C 171 -20.48 18.66 -18.45
CA GLU C 171 -20.52 18.66 -18.42
C GLU C 171 -20.87 20.06 -18.90
N PRO C 172 -20.89 21.05 -18.01
CA PRO C 172 -21.18 22.41 -18.48
C PRO C 172 -20.24 22.81 -19.62
N ASP C 173 -20.80 23.07 -20.79
CA ASP C 173 -20.07 23.55 -21.95
C ASP C 173 -19.27 22.45 -22.65
N ASN C 174 -19.63 21.18 -22.49
CA ASN C 174 -19.01 20.06 -23.22
C ASN C 174 -20.11 19.27 -23.91
N TYR C 175 -20.23 19.45 -25.21
CA TYR C 175 -21.25 18.80 -26.01
C TYR C 175 -20.61 17.79 -26.95
N PHE C 176 -21.05 16.55 -26.89
CA PHE C 176 -20.51 15.49 -27.72
C PHE C 176 -21.64 14.90 -28.54
N VAL C 177 -21.48 14.92 -29.85
CA VAL C 177 -22.55 14.49 -30.73
C VAL C 177 -22.80 12.98 -30.57
N GLN C 178 -21.73 12.19 -30.36
CA GLN C 178 -21.91 10.73 -30.25
C GLN C 178 -22.72 10.36 -29.01
N CYS C 179 -22.54 11.09 -27.90
CA CYS C 179 -23.35 10.84 -26.72
C CYS C 179 -24.80 11.30 -26.92
N ASN C 180 -25.02 12.35 -27.71
CA ASN C 180 -26.39 12.74 -28.05
C ASN C 180 -27.07 11.66 -28.91
N SER C 181 -26.33 11.03 -29.82
CA SER C 181 -26.91 10.00 -30.67
C SER C 181 -27.43 8.80 -29.88
N VAL C 182 -26.76 8.43 -28.78
CA VAL C 182 -27.32 7.38 -27.92
C VAL C 182 -28.63 7.85 -27.33
N ALA C 183 -28.68 9.10 -26.87
CA ALA C 183 -29.87 9.57 -26.18
C ALA C 183 -31.08 9.66 -27.11
N TYR C 184 -30.90 10.23 -28.31
CA TYR C 184 -32.05 10.30 -29.23
C TYR C 184 -32.50 8.90 -29.63
N LEU C 185 -31.56 8.00 -29.90
CA LEU C 185 -31.94 6.62 -30.21
C LEU C 185 -32.77 6.00 -29.09
N SER C 186 -32.47 6.34 -27.83
CA SER C 186 -33.28 5.80 -26.74
C SER C 186 -34.70 6.35 -26.76
N LEU C 187 -34.88 7.56 -27.31
CA LEU C 187 -36.23 8.08 -27.44
C LEU C 187 -37.04 7.24 -28.42
N TRP C 188 -36.40 6.75 -29.49
CA TRP C 188 -37.12 5.91 -30.43
C TRP C 188 -37.52 4.59 -29.77
N VAL C 189 -36.65 4.04 -28.93
CA VAL C 189 -36.98 2.82 -28.20
C VAL C 189 -38.18 3.05 -27.31
N TYR C 190 -38.21 4.18 -26.62
CA TYR C 190 -39.39 4.45 -25.79
C TYR C 190 -40.65 4.53 -26.65
N ASP C 191 -40.57 5.21 -27.80
CA ASP C 191 -41.73 5.30 -28.71
C ASP C 191 -42.17 3.92 -29.21
N ARG C 192 -41.23 3.02 -29.51
CA ARG C 192 -41.66 1.70 -29.96
C ARG C 192 -42.35 0.94 -28.85
N LEU C 193 -41.86 1.06 -27.61
CA LEU C 193 -42.46 0.33 -26.50
C LEU C 193 -43.82 0.89 -26.09
N HIS C 194 -44.01 2.20 -26.17
CA HIS C 194 -45.27 2.80 -25.76
C HIS C 194 -45.88 3.56 -26.95
N GLY C 195 -46.85 4.40 -26.68
CA GLY C 195 -47.36 5.03 -27.87
C GLY C 195 -46.75 6.36 -28.18
N THR C 196 -45.76 6.76 -27.39
CA THR C 196 -45.31 8.14 -27.36
C THR C 196 -44.67 8.56 -28.68
N ASP C 197 -44.40 9.86 -28.80
CA ASP C 197 -43.73 10.46 -29.95
C ASP C 197 -42.54 11.31 -29.51
N TYR C 198 -41.79 10.85 -28.50
CA TYR C 198 -40.62 11.62 -28.06
C TYR C 198 -39.61 11.84 -29.18
N ARG C 199 -39.54 10.93 -30.16
CA ARG C 199 -38.57 11.00 -31.25
C ARG C 199 -38.75 12.21 -32.15
N ALA C 200 -39.85 12.96 -32.01
CA ALA C 200 -40.07 14.10 -32.89
C ALA C 200 -38.94 15.11 -32.80
N ALA C 201 -38.22 15.16 -31.68
CA ALA C 201 -37.12 16.10 -31.56
C ALA C 201 -35.91 15.69 -32.39
N THR C 202 -35.92 14.51 -33.00
CA THR C 202 -34.73 14.08 -33.71
C THR C 202 -34.48 14.96 -34.91
N ARG C 203 -35.53 15.50 -35.50
CA ARG C 203 -35.39 16.32 -36.70
C ARG C 203 -34.54 17.56 -36.42
N ALA C 204 -34.91 18.35 -35.39
CA ALA C 204 -34.14 19.54 -35.07
C ALA C 204 -32.69 19.19 -34.77
N TRP C 205 -32.45 18.03 -34.20
CA TRP C 205 -31.08 17.64 -33.86
C TRP C 205 -30.26 17.34 -35.11
N LEU C 206 -30.85 16.60 -36.06
CA LEU C 206 -30.15 16.32 -37.32
C LEU C 206 -29.89 17.60 -38.13
N ASP C 207 -30.84 18.54 -38.10
CA ASP C 207 -30.59 19.84 -38.74
C ASP C 207 -29.44 20.56 -38.07
N PHE C 208 -29.39 20.50 -36.74
CA PHE C 208 -28.39 21.26 -36.01
C PHE C 208 -26.99 20.69 -36.24
N ILE C 209 -26.82 19.37 -36.10
CA ILE C 209 -25.48 18.79 -36.26
C ILE C 209 -25.03 18.86 -37.71
N GLN C 210 -25.98 18.85 -38.66
CA GLN C 210 -25.58 18.93 -40.06
C GLN C 210 -25.07 20.32 -40.42
N LYS C 211 -25.58 21.36 -39.77
CA LYS C 211 -25.16 22.70 -40.12
C LYS C 211 -23.97 23.21 -39.30
N ASP C 212 -23.75 22.69 -38.10
CA ASP C 212 -22.77 23.27 -37.17
C ASP C 212 -21.63 22.34 -36.80
N LEU C 213 -21.87 21.05 -36.68
CA LEU C 213 -20.92 20.15 -36.06
C LEU C 213 -20.21 19.21 -37.04
N ILE C 214 -20.61 19.21 -38.31
CA ILE C 214 -20.05 18.29 -39.30
C ILE C 214 -19.40 19.07 -40.42
N ASP C 215 -18.28 18.55 -40.90
CA ASP C 215 -17.66 19.04 -42.12
C ASP C 215 -18.25 18.30 -43.32
N PRO C 216 -19.23 18.89 -44.02
CA PRO C 216 -19.92 18.14 -45.08
C PRO C 216 -18.98 17.65 -46.18
N GLU C 217 -17.89 18.37 -46.44
CA GLU C 217 -16.97 17.97 -47.50
C GLU C 217 -16.24 16.68 -47.16
N ARG C 218 -15.75 16.56 -45.92
CA ARG C 218 -14.99 15.38 -45.48
C ARG C 218 -15.85 14.30 -44.82
N GLY C 219 -17.15 14.54 -44.66
CA GLY C 219 -18.02 13.57 -44.02
C GLY C 219 -17.58 13.25 -42.61
N ALA C 220 -17.19 14.27 -41.85
CA ALA C 220 -16.60 14.05 -40.54
C ALA C 220 -17.09 15.10 -39.55
N PHE C 221 -17.37 14.65 -38.32
CA PHE C 221 -17.73 15.53 -37.21
C PHE C 221 -16.48 16.05 -36.51
N TYR C 222 -16.61 17.24 -35.96
CA TYR C 222 -15.52 17.74 -35.13
C TYR C 222 -15.59 17.07 -33.77
N LEU C 223 -14.48 17.13 -33.03
CA LEU C 223 -14.33 16.38 -31.79
C LEU C 223 -15.47 16.69 -30.83
N SER C 224 -15.79 17.97 -30.67
CA SER C 224 -16.80 18.38 -29.71
C SER C 224 -17.15 19.85 -29.94
N TYR C 225 -18.25 20.25 -29.33
CA TYR C 225 -18.83 21.58 -29.39
C TYR C 225 -19.05 22.10 -27.98
N HIS C 226 -18.97 23.42 -27.83
CA HIS C 226 -19.02 24.07 -26.52
C HIS C 226 -19.96 25.26 -26.61
N PRO C 227 -21.23 25.07 -26.23
CA PRO C 227 -22.23 26.13 -26.50
C PRO C 227 -21.93 27.43 -25.79
N GLU C 228 -21.58 27.39 -24.49
CA GLU C 228 -21.39 28.61 -23.71
C GLU C 228 -20.37 29.54 -24.36
N SER C 229 -19.23 29.00 -24.78
CA SER C 229 -18.18 29.78 -25.44
C SER C 229 -18.29 29.77 -26.96
N GLY C 230 -19.32 29.17 -27.53
CA GLY C 230 -19.43 29.09 -28.97
C GLY C 230 -18.32 28.32 -29.65
N ALA C 231 -17.54 27.54 -28.89
CA ALA C 231 -16.37 26.88 -29.45
C ALA C 231 -16.70 25.52 -30.06
N VAL C 232 -15.96 25.17 -31.09
CA VAL C 232 -15.94 23.83 -31.66
C VAL C 232 -14.49 23.43 -31.79
N LYS C 233 -14.12 22.29 -31.21
CA LYS C 233 -12.73 21.87 -31.29
C LYS C 233 -12.36 21.59 -32.74
N PRO C 234 -11.31 22.19 -33.25
CA PRO C 234 -11.08 22.21 -34.70
C PRO C 234 -10.53 20.95 -35.34
N TRP C 235 -10.59 19.81 -34.66
CA TRP C 235 -10.11 18.55 -35.20
C TRP C 235 -11.31 17.66 -35.51
N ILE C 236 -11.28 16.98 -36.66
CA ILE C 236 -12.30 15.99 -36.99
C ILE C 236 -11.86 14.66 -36.40
N SER C 237 -12.82 13.86 -35.93
CA SER C 237 -12.54 12.64 -35.20
C SER C 237 -13.17 11.46 -35.92
N ALA C 238 -12.36 10.45 -36.24
CA ALA C 238 -12.91 9.26 -36.90
C ALA C 238 -13.80 8.47 -35.95
N TYR C 239 -13.31 8.20 -34.74
CA TYR C 239 -14.09 7.36 -33.84
C TYR C 239 -15.41 8.03 -33.48
N THR C 240 -15.37 9.35 -33.30
CA THR C 240 -16.60 10.11 -33.09
C THR C 240 -17.57 9.93 -34.24
N THR C 241 -17.08 10.11 -35.48
CA THR C 241 -17.94 10.09 -36.67
C THR C 241 -18.48 8.69 -36.92
N ALA C 242 -17.64 7.67 -36.80
CA ALA C 242 -18.08 6.31 -37.08
C ALA C 242 -19.23 5.92 -36.16
N TRP C 243 -19.06 6.18 -34.85
CA TRP C 243 -20.11 5.92 -33.86
C TRP C 243 -21.38 6.70 -34.18
N THR C 244 -21.27 8.02 -34.41
CA THR C 244 -22.47 8.81 -34.63
C THR C 244 -23.20 8.34 -35.87
N LEU C 245 -22.47 8.12 -36.96
CA LEU C 245 -23.11 7.68 -38.20
C LEU C 245 -23.79 6.33 -38.03
N ALA C 246 -23.19 5.43 -37.26
CA ALA C 246 -23.79 4.11 -37.07
C ALA C 246 -25.14 4.24 -36.39
N MET C 247 -25.20 5.01 -35.30
CA MET C 247 -26.43 5.15 -34.55
C MET C 247 -27.44 6.02 -35.28
N VAL C 248 -26.98 7.09 -35.95
CA VAL C 248 -27.92 7.92 -36.70
C VAL C 248 -28.52 7.12 -37.85
N HIS C 249 -27.77 6.14 -38.38
CA HIS C 249 -28.27 5.33 -39.48
C HIS C 249 -29.55 4.56 -39.12
N GLY C 250 -29.78 4.29 -37.84
CA GLY C 250 -31.00 3.62 -37.42
C GLY C 250 -32.19 4.55 -37.27
N MET C 251 -31.96 5.85 -37.16
CA MET C 251 -33.05 6.81 -37.06
C MET C 251 -33.35 7.48 -38.38
N ASP C 252 -32.29 7.84 -39.12
CA ASP C 252 -32.41 8.50 -40.42
C ASP C 252 -31.36 7.90 -41.35
N PRO C 253 -31.70 6.82 -42.04
CA PRO C 253 -30.69 6.15 -42.89
C PRO C 253 -30.09 7.05 -43.95
N ALA C 254 -30.91 7.90 -44.59
CA ALA C 254 -30.42 8.75 -45.68
C ALA C 254 -29.24 9.61 -45.23
N PHE C 255 -29.32 10.15 -44.00
CA PHE C 255 -28.26 10.98 -43.45
C PHE C 255 -26.91 10.25 -43.50
N SER C 256 -26.86 9.03 -42.98
CA SER C 256 -25.59 8.32 -42.90
C SER C 256 -25.12 7.87 -44.28
N GLU C 257 -26.04 7.50 -45.16
CA GLU C 257 -25.64 7.05 -46.49
C GLU C 257 -24.97 8.18 -47.25
N ARG C 258 -25.36 9.43 -46.99
CA ARG C 258 -24.76 10.55 -47.71
C ARG C 258 -23.32 10.80 -47.23
N TYR C 259 -23.06 10.69 -45.94
CA TYR C 259 -21.71 11.01 -45.49
C TYR C 259 -20.77 9.81 -45.48
N TYR C 260 -21.28 8.58 -45.55
CA TYR C 260 -20.42 7.42 -45.44
C TYR C 260 -19.29 7.41 -46.47
N PRO C 261 -19.53 7.62 -47.76
CA PRO C 261 -18.42 7.53 -48.71
C PRO C 261 -17.31 8.52 -48.42
N ARG C 262 -17.67 9.75 -48.05
CA ARG C 262 -16.66 10.77 -47.76
C ARG C 262 -15.89 10.44 -46.49
N PHE C 263 -16.58 9.85 -45.49
CA PHE C 263 -15.90 9.40 -44.29
C PHE C 263 -14.82 8.39 -44.63
N LYS C 264 -15.10 7.47 -45.56
CA LYS C 264 -14.08 6.48 -45.89
C LYS C 264 -12.88 7.12 -46.57
N GLN C 265 -13.14 8.04 -47.48
CA GLN C 265 -12.08 8.80 -48.12
C GLN C 265 -11.26 9.57 -47.09
N THR C 266 -11.93 10.12 -46.09
CA THR C 266 -11.21 10.95 -45.14
C THR C 266 -10.36 10.11 -44.21
N PHE C 267 -10.88 8.99 -43.71
CA PHE C 267 -10.25 8.31 -42.57
C PHE C 267 -9.70 6.92 -42.86
N VAL C 268 -10.25 6.18 -43.84
CA VAL C 268 -9.95 4.76 -43.98
C VAL C 268 -8.74 4.56 -44.89
N GLU C 269 -7.81 3.71 -44.45
CA GLU C 269 -6.59 3.40 -45.19
C GLU C 269 -6.57 1.91 -45.49
N VAL C 270 -6.74 1.56 -46.77
CA VAL C 270 -6.68 0.18 -47.24
C VAL C 270 -5.25 -0.18 -47.55
N TYR C 271 -4.86 -1.41 -47.23
CA TYR C 271 -3.47 -1.81 -47.50
C TYR C 271 -3.41 -3.34 -47.60
N ASP C 272 -2.20 -3.84 -47.78
CA ASP C 272 -1.95 -5.28 -47.88
C ASP C 272 -2.79 -5.93 -48.98
N GLU C 273 -2.67 -5.38 -50.22
CA GLU C 273 -3.35 -5.89 -51.40
C GLU C 273 -4.86 -5.99 -51.21
N GLY C 274 -5.45 -4.99 -50.58
CA GLY C 274 -6.88 -4.98 -50.38
C GLY C 274 -7.36 -5.89 -49.28
N ARG C 275 -6.48 -6.58 -48.58
CA ARG C 275 -7.01 -7.50 -47.59
C ARG C 275 -7.19 -6.87 -46.21
N LYS C 276 -6.57 -5.72 -45.93
CA LYS C 276 -6.69 -5.08 -44.62
C LYS C 276 -7.04 -3.58 -44.73
N ALA C 277 -7.51 -3.04 -43.61
CA ALA C 277 -7.76 -1.62 -43.45
C ALA C 277 -7.53 -1.22 -41.99
N ARG C 278 -7.03 0.02 -41.83
CA ARG C 278 -6.89 0.69 -40.55
C ARG C 278 -7.40 2.12 -40.75
N VAL C 279 -7.66 2.84 -39.66
CA VAL C 279 -8.38 4.12 -39.69
C VAL C 279 -7.55 5.22 -38.98
N ARG C 280 -7.35 6.35 -39.68
CA ARG C 280 -6.79 7.54 -39.05
C ARG C 280 -7.81 8.13 -38.09
N GLU C 281 -7.38 8.50 -36.87
CA GLU C 281 -8.29 9.10 -35.91
C GLU C 281 -8.65 10.55 -36.27
N THR C 282 -7.73 11.29 -36.87
CA THR C 282 -7.97 12.68 -37.24
C THR C 282 -7.24 12.96 -38.54
N ALA C 283 -7.54 14.10 -39.13
CA ALA C 283 -6.93 14.51 -40.39
C ALA C 283 -5.52 15.03 -40.15
N GLY C 284 -4.71 14.98 -41.19
CA GLY C 284 -3.36 15.51 -41.08
C GLY C 284 -2.32 14.55 -40.55
N THR C 285 -2.61 13.25 -40.53
CA THR C 285 -1.67 12.24 -40.06
C THR C 285 -1.88 10.97 -40.86
N ASP C 286 -0.84 10.13 -40.91
CA ASP C 286 -1.02 8.78 -41.42
C ASP C 286 -1.07 7.73 -40.33
N ASP C 287 -0.80 8.09 -39.08
CA ASP C 287 -0.92 7.13 -37.99
C ASP C 287 -2.38 6.67 -37.86
N ALA C 288 -2.57 5.39 -37.61
CA ALA C 288 -3.91 4.86 -37.39
C ALA C 288 -4.21 4.76 -35.90
N ASP C 289 -5.47 5.00 -35.55
CA ASP C 289 -5.98 4.75 -34.22
C ASP C 289 -5.22 5.58 -33.17
N GLY C 290 -5.03 6.86 -33.46
CA GLY C 290 -4.56 7.79 -32.46
C GLY C 290 -5.69 8.17 -31.51
N GLY C 291 -5.42 9.14 -30.67
CA GLY C 291 -6.43 9.56 -29.71
C GLY C 291 -6.78 8.42 -28.78
N VAL C 292 -8.09 8.16 -28.61
CA VAL C 292 -8.52 7.09 -27.72
C VAL C 292 -8.27 5.71 -28.31
N GLY C 293 -7.83 5.62 -29.56
CA GLY C 293 -7.44 4.35 -30.16
C GLY C 293 -8.58 3.46 -30.64
N LEU C 294 -9.77 4.04 -30.87
CA LEU C 294 -10.96 3.27 -31.17
C LEU C 294 -11.53 3.56 -32.56
N ALA C 295 -10.79 4.30 -33.40
CA ALA C 295 -11.29 4.62 -34.74
C ALA C 295 -11.57 3.38 -35.55
N SER C 296 -10.59 2.47 -35.63
CA SER C 296 -10.79 1.25 -36.42
C SER C 296 -11.93 0.41 -35.84
N ALA C 297 -11.98 0.25 -34.52
CA ALA C 297 -13.03 -0.55 -33.91
C ALA C 297 -14.41 0.05 -34.18
N PHE C 298 -14.59 1.36 -33.96
CA PHE C 298 -15.90 1.93 -34.26
C PHE C 298 -16.22 1.90 -35.75
N THR C 299 -15.20 1.98 -36.62
CA THR C 299 -15.50 1.90 -38.04
C THR C 299 -15.95 0.49 -38.42
N LEU C 300 -15.43 -0.52 -37.72
CA LEU C 300 -15.90 -1.88 -37.94
C LEU C 300 -17.40 -1.98 -37.66
N LEU C 301 -17.85 -1.34 -36.57
CA LEU C 301 -19.27 -1.31 -36.27
C LEU C 301 -20.05 -0.57 -37.37
N LEU C 302 -19.52 0.54 -37.87
CA LEU C 302 -20.21 1.31 -38.89
C LEU C 302 -20.34 0.53 -40.17
N ALA C 303 -19.27 -0.14 -40.58
CA ALA C 303 -19.33 -0.98 -41.78
C ALA C 303 -20.40 -2.06 -41.65
N ARG C 304 -20.47 -2.67 -40.47
CA ARG C 304 -21.56 -3.62 -40.20
C ARG C 304 -22.91 -2.94 -40.34
N GLU C 305 -23.09 -1.78 -39.68
CA GLU C 305 -24.36 -1.07 -39.79
C GLU C 305 -24.69 -0.73 -41.23
N MET C 306 -23.67 -0.35 -42.01
CA MET C 306 -23.89 0.06 -43.39
C MET C 306 -23.95 -1.11 -44.34
N GLY C 307 -23.75 -2.34 -43.88
CA GLY C 307 -23.74 -3.46 -44.82
C GLY C 307 -22.51 -3.54 -45.70
N ASP C 308 -21.42 -2.86 -45.33
CA ASP C 308 -20.19 -2.82 -46.12
C ASP C 308 -19.33 -4.03 -45.76
N GLN C 309 -19.62 -5.16 -46.40
CA GLN C 309 -18.92 -6.40 -46.09
C GLN C 309 -17.42 -6.33 -46.42
N GLN C 310 -17.05 -5.63 -47.50
CA GLN C 310 -15.63 -5.54 -47.84
C GLN C 310 -14.83 -4.81 -46.76
N LEU C 311 -15.29 -3.62 -46.36
CA LEU C 311 -14.56 -2.88 -45.34
C LEU C 311 -14.59 -3.62 -44.01
N PHE C 312 -15.71 -4.28 -43.71
CA PHE C 312 -15.80 -5.07 -42.48
C PHE C 312 -14.69 -6.13 -42.45
N ASP C 313 -14.55 -6.87 -43.56
CA ASP C 313 -13.51 -7.90 -43.65
C ASP C 313 -12.11 -7.29 -43.58
N GLN C 314 -11.92 -6.13 -44.20
CA GLN C 314 -10.61 -5.50 -44.16
C GLN C 314 -10.24 -5.06 -42.75
N LEU C 315 -11.17 -4.46 -42.02
CA LEU C 315 -10.90 -4.01 -40.66
C LEU C 315 -10.69 -5.17 -39.72
N LEU C 316 -11.49 -6.24 -39.86
CA LEU C 316 -11.35 -7.38 -38.96
C LEU C 316 -10.03 -8.09 -39.20
N ASN C 317 -9.58 -8.12 -40.45
CA ASN C 317 -8.27 -8.67 -40.77
C ASN C 317 -7.13 -7.87 -40.15
N HIS C 318 -7.36 -6.61 -39.79
CA HIS C 318 -6.38 -5.79 -39.10
C HIS C 318 -6.50 -5.91 -37.57
N LEU C 319 -7.72 -6.00 -37.05
CA LEU C 319 -7.94 -5.92 -35.60
C LEU C 319 -7.75 -7.27 -34.90
N GLU C 320 -8.25 -8.34 -35.48
CA GLU C 320 -8.34 -9.57 -34.70
C GLU C 320 -7.01 -10.35 -34.68
N PRO C 321 -6.40 -10.67 -35.82
CA PRO C 321 -5.22 -11.55 -35.81
C PRO C 321 -4.15 -11.08 -34.82
N PRO C 322 -3.81 -9.79 -34.79
CA PRO C 322 -2.79 -9.35 -33.83
C PRO C 322 -3.20 -9.52 -32.38
N ALA C 323 -4.51 -9.54 -32.08
CA ALA C 323 -4.94 -9.76 -30.71
C ALA C 323 -4.80 -11.22 -30.28
N LYS C 324 -4.48 -12.12 -31.21
CA LYS C 324 -4.20 -13.51 -30.89
C LYS C 324 -5.39 -14.18 -30.21
N PRO C 325 -6.50 -14.36 -30.93
CA PRO C 325 -7.62 -15.12 -30.38
C PRO C 325 -7.28 -16.59 -30.23
N SER C 326 -7.88 -17.20 -29.20
CA SER C 326 -7.91 -18.63 -29.02
C SER C 326 -9.22 -19.00 -28.34
N ILE C 327 -9.67 -20.23 -28.61
CA ILE C 327 -10.83 -20.80 -27.97
C ILE C 327 -10.35 -21.96 -27.11
N VAL C 328 -10.42 -21.78 -25.79
CA VAL C 328 -10.03 -22.78 -24.81
C VAL C 328 -11.28 -23.20 -24.08
N SER C 329 -11.57 -24.50 -24.09
CA SER C 329 -12.74 -25.03 -23.38
C SER C 329 -14.01 -24.29 -23.81
N ALA C 330 -14.14 -24.06 -25.12
CA ALA C 330 -15.30 -23.45 -25.78
C ALA C 330 -15.51 -21.99 -25.37
N SER C 331 -14.48 -21.33 -24.88
CA SER C 331 -14.55 -19.95 -24.46
C SER C 331 -13.50 -19.13 -25.18
N LEU C 332 -13.89 -17.91 -25.58
CA LEU C 332 -13.02 -17.06 -26.36
C LEU C 332 -12.14 -16.18 -25.47
N ARG C 333 -10.88 -16.03 -25.85
CA ARG C 333 -9.95 -15.13 -25.18
C ARG C 333 -9.03 -14.48 -26.20
N TYR C 334 -8.63 -13.24 -25.91
CA TYR C 334 -7.65 -12.51 -26.71
C TYR C 334 -6.40 -12.27 -25.88
N GLU C 335 -5.24 -12.70 -26.39
CA GLU C 335 -4.00 -12.60 -25.64
C GLU C 335 -3.41 -11.18 -25.70
N HIS C 336 -3.59 -10.44 -26.79
CA HIS C 336 -3.04 -9.09 -26.93
C HIS C 336 -4.12 -8.14 -27.45
N PRO C 337 -5.13 -7.87 -26.64
CA PRO C 337 -6.17 -6.91 -27.06
C PRO C 337 -5.53 -5.61 -27.49
N GLY C 338 -5.95 -5.10 -28.64
CA GLY C 338 -5.24 -3.96 -29.20
C GLY C 338 -5.66 -2.59 -28.68
N SER C 339 -6.73 -2.50 -27.91
CA SER C 339 -7.25 -1.21 -27.46
C SER C 339 -8.12 -1.42 -26.24
N LEU C 340 -8.63 -0.33 -25.70
CA LEU C 340 -9.72 -0.41 -24.74
C LEU C 340 -10.94 -1.03 -25.41
N LEU C 341 -11.82 -1.61 -24.58
CA LEU C 341 -13.13 -2.10 -25.06
C LEU C 341 -13.03 -3.10 -26.21
N PHE C 342 -11.93 -3.88 -26.26
CA PHE C 342 -11.62 -4.68 -27.44
C PHE C 342 -12.62 -5.83 -27.64
N ASP C 343 -12.73 -6.76 -26.70
CA ASP C 343 -13.64 -7.88 -26.94
C ASP C 343 -15.10 -7.41 -26.96
N GLU C 344 -15.42 -6.29 -26.29
CA GLU C 344 -16.78 -5.73 -26.33
C GLU C 344 -17.15 -5.29 -27.74
N LEU C 345 -16.27 -4.54 -28.41
CA LEU C 345 -16.63 -3.98 -29.72
C LEU C 345 -16.57 -5.01 -30.83
N LEU C 346 -15.56 -5.89 -30.83
CA LEU C 346 -15.56 -6.98 -31.79
C LEU C 346 -16.80 -7.86 -31.62
N PHE C 347 -17.18 -8.15 -30.36
CA PHE C 347 -18.43 -8.87 -30.10
C PHE C 347 -19.62 -8.18 -30.75
N LEU C 348 -19.78 -6.88 -30.50
CA LEU C 348 -20.92 -6.12 -31.00
C LEU C 348 -20.95 -6.14 -32.53
N ALA C 349 -19.80 -5.86 -33.17
CA ALA C 349 -19.75 -5.78 -34.63
C ALA C 349 -20.11 -7.11 -35.27
N LYS C 350 -19.70 -8.22 -34.64
CA LYS C 350 -19.98 -9.53 -35.22
C LYS C 350 -21.46 -9.85 -35.20
N VAL C 351 -22.20 -9.38 -34.19
CA VAL C 351 -23.60 -9.77 -34.10
C VAL C 351 -24.57 -8.67 -34.56
N HIS C 352 -24.11 -7.43 -34.71
CA HIS C 352 -24.99 -6.28 -34.83
C HIS C 352 -25.98 -6.44 -35.99
N ALA C 353 -27.26 -6.46 -35.67
CA ALA C 353 -28.27 -6.60 -36.70
C ALA C 353 -28.75 -5.26 -37.25
N GLY C 354 -28.17 -4.15 -36.82
CA GLY C 354 -28.61 -2.86 -37.28
C GLY C 354 -29.52 -2.19 -36.28
N PHE C 355 -29.23 -0.93 -35.96
CA PHE C 355 -30.03 -0.23 -34.96
C PHE C 355 -31.47 -0.09 -35.39
N GLY C 356 -31.72 0.08 -36.68
CA GLY C 356 -33.10 0.06 -37.15
C GLY C 356 -33.75 -1.27 -36.89
N ALA C 357 -33.00 -2.37 -37.08
CA ALA C 357 -33.58 -3.70 -36.89
C ALA C 357 -33.91 -3.95 -35.42
N LEU C 358 -33.04 -3.48 -34.52
CA LEU C 358 -33.35 -3.56 -33.09
C LEU C 358 -34.60 -2.74 -32.75
N LEU C 359 -34.73 -1.54 -33.33
CA LEU C 359 -35.91 -0.73 -33.09
C LEU C 359 -37.18 -1.48 -33.48
N ARG C 360 -37.15 -2.22 -34.59
CA ARG C 360 -38.30 -2.97 -35.05
C ARG C 360 -38.31 -4.40 -34.54
N MET C 361 -37.66 -4.67 -33.40
CA MET C 361 -37.57 -6.04 -32.89
C MET C 361 -38.94 -6.58 -32.49
N PRO C 362 -39.23 -7.84 -32.84
CA PRO C 362 -40.53 -8.44 -32.52
C PRO C 362 -40.61 -8.85 -31.06
N PRO C 363 -41.83 -8.93 -30.50
CA PRO C 363 -42.00 -9.35 -29.09
C PRO C 363 -41.85 -10.86 -28.92
N PRO C 364 -41.59 -11.33 -27.68
CA PRO C 364 -41.53 -12.77 -27.41
C PRO C 364 -42.88 -13.39 -27.08
N ALA C 365 -43.98 -12.68 -27.35
CA ALA C 365 -45.30 -13.15 -26.95
C ALA C 365 -45.62 -14.55 -27.51
N ALA D 1 16.29 31.48 -42.72
CA ALA D 1 15.17 30.63 -42.29
C ALA D 1 15.56 29.16 -42.36
N GLU D 2 16.41 28.74 -41.44
CA GLU D 2 16.86 27.36 -41.34
C GLU D 2 16.30 26.71 -40.08
N LEU D 3 16.22 25.38 -40.09
CA LEU D 3 15.60 24.64 -38.99
C LEU D 3 16.56 23.61 -38.40
N PRO D 4 17.12 23.84 -37.22
CA PRO D 4 18.11 22.89 -36.66
C PRO D 4 17.49 21.54 -36.36
N PRO D 5 18.31 20.50 -36.28
CA PRO D 5 17.77 19.18 -35.96
C PRO D 5 17.07 19.25 -34.61
N GLY D 6 15.92 18.60 -34.52
CA GLY D 6 15.16 18.61 -33.29
C GLY D 6 14.27 19.82 -33.06
N ARG D 7 14.33 20.84 -33.93
CA ARG D 7 13.44 21.99 -33.81
C ARG D 7 12.25 21.71 -34.70
N LEU D 8 11.06 22.15 -34.27
CA LEU D 8 9.88 21.93 -35.09
C LEU D 8 9.58 23.10 -36.04
N ALA D 9 9.83 24.35 -35.62
CA ALA D 9 9.59 25.49 -36.48
C ALA D 9 10.60 26.59 -36.17
N THR D 10 10.83 27.47 -37.14
CA THR D 10 11.85 28.50 -36.95
C THR D 10 11.39 29.60 -36.00
N THR D 11 12.38 30.25 -35.39
CA THR D 11 12.11 31.40 -34.55
C THR D 11 11.37 32.49 -35.31
N GLU D 12 11.72 32.69 -36.58
CA GLU D 12 11.03 33.68 -37.38
C GLU D 12 9.54 33.34 -37.50
N ASP D 13 9.24 32.05 -37.64
CA ASP D 13 7.83 31.63 -37.72
C ASP D 13 7.07 31.93 -36.42
N TYR D 14 7.66 31.59 -35.25
CA TYR D 14 6.98 31.89 -33.98
C TYR D 14 6.70 33.39 -33.85
N PHE D 15 7.71 34.20 -34.16
CA PHE D 15 7.55 35.64 -34.06
C PHE D 15 6.57 36.18 -35.09
N ALA D 16 6.33 35.47 -36.17
CA ALA D 16 5.46 36.01 -37.21
C ALA D 16 4.00 35.61 -37.05
N GLN D 17 3.67 34.78 -36.04
CA GLN D 17 2.32 34.23 -35.90
C GLN D 17 1.24 35.31 -35.82
N GLN D 18 1.46 36.32 -34.99
CA GLN D 18 0.44 37.36 -34.85
C GLN D 18 0.20 38.06 -36.17
N ALA D 19 1.28 38.33 -36.92
CA ALA D 19 1.12 38.97 -38.21
C ALA D 19 0.38 38.07 -39.19
N LYS D 20 0.67 36.76 -39.19
CA LYS D 20 -0.06 35.85 -40.07
C LYS D 20 -1.43 35.48 -39.53
N GLN D 21 -1.74 35.86 -38.28
CA GLN D 21 -3.04 35.55 -37.66
C GLN D 21 -3.28 34.05 -37.56
N ALA D 22 -2.21 33.28 -37.36
CA ALA D 22 -2.33 31.84 -37.28
C ALA D 22 -1.13 31.29 -36.54
N VAL D 23 -1.37 30.29 -35.69
CA VAL D 23 -0.30 29.66 -34.94
C VAL D 23 0.45 28.69 -35.85
N THR D 24 1.67 28.35 -35.44
CA THR D 24 2.43 27.38 -36.18
C THR D 24 1.85 25.98 -36.01
N PRO D 25 2.16 25.06 -36.92
CA PRO D 25 1.57 23.72 -36.82
C PRO D 25 1.96 23.00 -35.54
N ASP D 26 3.17 23.24 -35.00
CA ASP D 26 3.56 22.56 -33.76
C ASP D 26 2.87 23.15 -32.54
N VAL D 27 2.55 24.45 -32.56
CA VAL D 27 1.70 25.02 -31.51
C VAL D 27 0.30 24.44 -31.59
N MET D 28 -0.21 24.23 -32.81
CA MET D 28 -1.49 23.56 -32.96
C MET D 28 -1.45 22.14 -32.40
N ALA D 29 -0.36 21.41 -32.65
CA ALA D 29 -0.25 20.05 -32.12
C ALA D 29 -0.09 20.04 -30.60
N GLN D 30 0.47 21.10 -30.02
CA GLN D 30 0.46 21.24 -28.56
C GLN D 30 -0.96 21.47 -28.02
N LEU D 31 -1.76 22.33 -28.68
CA LEU D 31 -3.17 22.48 -28.28
C LEU D 31 -3.91 21.18 -28.42
N ALA D 32 -3.56 20.38 -29.45
CA ALA D 32 -4.17 19.07 -29.59
C ALA D 32 -3.86 18.21 -28.37
N TYR D 33 -2.60 18.17 -27.96
CA TYR D 33 -2.28 17.48 -26.73
C TYR D 33 -3.10 18.05 -25.57
N MET D 34 -3.31 19.36 -25.55
CA MET D 34 -4.02 19.94 -24.42
C MET D 34 -5.51 19.62 -24.42
N ASN D 35 -6.10 19.37 -25.60
CA ASN D 35 -7.55 19.31 -25.75
C ASN D 35 -8.08 18.00 -26.31
N TYR D 36 -7.23 17.10 -26.81
CA TYR D 36 -7.73 16.10 -27.76
C TYR D 36 -8.35 14.87 -27.10
N ILE D 37 -7.59 14.14 -26.30
CA ILE D 37 -8.02 12.80 -25.88
C ILE D 37 -8.98 12.91 -24.71
N ASP D 38 -10.08 12.15 -24.75
CA ASP D 38 -11.03 12.14 -23.65
C ASP D 38 -10.35 11.75 -22.35
N PHE D 39 -10.78 12.40 -21.26
CA PHE D 39 -10.43 12.04 -19.88
C PHE D 39 -9.02 12.48 -19.49
N ILE D 40 -8.00 12.15 -20.30
CA ILE D 40 -6.62 12.28 -19.83
C ILE D 40 -5.91 13.54 -20.33
N SER D 41 -6.46 14.25 -21.32
CA SER D 41 -5.87 15.53 -21.68
C SER D 41 -6.24 16.58 -20.64
N PRO D 42 -5.32 17.51 -20.37
CA PRO D 42 -5.50 18.43 -19.22
C PRO D 42 -6.73 19.31 -19.33
N PHE D 43 -7.14 19.70 -20.52
CA PHE D 43 -8.28 20.61 -20.67
C PHE D 43 -9.50 19.87 -21.21
N TYR D 44 -9.66 18.63 -20.80
CA TYR D 44 -10.85 17.90 -21.22
C TYR D 44 -12.06 18.38 -20.43
N SER D 45 -11.92 18.63 -19.12
CA SER D 45 -13.07 18.76 -18.26
C SER D 45 -12.86 19.86 -17.23
N ARG D 46 -13.96 20.51 -16.85
CA ARG D 46 -13.88 21.49 -15.77
C ARG D 46 -13.87 20.84 -14.39
N GLY D 47 -14.09 19.53 -14.29
CA GLY D 47 -14.09 18.83 -13.02
C GLY D 47 -12.72 18.75 -12.37
N CYS D 48 -12.69 18.21 -11.17
CA CYS D 48 -11.42 18.11 -10.42
C CYS D 48 -10.67 16.83 -10.74
N SER D 49 -10.50 16.56 -12.01
CA SER D 49 -9.75 15.41 -12.47
C SER D 49 -8.39 15.89 -12.96
N PHE D 50 -7.35 15.15 -12.59
CA PHE D 50 -5.99 15.56 -12.88
C PHE D 50 -5.18 14.42 -13.49
N GLU D 51 -5.85 13.53 -14.25
CA GLU D 51 -5.14 12.45 -14.93
C GLU D 51 -3.96 12.97 -15.73
N ALA D 52 -4.13 14.11 -16.42
CA ALA D 52 -3.07 14.61 -17.27
C ALA D 52 -1.81 14.88 -16.47
N TRP D 53 -1.96 15.43 -15.28
CA TRP D 53 -0.79 15.73 -14.48
C TRP D 53 -0.21 14.50 -13.81
N GLU D 54 -1.05 13.53 -13.43
CA GLU D 54 -0.51 12.26 -12.92
C GLU D 54 0.25 11.51 -14.01
N LEU D 55 -0.24 11.55 -15.24
CA LEU D 55 0.49 10.90 -16.32
C LEU D 55 1.86 11.52 -16.51
N LYS D 56 1.97 12.84 -16.30
CA LYS D 56 3.24 13.54 -16.40
C LYS D 56 4.07 13.52 -15.12
N HIS D 57 3.57 12.96 -14.02
CA HIS D 57 4.33 12.91 -12.77
C HIS D 57 4.64 14.30 -12.21
N THR D 58 3.72 15.24 -12.41
CA THR D 58 3.86 16.59 -11.87
C THR D 58 3.76 16.60 -10.35
N PRO D 59 4.74 17.12 -9.63
CA PRO D 59 4.58 17.25 -8.19
C PRO D 59 3.35 18.09 -7.87
N GLN D 60 2.65 17.73 -6.79
CA GLN D 60 1.37 18.35 -6.49
C GLN D 60 1.52 19.86 -6.35
N ARG D 61 2.58 20.31 -5.66
CA ARG D 61 2.82 21.73 -5.40
C ARG D 61 3.08 22.51 -6.66
N VAL D 62 3.31 21.83 -7.78
CA VAL D 62 3.69 22.46 -9.04
C VAL D 62 2.50 22.55 -9.97
N ILE D 63 1.41 21.84 -9.67
CA ILE D 63 0.25 21.83 -10.56
C ILE D 63 -0.27 23.22 -10.77
N LYS D 64 -0.28 24.05 -9.72
CA LYS D 64 -0.88 25.39 -9.83
C LYS D 64 -0.15 26.23 -10.86
N TYR D 65 1.17 26.06 -10.96
CA TYR D 65 1.98 26.79 -11.94
C TYR D 65 1.79 26.25 -13.35
N SER D 66 1.62 24.92 -13.48
CA SER D 66 1.29 24.32 -14.77
C SER D 66 0.03 24.94 -15.36
N ILE D 67 -1.04 24.97 -14.57
CA ILE D 67 -2.30 25.53 -15.05
C ILE D 67 -2.11 27.00 -15.40
N ALA D 68 -1.45 27.75 -14.50
CA ALA D 68 -1.32 29.19 -14.73
C ALA D 68 -0.54 29.48 -16.02
N PHE D 69 0.56 28.77 -16.27
CA PHE D 69 1.34 29.01 -17.48
C PHE D 69 0.60 28.60 -18.75
N TYR D 70 -0.16 27.49 -18.71
CA TYR D 70 -1.06 27.18 -19.81
C TYR D 70 -2.00 28.34 -20.09
N ALA D 71 -2.57 28.92 -19.03
CA ALA D 71 -3.51 30.03 -19.20
C ALA D 71 -2.85 31.23 -19.89
N TYR D 72 -1.65 31.58 -19.44
CA TYR D 72 -0.96 32.73 -20.04
C TYR D 72 -0.71 32.50 -21.52
N GLY D 73 -0.35 31.26 -21.88
CA GLY D 73 -0.22 30.91 -23.28
C GLY D 73 -1.54 30.95 -24.05
N LEU D 74 -2.62 30.48 -23.43
CA LEU D 74 -3.91 30.51 -24.11
C LEU D 74 -4.37 31.93 -24.36
N ALA D 75 -4.08 32.86 -23.44
CA ALA D 75 -4.44 34.26 -23.66
C ALA D 75 -3.74 34.83 -24.88
N SER D 76 -2.44 34.51 -25.07
CA SER D 76 -1.77 34.96 -26.29
C SER D 76 -2.33 34.24 -27.53
N VAL D 77 -2.71 32.96 -27.39
CA VAL D 77 -3.32 32.25 -28.51
C VAL D 77 -4.58 32.99 -28.98
N ALA D 78 -5.39 33.46 -28.03
CA ALA D 78 -6.59 34.23 -28.39
C ALA D 78 -6.23 35.48 -29.17
N LEU D 79 -5.16 36.18 -28.76
CA LEU D 79 -4.74 37.40 -29.44
C LEU D 79 -4.09 37.12 -30.80
N ILE D 80 -3.37 36.01 -30.89
CA ILE D 80 -2.69 35.62 -32.12
C ILE D 80 -3.70 35.25 -33.21
N ASP D 81 -4.63 34.35 -32.89
CA ASP D 81 -5.41 33.64 -33.91
C ASP D 81 -6.91 33.79 -33.67
N PRO D 82 -7.58 34.73 -34.35
CA PRO D 82 -9.04 34.87 -34.12
C PRO D 82 -9.82 33.58 -34.28
N LYS D 83 -9.47 32.72 -35.24
CA LYS D 83 -10.20 31.47 -35.38
C LYS D 83 -10.09 30.58 -34.14
N LEU D 84 -9.04 30.75 -33.32
CA LEU D 84 -8.87 29.97 -32.11
C LEU D 84 -9.31 30.71 -30.84
N ARG D 85 -9.84 31.94 -30.96
CA ARG D 85 -10.18 32.69 -29.75
C ARG D 85 -11.26 31.99 -28.92
N ALA D 86 -12.28 31.42 -29.57
CA ALA D 86 -13.30 30.73 -28.78
C ALA D 86 -12.72 29.53 -28.04
N LEU D 87 -11.88 28.74 -28.70
CA LEU D 87 -11.29 27.58 -28.04
C LEU D 87 -10.45 28.00 -26.84
N ALA D 88 -9.64 29.05 -26.99
CA ALA D 88 -8.85 29.55 -25.88
C ALA D 88 -9.73 29.96 -24.71
N GLY D 89 -10.86 30.61 -25.00
CA GLY D 89 -11.77 30.96 -23.93
C GLY D 89 -12.28 29.74 -23.18
N HIS D 90 -12.73 28.72 -23.92
CA HIS D 90 -13.17 27.48 -23.29
C HIS D 90 -12.07 26.89 -22.43
N ASP D 91 -10.83 26.85 -22.95
CA ASP D 91 -9.73 26.31 -22.15
C ASP D 91 -9.51 27.15 -20.90
N LEU D 92 -9.54 28.49 -21.05
CA LEU D 92 -9.35 29.35 -19.88
C LEU D 92 -10.40 29.11 -18.82
N ASP D 93 -11.66 28.92 -19.22
CA ASP D 93 -12.70 28.55 -18.26
C ASP D 93 -12.33 27.27 -17.51
N ILE D 94 -11.87 26.24 -18.23
CA ILE D 94 -11.47 24.99 -17.57
C ILE D 94 -10.31 25.26 -16.62
N ALA D 95 -9.36 26.09 -17.06
CA ALA D 95 -8.19 26.43 -16.26
C ALA D 95 -8.59 27.07 -14.94
N VAL D 96 -9.42 28.12 -15.00
CA VAL D 96 -9.89 28.77 -13.78
C VAL D 96 -10.57 27.75 -12.89
N SER D 97 -11.44 26.93 -13.48
CA SER D 97 -12.17 25.94 -12.68
C SER D 97 -11.21 24.96 -12.00
N LYS D 98 -10.25 24.41 -12.74
CA LYS D 98 -9.33 23.47 -12.12
C LYS D 98 -8.48 24.14 -11.05
N MET D 99 -8.12 25.41 -11.27
CA MET D 99 -7.29 26.16 -10.35
C MET D 99 -7.87 26.25 -8.95
N LYS D 100 -9.18 26.07 -8.81
CA LYS D 100 -9.87 26.20 -7.55
C LYS D 100 -10.07 24.85 -6.85
N CYS D 101 -9.69 23.74 -7.48
CA CYS D 101 -9.81 22.43 -6.84
C CYS D 101 -8.80 22.28 -5.71
N LYS D 102 -9.21 21.59 -4.64
CA LYS D 102 -8.34 21.41 -3.49
C LYS D 102 -7.06 20.68 -3.84
N ARG D 103 -7.08 19.82 -4.87
CA ARG D 103 -5.85 19.16 -5.29
C ARG D 103 -4.78 20.18 -5.69
N VAL D 104 -5.18 21.36 -6.16
CA VAL D 104 -4.22 22.37 -6.59
C VAL D 104 -3.76 23.26 -5.42
N TRP D 105 -4.68 23.72 -4.55
CA TRP D 105 -4.28 24.65 -3.50
C TRP D 105 -4.07 23.98 -2.15
N GLY D 106 -4.35 22.69 -2.04
CA GLY D 106 -4.39 22.04 -0.73
C GLY D 106 -3.10 22.05 0.06
N ASP D 107 -1.95 22.15 -0.61
CA ASP D 107 -0.69 22.19 0.14
C ASP D 107 -0.71 23.29 1.20
N TRP D 108 -1.39 24.40 0.93
CA TRP D 108 -1.54 25.45 1.92
C TRP D 108 -2.13 24.90 3.21
N GLU D 109 -3.08 23.96 3.10
CA GLU D 109 -3.64 23.38 4.32
C GLU D 109 -2.78 22.26 4.89
N GLU D 110 -2.19 21.41 4.04
CA GLU D 110 -1.33 20.35 4.56
C GLU D 110 -0.18 20.94 5.36
N ASP D 111 0.37 22.06 4.88
CA ASP D 111 1.50 22.68 5.57
C ASP D 111 1.11 23.34 6.88
N GLY D 112 -0.19 23.42 7.19
CA GLY D 112 -0.65 23.92 8.47
C GLY D 112 -0.95 25.40 8.53
N PHE D 113 -1.05 26.08 7.39
CA PHE D 113 -1.27 27.51 7.28
C PHE D 113 -2.75 27.89 7.31
N GLY D 114 -3.65 26.91 7.23
CA GLY D 114 -5.06 27.24 7.29
C GLY D 114 -5.91 26.52 6.26
N THR D 115 -7.21 26.77 6.34
CA THR D 115 -8.18 26.16 5.45
C THR D 115 -8.60 27.09 4.31
N ASP D 116 -8.25 28.37 4.38
CA ASP D 116 -8.60 29.34 3.36
C ASP D 116 -7.40 29.71 2.49
N PRO D 117 -7.40 29.35 1.21
CA PRO D 117 -6.21 29.58 0.37
C PRO D 117 -6.07 31.02 -0.09
N ILE D 118 -7.10 31.86 0.04
CA ILE D 118 -7.03 33.21 -0.49
C ILE D 118 -7.15 34.29 0.57
N GLU D 119 -7.54 33.95 1.80
CA GLU D 119 -7.84 34.98 2.80
C GLU D 119 -6.65 35.89 3.02
N LYS D 120 -5.49 35.32 3.31
CA LYS D 120 -4.28 36.07 3.62
C LYS D 120 -3.06 35.36 3.07
N GLU D 121 -2.09 36.15 2.60
CA GLU D 121 -0.79 35.64 2.13
C GLU D 121 -1.00 34.66 0.96
N ASN D 122 -0.15 33.66 0.86
CA ASN D 122 -0.29 32.67 -0.19
C ASN D 122 -0.42 33.33 -1.57
N ILE D 123 0.34 34.42 -1.78
CA ILE D 123 0.25 35.13 -3.04
C ILE D 123 0.72 34.26 -4.19
N MET D 124 1.57 33.28 -3.89
CA MET D 124 2.02 32.34 -4.90
C MET D 124 0.86 31.64 -5.59
N TYR D 125 -0.27 31.47 -4.89
CA TYR D 125 -1.45 30.84 -5.47
C TYR D 125 -2.46 31.88 -5.95
N LYS D 126 -2.94 32.73 -5.05
CA LYS D 126 -4.04 33.60 -5.43
C LYS D 126 -3.63 34.69 -6.40
N GLY D 127 -2.35 35.03 -6.47
CA GLY D 127 -1.89 35.96 -7.49
C GLY D 127 -2.07 35.42 -8.90
N HIS D 128 -1.65 34.16 -9.12
CA HIS D 128 -1.87 33.54 -10.43
C HIS D 128 -3.36 33.38 -10.73
N LEU D 129 -4.12 32.93 -9.73
CA LEU D 129 -5.56 32.80 -9.92
C LEU D 129 -6.17 34.17 -10.25
N ASN D 130 -5.71 35.24 -9.59
CA ASN D 130 -6.33 36.53 -9.89
C ASN D 130 -6.04 36.95 -11.31
N LEU D 131 -4.79 36.75 -11.78
CA LEU D 131 -4.48 37.08 -13.17
C LEU D 131 -5.32 36.26 -14.15
N MET D 132 -5.54 34.97 -13.84
CA MET D 132 -6.35 34.11 -14.72
C MET D 132 -7.80 34.57 -14.78
N TYR D 133 -8.37 35.00 -13.65
CA TYR D 133 -9.71 35.59 -13.69
C TYR D 133 -9.79 36.67 -14.75
N GLY D 134 -8.84 37.61 -14.73
CA GLY D 134 -8.91 38.75 -15.62
C GLY D 134 -8.62 38.40 -17.07
N LEU D 135 -7.58 37.60 -17.31
CA LEU D 135 -7.32 37.17 -18.67
C LEU D 135 -8.51 36.43 -19.27
N TYR D 136 -9.21 35.61 -18.45
CA TYR D 136 -10.40 34.95 -18.95
C TYR D 136 -11.45 35.95 -19.42
N GLN D 137 -11.69 37.00 -18.63
CA GLN D 137 -12.73 37.95 -18.99
C GLN D 137 -12.32 38.74 -20.22
N LEU D 138 -11.03 39.07 -20.33
CA LEU D 138 -10.50 39.78 -21.49
C LEU D 138 -10.68 38.94 -22.76
N VAL D 139 -10.43 37.63 -22.68
CA VAL D 139 -10.54 36.78 -23.87
C VAL D 139 -12.00 36.59 -24.26
N THR D 140 -12.85 36.24 -23.30
CA THR D 140 -14.19 35.79 -23.63
C THR D 140 -15.24 36.89 -23.59
N GLY D 141 -15.04 37.92 -22.75
CA GLY D 141 -16.11 38.84 -22.46
C GLY D 141 -17.09 38.32 -21.43
N SER D 142 -16.89 37.11 -20.92
CA SER D 142 -17.76 36.51 -19.92
C SER D 142 -17.53 37.11 -18.52
N ARG D 143 -18.62 37.26 -17.79
CA ARG D 143 -18.58 37.73 -16.41
C ARG D 143 -18.75 36.61 -15.39
N ARG D 144 -18.67 35.36 -15.83
CA ARG D 144 -18.85 34.22 -14.93
C ARG D 144 -18.07 34.39 -13.63
N TYR D 145 -16.82 34.86 -13.72
CA TYR D 145 -15.96 34.98 -12.56
C TYR D 145 -15.79 36.43 -12.10
N GLU D 146 -16.62 37.34 -12.58
CA GLU D 146 -16.41 38.76 -12.27
C GLU D 146 -16.46 39.00 -10.75
N ALA D 147 -17.45 38.42 -10.06
CA ALA D 147 -17.56 38.57 -8.61
C ALA D 147 -16.30 38.11 -7.89
N GLU D 148 -15.84 36.89 -8.21
CA GLU D 148 -14.65 36.36 -7.55
C GLU D 148 -13.42 37.20 -7.90
N HIS D 149 -13.35 37.70 -9.13
CA HIS D 149 -12.27 38.59 -9.55
C HIS D 149 -12.24 39.87 -8.68
N ALA D 150 -13.40 40.51 -8.48
CA ALA D 150 -13.42 41.74 -7.69
C ALA D 150 -13.11 41.46 -6.22
N HIS D 151 -13.56 40.32 -5.70
CA HIS D 151 -13.30 40.04 -4.30
C HIS D 151 -11.80 39.85 -4.06
N LEU D 152 -11.13 39.06 -4.92
CA LEU D 152 -9.71 38.78 -4.74
C LEU D 152 -8.84 40.00 -5.09
N THR D 153 -9.25 40.81 -6.06
CA THR D 153 -8.53 42.04 -6.34
C THR D 153 -8.58 42.98 -5.15
N ARG D 154 -9.73 43.05 -4.48
CA ARG D 154 -9.88 43.85 -3.27
C ARG D 154 -9.07 43.24 -2.12
N ILE D 155 -9.03 41.90 -2.03
CA ILE D 155 -8.21 41.25 -1.01
C ILE D 155 -6.73 41.61 -1.21
N ILE D 156 -6.25 41.51 -2.44
CA ILE D 156 -4.86 41.86 -2.76
C ILE D 156 -4.60 43.34 -2.48
N HIS D 157 -5.47 44.21 -2.99
CA HIS D 157 -5.24 45.65 -2.79
C HIS D 157 -5.10 45.98 -1.31
N ASP D 158 -5.95 45.40 -0.45
CA ASP D 158 -5.90 45.67 0.97
C ASP D 158 -4.64 45.14 1.64
N GLU D 159 -4.18 43.96 1.22
CA GLU D 159 -3.00 43.36 1.82
C GLU D 159 -1.76 44.21 1.57
N ILE D 160 -1.64 44.75 0.34
CA ILE D 160 -0.59 45.71 -0.01
C ILE D 160 -0.68 46.94 0.90
N ALA D 161 -1.89 47.52 0.99
CA ALA D 161 -2.06 48.75 1.75
C ALA D 161 -1.67 48.60 3.21
N ALA D 162 -1.75 47.39 3.75
CA ALA D 162 -1.47 47.18 5.17
C ALA D 162 0.01 46.90 5.46
N ASN D 163 0.79 46.49 4.46
CA ASN D 163 2.15 46.08 4.75
C ASN D 163 3.11 47.27 4.74
N PRO D 164 4.04 47.31 5.70
CA PRO D 164 5.06 48.37 5.68
C PRO D 164 6.02 48.23 4.51
N PHE D 165 6.33 47.01 4.08
CA PHE D 165 7.01 46.81 2.82
C PHE D 165 5.98 46.82 1.68
N ALA D 166 6.49 46.87 0.44
CA ALA D 166 5.63 46.92 -0.75
C ALA D 166 5.41 45.51 -1.28
N GLY D 167 4.16 45.03 -1.25
CA GLY D 167 3.81 43.72 -1.76
C GLY D 167 3.20 42.82 -0.68
N ILE D 168 3.15 41.52 -1.00
CA ILE D 168 2.50 40.51 -0.17
C ILE D 168 3.44 39.31 -0.03
N VAL D 169 3.37 38.63 1.11
CA VAL D 169 4.24 37.47 1.35
C VAL D 169 3.50 36.20 0.93
N CYS D 170 4.27 35.12 0.76
CA CYS D 170 3.69 33.79 0.52
C CYS D 170 3.36 33.13 1.86
N GLU D 171 4.37 32.72 2.56
CA GLU D 171 4.31 32.35 3.95
C GLU D 171 4.76 33.53 4.79
N PRO D 172 4.36 33.58 6.06
CA PRO D 172 4.91 34.60 6.97
C PRO D 172 6.44 34.69 6.87
N ASP D 173 6.94 35.87 6.56
CA ASP D 173 8.38 36.14 6.49
C ASP D 173 9.03 35.52 5.26
N ASN D 174 8.23 35.20 4.24
CA ASN D 174 8.72 34.70 2.97
C ASN D 174 8.13 35.61 1.89
N TYR D 175 8.95 36.47 1.34
CA TYR D 175 8.56 37.40 0.31
C TYR D 175 9.29 37.01 -0.97
N PHE D 176 8.53 36.83 -2.05
CA PHE D 176 9.07 36.45 -3.35
C PHE D 176 8.66 37.50 -4.38
N VAL D 177 9.65 38.12 -5.00
CA VAL D 177 9.36 39.19 -5.93
C VAL D 177 8.63 38.66 -7.16
N GLN D 178 8.98 37.45 -7.62
CA GLN D 178 8.33 36.96 -8.83
C GLN D 178 6.84 36.73 -8.59
N CYS D 179 6.48 36.26 -7.40
CA CYS D 179 5.07 36.06 -7.11
C CYS D 179 4.35 37.39 -6.97
N ASN D 180 5.03 38.42 -6.45
CA ASN D 180 4.39 39.73 -6.38
C ASN D 180 4.13 40.30 -7.76
N SER D 181 5.07 40.13 -8.71
CA SER D 181 4.87 40.70 -10.03
C SER D 181 3.61 40.14 -10.70
N VAL D 182 3.27 38.87 -10.45
CA VAL D 182 1.99 38.31 -10.94
C VAL D 182 0.82 39.06 -10.33
N ALA D 183 0.88 39.34 -9.02
CA ALA D 183 -0.23 39.99 -8.33
C ALA D 183 -0.43 41.41 -8.83
N TYR D 184 0.66 42.16 -8.98
CA TYR D 184 0.59 43.51 -9.50
C TYR D 184 0.09 43.52 -10.94
N LEU D 185 0.58 42.60 -11.78
CA LEU D 185 0.05 42.54 -13.13
C LEU D 185 -1.47 42.33 -13.12
N SER D 186 -1.98 41.58 -12.14
CA SER D 186 -3.41 41.35 -12.08
C SER D 186 -4.19 42.62 -11.78
N LEU D 187 -3.58 43.58 -11.08
CA LEU D 187 -4.23 44.86 -10.80
C LEU D 187 -4.42 45.67 -12.08
N TRP D 188 -3.45 45.63 -12.99
CA TRP D 188 -3.62 46.30 -14.27
C TRP D 188 -4.74 45.68 -15.08
N VAL D 189 -4.82 44.34 -15.11
CA VAL D 189 -5.90 43.69 -15.84
C VAL D 189 -7.25 44.07 -15.27
N TYR D 190 -7.37 44.09 -13.94
CA TYR D 190 -8.64 44.51 -13.36
C TYR D 190 -8.98 45.95 -13.72
N ASP D 191 -7.99 46.84 -13.62
CA ASP D 191 -8.17 48.23 -14.02
C ASP D 191 -8.56 48.31 -15.49
N ARG D 192 -7.96 47.48 -16.34
CA ARG D 192 -8.31 47.57 -17.76
C ARG D 192 -9.78 47.15 -17.98
N LEU D 193 -10.25 46.11 -17.29
CA LEU D 193 -11.63 45.64 -17.47
C LEU D 193 -12.65 46.63 -16.92
N HIS D 194 -12.30 47.34 -15.86
CA HIS D 194 -13.21 48.29 -15.24
C HIS D 194 -12.56 49.67 -15.32
N GLY D 195 -13.00 50.62 -14.53
CA GLY D 195 -12.31 51.89 -14.64
C GLY D 195 -11.28 52.14 -13.57
N THR D 196 -11.09 51.19 -12.67
CA THR D 196 -10.42 51.47 -11.42
C THR D 196 -8.96 51.86 -11.63
N ASP D 197 -8.32 52.25 -10.53
CA ASP D 197 -6.92 52.60 -10.53
C ASP D 197 -6.16 51.81 -9.46
N TYR D 198 -6.48 50.51 -9.32
CA TYR D 198 -5.74 49.66 -8.39
C TYR D 198 -4.25 49.59 -8.73
N ARG D 199 -3.88 49.75 -9.99
CA ARG D 199 -2.48 49.67 -10.41
C ARG D 199 -1.63 50.80 -9.86
N ALA D 200 -2.22 51.80 -9.22
CA ALA D 200 -1.44 52.92 -8.69
C ALA D 200 -0.38 52.46 -7.71
N ALA D 201 -0.57 51.29 -7.10
CA ALA D 201 0.41 50.81 -6.14
C ALA D 201 1.71 50.34 -6.79
N THR D 202 1.75 50.25 -8.11
CA THR D 202 2.93 49.67 -8.76
C THR D 202 4.15 50.57 -8.61
N ARG D 203 3.94 51.88 -8.54
CA ARG D 203 5.07 52.79 -8.41
C ARG D 203 5.87 52.50 -7.15
N ALA D 204 5.19 52.44 -5.99
CA ALA D 204 5.87 52.15 -4.74
C ALA D 204 6.51 50.79 -4.76
N TRP D 205 5.90 49.83 -5.45
CA TRP D 205 6.44 48.48 -5.46
C TRP D 205 7.72 48.44 -6.29
N LEU D 206 7.70 49.07 -7.47
CA LEU D 206 8.91 49.11 -8.29
C LEU D 206 10.02 49.89 -7.61
N ASP D 207 9.66 50.99 -6.91
CA ASP D 207 10.66 51.70 -6.13
C ASP D 207 11.26 50.78 -5.06
N PHE D 208 10.42 49.95 -4.43
CA PHE D 208 10.89 49.09 -3.36
C PHE D 208 11.81 47.97 -3.86
N ILE D 209 11.41 47.27 -4.93
CA ILE D 209 12.26 46.18 -5.40
C ILE D 209 13.54 46.72 -6.00
N GLN D 210 13.52 47.94 -6.55
CA GLN D 210 14.74 48.48 -7.14
C GLN D 210 15.76 48.87 -6.08
N LYS D 211 15.32 49.36 -4.93
CA LYS D 211 16.27 49.82 -3.93
C LYS D 211 16.75 48.72 -2.99
N ASP D 212 15.98 47.65 -2.83
CA ASP D 212 16.26 46.67 -1.79
C ASP D 212 16.48 45.26 -2.28
N LEU D 213 15.82 44.83 -3.35
CA LEU D 213 15.81 43.42 -3.73
C LEU D 213 16.60 43.11 -5.00
N ILE D 214 17.12 44.12 -5.70
CA ILE D 214 17.81 43.87 -6.96
C ILE D 214 19.26 44.29 -6.79
N ASP D 215 20.15 43.52 -7.38
CA ASP D 215 21.52 43.96 -7.49
C ASP D 215 21.62 44.76 -8.79
N PRO D 216 21.60 46.10 -8.73
CA PRO D 216 21.59 46.88 -9.98
C PRO D 216 22.80 46.66 -10.86
N GLU D 217 23.96 46.38 -10.28
CA GLU D 217 25.14 46.22 -11.11
C GLU D 217 25.00 44.98 -12.00
N ARG D 218 24.52 43.89 -11.44
CA ARG D 218 24.38 42.62 -12.15
C ARG D 218 23.00 42.40 -12.77
N GLY D 219 22.06 43.31 -12.56
CA GLY D 219 20.72 43.19 -13.10
C GLY D 219 20.01 41.93 -12.66
N ALA D 220 20.13 41.57 -11.39
CA ALA D 220 19.64 40.29 -10.90
C ALA D 220 19.04 40.46 -9.53
N PHE D 221 17.90 39.81 -9.29
CA PHE D 221 17.26 39.82 -7.98
C PHE D 221 17.84 38.76 -7.06
N TYR D 222 17.80 39.03 -5.77
CA TYR D 222 18.16 38.00 -4.81
C TYR D 222 17.04 36.96 -4.71
N LEU D 223 17.39 35.78 -4.18
CA LEU D 223 16.46 34.66 -4.16
C LEU D 223 15.15 35.03 -3.50
N SER D 224 15.20 35.70 -2.36
CA SER D 224 13.98 36.04 -1.63
C SER D 224 14.32 37.03 -0.51
N TYR D 225 13.27 37.63 0.04
CA TYR D 225 13.34 38.60 1.11
C TYR D 225 12.46 38.11 2.25
N HIS D 226 12.83 38.45 3.48
CA HIS D 226 12.15 37.95 4.69
C HIS D 226 11.92 39.14 5.61
N PRO D 227 10.77 39.80 5.50
CA PRO D 227 10.59 41.09 6.19
C PRO D 227 10.74 41.04 7.70
N GLU D 228 10.15 40.02 8.34
CA GLU D 228 10.20 39.97 9.79
C GLU D 228 11.64 40.01 10.29
N SER D 229 12.51 39.19 9.71
CA SER D 229 13.91 39.17 10.08
C SER D 229 14.75 40.13 9.25
N GLY D 230 14.14 40.88 8.34
CA GLY D 230 14.88 41.82 7.52
C GLY D 230 15.95 41.19 6.66
N ALA D 231 15.87 39.87 6.46
CA ALA D 231 16.91 39.17 5.73
C ALA D 231 16.62 39.13 4.24
N VAL D 232 17.68 39.05 3.46
CA VAL D 232 17.63 38.73 2.04
C VAL D 232 18.62 37.60 1.82
N LYS D 233 18.14 36.50 1.24
CA LYS D 233 19.01 35.38 0.98
C LYS D 233 20.11 35.83 0.03
N PRO D 234 21.36 35.62 0.36
CA PRO D 234 22.44 36.31 -0.37
C PRO D 234 22.81 35.75 -1.74
N TRP D 235 21.95 34.95 -2.36
CA TRP D 235 22.19 34.39 -3.69
C TRP D 235 21.30 35.10 -4.70
N ILE D 236 21.84 35.45 -5.87
CA ILE D 236 21.02 35.98 -6.95
C ILE D 236 20.50 34.82 -7.76
N SER D 237 19.25 34.95 -8.23
CA SER D 237 18.51 33.88 -8.87
C SER D 237 18.17 34.28 -10.30
N ALA D 238 18.59 33.46 -11.27
CA ALA D 238 18.32 33.74 -12.67
C ALA D 238 16.84 33.56 -13.01
N TYR D 239 16.24 32.43 -12.60
CA TYR D 239 14.84 32.19 -12.94
C TYR D 239 13.92 33.19 -12.24
N THR D 240 14.25 33.57 -11.00
CA THR D 240 13.53 34.67 -10.34
C THR D 240 13.59 35.94 -11.18
N THR D 241 14.78 36.31 -11.64
CA THR D 241 14.97 37.57 -12.35
C THR D 241 14.29 37.54 -13.72
N ALA D 242 14.44 36.45 -14.46
CA ALA D 242 13.82 36.38 -15.78
C ALA D 242 12.31 36.48 -15.67
N TRP D 243 11.71 35.71 -14.77
CA TRP D 243 10.27 35.79 -14.54
C TRP D 243 9.86 37.20 -14.15
N THR D 244 10.54 37.81 -13.16
CA THR D 244 10.14 39.14 -12.70
C THR D 244 10.26 40.20 -13.82
N LEU D 245 11.39 40.20 -14.54
CA LEU D 245 11.59 41.17 -15.61
C LEU D 245 10.55 41.03 -16.73
N ALA D 246 10.15 39.80 -17.05
CA ALA D 246 9.16 39.58 -18.11
C ALA D 246 7.83 40.24 -17.79
N MET D 247 7.33 40.01 -16.58
CA MET D 247 6.04 40.57 -16.23
C MET D 247 6.15 42.07 -15.97
N VAL D 248 7.26 42.52 -15.41
CA VAL D 248 7.40 43.95 -15.18
C VAL D 248 7.42 44.69 -16.51
N HIS D 249 8.01 44.08 -17.53
CA HIS D 249 8.08 44.72 -18.83
C HIS D 249 6.69 45.03 -19.38
N GLY D 250 5.64 44.36 -18.90
CA GLY D 250 4.30 44.71 -19.33
C GLY D 250 3.71 45.89 -18.59
N MET D 251 4.25 46.23 -17.42
CA MET D 251 3.82 47.38 -16.62
C MET D 251 4.76 48.57 -16.76
N ASP D 252 6.07 48.33 -16.77
CA ASP D 252 7.06 49.40 -16.89
C ASP D 252 8.20 48.90 -17.77
N PRO D 253 8.07 49.08 -19.08
CA PRO D 253 9.13 48.60 -19.99
C PRO D 253 10.50 49.19 -19.71
N ALA D 254 10.58 50.48 -19.39
CA ALA D 254 11.89 51.07 -19.15
C ALA D 254 12.62 50.34 -18.04
N PHE D 255 11.89 49.95 -16.99
CA PHE D 255 12.49 49.23 -15.89
C PHE D 255 13.23 47.99 -16.38
N SER D 256 12.55 47.13 -17.13
CA SER D 256 13.18 45.89 -17.59
C SER D 256 14.24 46.16 -18.64
N GLU D 257 14.03 47.17 -19.49
CA GLU D 257 15.04 47.47 -20.48
C GLU D 257 16.32 47.96 -19.83
N ARG D 258 16.24 48.52 -18.63
CA ARG D 258 17.44 49.01 -17.94
C ARG D 258 18.32 47.86 -17.47
N TYR D 259 17.71 46.75 -17.08
CA TYR D 259 18.45 45.65 -16.47
C TYR D 259 18.67 44.45 -17.38
N TYR D 260 17.90 44.31 -18.45
CA TYR D 260 17.99 43.12 -19.30
C TYR D 260 19.41 42.85 -19.77
N PRO D 261 20.13 43.82 -20.33
CA PRO D 261 21.50 43.54 -20.79
C PRO D 261 22.43 43.08 -19.67
N ARG D 262 22.24 43.59 -18.45
CA ARG D 262 23.07 43.16 -17.34
C ARG D 262 22.66 41.77 -16.86
N PHE D 263 21.37 41.47 -16.96
CA PHE D 263 20.91 40.11 -16.70
C PHE D 263 21.57 39.11 -17.65
N LYS D 264 21.67 39.45 -18.94
CA LYS D 264 22.27 38.52 -19.90
C LYS D 264 23.74 38.33 -19.62
N GLN D 265 24.45 39.41 -19.32
CA GLN D 265 25.86 39.31 -18.98
C GLN D 265 26.07 38.44 -17.73
N THR D 266 25.19 38.57 -16.74
CA THR D 266 25.37 37.86 -15.48
C THR D 266 25.10 36.37 -15.62
N PHE D 267 24.04 35.98 -16.33
CA PHE D 267 23.57 34.61 -16.31
C PHE D 267 23.66 33.85 -17.64
N VAL D 268 23.62 34.52 -18.78
CA VAL D 268 23.43 33.82 -20.05
C VAL D 268 24.78 33.46 -20.64
N GLU D 269 24.93 32.19 -21.06
CA GLU D 269 26.16 31.70 -21.69
C GLU D 269 25.81 31.24 -23.11
N VAL D 270 26.35 31.96 -24.10
CA VAL D 270 26.21 31.59 -25.51
C VAL D 270 27.33 30.64 -25.88
N TYR D 271 27.01 29.58 -26.63
CA TYR D 271 28.01 28.58 -26.97
C TYR D 271 27.65 27.95 -28.31
N ASP D 272 28.49 26.98 -28.73
CA ASP D 272 28.31 26.32 -30.02
C ASP D 272 28.31 27.36 -31.13
N GLU D 273 29.37 28.18 -31.15
CA GLU D 273 29.56 29.19 -32.18
C GLU D 273 28.34 30.08 -32.34
N GLY D 274 27.75 30.50 -31.22
CA GLY D 274 26.65 31.44 -31.24
C GLY D 274 25.28 30.90 -31.59
N ARG D 275 25.13 29.58 -31.72
CA ARG D 275 23.85 28.93 -32.04
C ARG D 275 23.03 28.49 -30.82
N LYS D 276 23.66 28.31 -29.66
CA LYS D 276 22.94 27.83 -28.48
C LYS D 276 23.23 28.74 -27.29
N ALA D 277 22.39 28.62 -26.25
CA ALA D 277 22.62 29.31 -24.99
C ALA D 277 22.00 28.49 -23.86
N ARG D 278 22.60 28.60 -22.68
CA ARG D 278 22.04 28.05 -21.46
C ARG D 278 22.24 29.09 -20.36
N VAL D 279 21.49 28.96 -19.27
CA VAL D 279 21.43 30.02 -18.28
C VAL D 279 21.84 29.45 -16.92
N ARG D 280 22.82 30.10 -16.29
CA ARG D 280 23.19 29.75 -14.93
C ARG D 280 22.11 30.22 -13.97
N GLU D 281 21.77 29.39 -12.99
CA GLU D 281 20.76 29.78 -12.02
C GLU D 281 21.30 30.80 -11.03
N THR D 282 22.58 30.73 -10.68
CA THR D 282 23.11 31.66 -9.68
C THR D 282 24.56 31.98 -9.98
N ALA D 283 25.12 32.90 -9.21
CA ALA D 283 26.49 33.35 -9.40
C ALA D 283 27.48 32.39 -8.78
N GLY D 284 28.71 32.43 -9.30
CA GLY D 284 29.75 31.65 -8.69
C GLY D 284 29.79 30.21 -9.12
N THR D 285 29.16 29.88 -10.24
CA THR D 285 29.07 28.50 -10.69
C THR D 285 29.20 28.47 -12.22
N ASP D 286 29.55 27.31 -12.74
CA ASP D 286 29.53 27.04 -14.16
C ASP D 286 28.37 26.16 -14.58
N ASP D 287 27.64 25.58 -13.63
CA ASP D 287 26.48 24.76 -13.93
C ASP D 287 25.37 25.58 -14.56
N ALA D 288 24.69 24.99 -15.53
CA ALA D 288 23.50 25.61 -16.09
C ALA D 288 22.29 24.98 -15.43
N ASP D 289 21.25 25.80 -15.22
CA ASP D 289 19.95 25.31 -14.81
C ASP D 289 19.99 24.53 -13.50
N GLY D 290 20.71 25.07 -12.53
CA GLY D 290 20.63 24.54 -11.18
C GLY D 290 19.36 24.98 -10.47
N GLY D 291 19.32 24.70 -9.17
CA GLY D 291 18.17 25.09 -8.38
C GLY D 291 16.95 24.36 -8.88
N VAL D 292 15.89 25.12 -9.17
CA VAL D 292 14.66 24.49 -9.64
C VAL D 292 14.78 23.98 -11.07
N GLY D 293 15.85 24.37 -11.78
CA GLY D 293 16.07 23.89 -13.14
C GLY D 293 15.32 24.66 -14.20
N LEU D 294 14.86 25.87 -13.91
CA LEU D 294 13.99 26.62 -14.82
C LEU D 294 14.65 27.89 -15.36
N ALA D 295 15.94 28.09 -15.11
CA ALA D 295 16.60 29.31 -15.56
C ALA D 295 16.48 29.49 -17.08
N SER D 296 16.87 28.47 -17.86
CA SER D 296 16.81 28.63 -19.31
C SER D 296 15.37 28.80 -19.79
N ALA D 297 14.42 28.05 -19.21
CA ALA D 297 13.04 28.12 -19.67
C ALA D 297 12.44 29.51 -19.50
N PHE D 298 12.59 30.10 -18.31
CA PHE D 298 12.07 31.45 -18.07
C PHE D 298 12.83 32.51 -18.87
N THR D 299 14.13 32.32 -19.11
CA THR D 299 14.86 33.28 -19.92
C THR D 299 14.37 33.24 -21.37
N LEU D 300 13.95 32.07 -21.84
CA LEU D 300 13.30 31.98 -23.14
C LEU D 300 12.03 32.83 -23.18
N LEU D 301 11.21 32.77 -22.13
CA LEU D 301 10.04 33.63 -22.06
C LEU D 301 10.44 35.11 -22.01
N LEU D 302 11.51 35.43 -21.27
CA LEU D 302 11.94 36.81 -21.18
C LEU D 302 12.41 37.32 -22.54
N ALA D 303 13.20 36.52 -23.25
CA ALA D 303 13.66 36.91 -24.58
C ALA D 303 12.47 37.18 -25.49
N ARG D 304 11.46 36.33 -25.42
CA ARG D 304 10.24 36.57 -26.18
C ARG D 304 9.61 37.91 -25.76
N GLU D 305 9.46 38.13 -24.45
CA GLU D 305 8.88 39.37 -23.96
C GLU D 305 9.66 40.59 -24.44
N MET D 306 10.99 40.47 -24.53
CA MET D 306 11.84 41.58 -24.94
C MET D 306 12.01 41.69 -26.45
N GLY D 307 11.53 40.73 -27.23
CA GLY D 307 11.76 40.78 -28.66
C GLY D 307 13.16 40.40 -29.08
N ASP D 308 13.89 39.69 -28.23
CA ASP D 308 15.27 39.29 -28.48
C ASP D 308 15.21 37.98 -29.28
N GLN D 309 15.06 38.09 -30.59
CA GLN D 309 14.93 36.87 -31.38
C GLN D 309 16.19 36.03 -31.35
N GLN D 310 17.35 36.66 -31.30
CA GLN D 310 18.61 35.92 -31.32
C GLN D 310 18.75 35.04 -30.09
N LEU D 311 18.55 35.62 -28.90
CA LEU D 311 18.67 34.83 -27.69
C LEU D 311 17.58 33.77 -27.61
N PHE D 312 16.37 34.09 -28.08
CA PHE D 312 15.30 33.10 -28.10
C PHE D 312 15.71 31.88 -28.90
N ASP D 313 16.25 32.10 -30.12
CA ASP D 313 16.70 31.01 -30.96
C ASP D 313 17.82 30.20 -30.30
N GLN D 314 18.74 30.89 -29.62
CA GLN D 314 19.81 30.17 -28.95
C GLN D 314 19.29 29.30 -27.81
N LEU D 315 18.39 29.83 -27.01
CA LEU D 315 17.85 29.06 -25.88
C LEU D 315 17.00 27.91 -26.37
N LEU D 316 16.20 28.13 -27.39
CA LEU D 316 15.35 27.05 -27.88
C LEU D 316 16.18 25.94 -28.53
N ASN D 317 17.28 26.30 -29.19
CA ASN D 317 18.20 25.28 -29.72
C ASN D 317 18.86 24.46 -28.62
N HIS D 318 18.91 24.98 -27.39
CA HIS D 318 19.43 24.22 -26.26
C HIS D 318 18.35 23.37 -25.60
N LEU D 319 17.12 23.91 -25.51
CA LEU D 319 16.04 23.30 -24.74
C LEU D 319 15.30 22.21 -25.51
N GLU D 320 15.03 22.43 -26.80
CA GLU D 320 14.10 21.53 -27.46
C GLU D 320 14.77 20.27 -28.02
N PRO D 321 15.83 20.39 -28.80
CA PRO D 321 16.39 19.19 -29.50
C PRO D 321 16.66 18.04 -28.53
N PRO D 322 17.28 18.28 -27.37
CA PRO D 322 17.51 17.15 -26.44
C PRO D 322 16.23 16.52 -25.89
N ALA D 323 15.11 17.23 -25.88
CA ALA D 323 13.86 16.64 -25.40
C ALA D 323 13.16 15.73 -26.42
N LYS D 324 13.63 15.71 -27.67
CA LYS D 324 13.13 14.80 -28.69
C LYS D 324 11.64 15.00 -28.95
N PRO D 325 11.24 16.16 -29.49
CA PRO D 325 9.84 16.34 -29.85
C PRO D 325 9.47 15.50 -31.05
N SER D 326 8.21 15.07 -31.04
CA SER D 326 7.62 14.38 -32.19
C SER D 326 6.14 14.73 -32.27
N ILE D 327 5.59 14.66 -33.46
CA ILE D 327 4.16 14.88 -33.70
C ILE D 327 3.56 13.54 -34.12
N VAL D 328 2.75 12.95 -33.24
CA VAL D 328 2.09 11.67 -33.52
C VAL D 328 0.60 11.90 -33.59
N SER D 329 -0.01 11.54 -34.72
CA SER D 329 -1.46 11.66 -34.87
C SER D 329 -1.91 13.10 -34.61
N ALA D 330 -1.13 14.05 -35.14
CA ALA D 330 -1.35 15.50 -35.05
C ALA D 330 -1.22 16.06 -33.63
N SER D 331 -0.57 15.34 -32.72
CA SER D 331 -0.44 15.80 -31.35
C SER D 331 1.03 15.81 -30.94
N LEU D 332 1.43 16.85 -30.21
CA LEU D 332 2.82 17.04 -29.86
C LEU D 332 3.19 16.25 -28.61
N ARG D 333 4.37 15.67 -28.62
CA ARG D 333 4.91 14.94 -27.48
C ARG D 333 6.42 15.15 -27.40
N TYR D 334 6.94 15.13 -26.17
CA TYR D 334 8.37 15.19 -25.91
C TYR D 334 8.82 13.93 -25.22
N GLU D 335 9.86 13.27 -25.79
CA GLU D 335 10.34 12.01 -25.24
C GLU D 335 11.15 12.20 -23.95
N HIS D 336 11.92 13.28 -23.83
CA HIS D 336 12.78 13.54 -22.67
C HIS D 336 12.67 14.99 -22.21
N PRO D 337 11.55 15.38 -21.62
CA PRO D 337 11.44 16.77 -21.09
C PRO D 337 12.53 17.03 -20.06
N GLY D 338 13.21 18.17 -20.19
CA GLY D 338 14.40 18.43 -19.40
C GLY D 338 14.16 19.06 -18.03
N SER D 339 12.94 19.46 -17.72
CA SER D 339 12.67 20.09 -16.45
C SER D 339 11.19 19.97 -16.16
N LEU D 340 10.82 20.39 -14.96
CA LEU D 340 9.41 20.62 -14.64
C LEU D 340 8.83 21.66 -15.58
N LEU D 341 7.50 21.63 -15.73
CA LEU D 341 6.76 22.65 -16.47
C LEU D 341 7.28 22.80 -17.90
N PHE D 342 7.78 21.72 -18.48
CA PHE D 342 8.51 21.81 -19.74
C PHE D 342 7.59 22.20 -20.89
N ASP D 343 6.59 21.36 -21.18
CA ASP D 343 5.75 21.65 -22.33
C ASP D 343 4.93 22.92 -22.12
N GLU D 344 4.64 23.26 -20.86
CA GLU D 344 3.96 24.50 -20.53
C GLU D 344 4.81 25.72 -20.88
N LEU D 345 6.09 25.70 -20.47
CA LEU D 345 6.92 26.89 -20.67
C LEU D 345 7.33 27.05 -22.15
N LEU D 346 7.65 25.97 -22.84
CA LEU D 346 7.89 26.12 -24.27
C LEU D 346 6.61 26.56 -24.99
N PHE D 347 5.45 26.05 -24.57
CA PHE D 347 4.20 26.53 -25.15
C PHE D 347 4.07 28.04 -25.00
N LEU D 348 4.26 28.53 -23.78
CA LEU D 348 4.11 29.94 -23.48
C LEU D 348 5.07 30.78 -24.31
N ALA D 349 6.33 30.39 -24.36
CA ALA D 349 7.34 31.17 -25.10
C ALA D 349 7.02 31.21 -26.59
N LYS D 350 6.49 30.13 -27.15
CA LYS D 350 6.27 30.09 -28.60
C LYS D 350 5.14 31.02 -29.03
N VAL D 351 4.13 31.21 -28.19
CA VAL D 351 2.98 32.01 -28.57
C VAL D 351 2.96 33.40 -27.90
N HIS D 352 3.81 33.63 -26.90
CA HIS D 352 3.69 34.80 -26.03
C HIS D 352 3.69 36.09 -26.82
N ALA D 353 2.61 36.87 -26.70
CA ALA D 353 2.48 38.14 -27.41
C ALA D 353 3.00 39.33 -26.64
N GLY D 354 3.47 39.14 -25.40
CA GLY D 354 3.88 40.24 -24.55
C GLY D 354 2.80 40.56 -23.53
N PHE D 355 3.17 40.69 -22.26
CA PHE D 355 2.16 40.94 -21.25
C PHE D 355 1.47 42.28 -21.47
N GLY D 356 2.19 43.28 -22.00
CA GLY D 356 1.56 44.55 -22.34
C GLY D 356 0.51 44.42 -23.42
N ALA D 357 0.77 43.56 -24.43
CA ALA D 357 -0.19 43.38 -25.52
C ALA D 357 -1.45 42.71 -25.01
N LEU D 358 -1.30 41.80 -24.05
CA LEU D 358 -2.44 41.18 -23.37
C LEU D 358 -3.28 42.20 -22.61
N LEU D 359 -2.62 43.18 -21.96
CA LEU D 359 -3.39 44.21 -21.27
C LEU D 359 -4.27 44.98 -22.24
N ARG D 360 -3.74 45.30 -23.43
CA ARG D 360 -4.49 46.06 -24.41
C ARG D 360 -5.23 45.17 -25.40
N MET D 361 -5.55 43.93 -25.02
CA MET D 361 -6.23 43.04 -25.95
C MET D 361 -7.60 43.59 -26.32
N PRO D 362 -7.99 43.50 -27.60
CA PRO D 362 -9.29 44.04 -28.03
C PRO D 362 -10.42 43.12 -27.60
N PRO D 363 -11.64 43.66 -27.48
CA PRO D 363 -12.78 42.83 -27.04
C PRO D 363 -13.19 41.83 -28.10
N PRO D 364 -13.96 40.82 -27.73
CA PRO D 364 -14.48 39.88 -28.73
C PRO D 364 -15.72 40.44 -29.40
N ALA D 365 -15.75 41.75 -29.61
CA ALA D 365 -16.88 42.39 -30.28
C ALA D 365 -17.15 41.76 -31.64
N ALA E 1 -3.19 -53.77 -6.71
CA ALA E 1 -2.17 -54.23 -5.78
C ALA E 1 -0.80 -53.76 -6.26
N GLU E 2 -0.73 -53.32 -7.50
CA GLU E 2 0.47 -52.66 -8.01
C GLU E 2 0.35 -51.15 -7.77
N LEU E 3 1.49 -50.46 -7.76
CA LEU E 3 1.52 -49.05 -7.38
C LEU E 3 1.99 -48.18 -8.54
N PRO E 4 1.10 -47.39 -9.13
CA PRO E 4 1.49 -46.58 -10.29
C PRO E 4 2.56 -45.59 -9.90
N PRO E 5 3.35 -45.11 -10.86
CA PRO E 5 4.42 -44.17 -10.53
C PRO E 5 3.86 -42.88 -9.96
N GLY E 6 4.60 -42.27 -9.02
CA GLY E 6 4.18 -41.00 -8.42
C GLY E 6 2.98 -41.07 -7.50
N ARG E 7 2.40 -42.25 -7.31
CA ARG E 7 1.27 -42.45 -6.42
C ARG E 7 1.77 -42.81 -5.02
N LEU E 8 1.01 -42.40 -4.01
CA LEU E 8 1.40 -42.69 -2.63
C LEU E 8 0.85 -44.03 -2.13
N ALA E 9 -0.32 -44.43 -2.61
CA ALA E 9 -0.95 -45.70 -2.24
C ALA E 9 -1.82 -46.16 -3.40
N THR E 10 -2.16 -47.44 -3.38
CA THR E 10 -3.02 -48.02 -4.41
C THR E 10 -4.49 -47.65 -4.20
N THR E 11 -5.24 -47.68 -5.29
CA THR E 11 -6.69 -47.49 -5.21
C THR E 11 -7.31 -48.56 -4.31
N GLU E 12 -6.81 -49.80 -4.40
CA GLU E 12 -7.28 -50.87 -3.52
C GLU E 12 -7.14 -50.50 -2.05
N ASP E 13 -6.01 -49.86 -1.68
CA ASP E 13 -5.81 -49.45 -0.29
C ASP E 13 -6.80 -48.36 0.13
N TYR E 14 -7.03 -47.34 -0.70
CA TYR E 14 -7.97 -46.30 -0.27
C TYR E 14 -9.35 -46.89 -0.04
N PHE E 15 -9.80 -47.74 -0.98
CA PHE E 15 -11.12 -48.33 -0.85
C PHE E 15 -11.22 -49.32 0.30
N ALA E 16 -10.10 -49.88 0.73
CA ALA E 16 -10.10 -50.90 1.76
C ALA E 16 -10.01 -50.32 3.17
N GLN E 17 -9.87 -48.98 3.29
CA GLN E 17 -9.67 -48.36 4.58
C GLN E 17 -10.77 -48.70 5.58
N GLN E 18 -12.04 -48.57 5.19
CA GLN E 18 -13.10 -48.80 6.15
C GLN E 18 -13.13 -50.24 6.64
N ALA E 19 -12.86 -51.20 5.75
CA ALA E 19 -12.81 -52.59 6.16
C ALA E 19 -11.66 -52.86 7.12
N LYS E 20 -10.49 -52.26 6.88
CA LYS E 20 -9.34 -52.43 7.77
C LYS E 20 -9.44 -51.56 9.01
N GLN E 21 -10.47 -50.71 9.11
CA GLN E 21 -10.63 -49.78 10.22
C GLN E 21 -9.36 -48.94 10.44
N ALA E 22 -8.75 -48.51 9.35
CA ALA E 22 -7.55 -47.67 9.45
C ALA E 22 -7.38 -46.86 8.16
N VAL E 23 -6.96 -45.60 8.32
CA VAL E 23 -6.62 -44.78 7.16
C VAL E 23 -5.22 -45.18 6.69
N THR E 24 -4.94 -44.88 5.42
CA THR E 24 -3.64 -45.16 4.87
C THR E 24 -2.63 -44.17 5.43
N PRO E 25 -1.33 -44.49 5.33
CA PRO E 25 -0.32 -43.55 5.87
C PRO E 25 -0.34 -42.18 5.21
N ASP E 26 -0.65 -42.08 3.91
CA ASP E 26 -0.69 -40.75 3.31
C ASP E 26 -1.93 -39.98 3.75
N VAL E 27 -3.03 -40.66 4.04
CA VAL E 27 -4.18 -39.96 4.60
C VAL E 27 -3.87 -39.47 6.02
N MET E 28 -3.15 -40.28 6.81
CA MET E 28 -2.71 -39.83 8.13
C MET E 28 -1.80 -38.60 8.02
N ALA E 29 -0.92 -38.59 7.02
CA ALA E 29 -0.06 -37.44 6.78
C ALA E 29 -0.86 -36.23 6.32
N GLN E 30 -1.99 -36.44 5.63
CA GLN E 30 -2.84 -35.31 5.30
C GLN E 30 -3.49 -34.76 6.55
N LEU E 31 -3.93 -35.63 7.45
CA LEU E 31 -4.45 -35.15 8.73
C LEU E 31 -3.39 -34.38 9.51
N ALA E 32 -2.14 -34.80 9.42
CA ALA E 32 -1.09 -34.06 10.11
C ALA E 32 -0.95 -32.65 9.55
N TYR E 33 -0.92 -32.52 8.21
CA TYR E 33 -0.92 -31.17 7.63
C TYR E 33 -2.08 -30.35 8.16
N MET E 34 -3.24 -30.97 8.38
CA MET E 34 -4.43 -30.25 8.83
C MET E 34 -4.37 -29.87 10.32
N ASN E 35 -3.59 -30.60 11.11
CA ASN E 35 -3.66 -30.49 12.57
C ASN E 35 -2.35 -30.16 13.27
N TYR E 36 -1.20 -30.30 12.60
CA TYR E 36 0.03 -30.44 13.37
C TYR E 36 0.60 -29.09 13.81
N ILE E 37 0.92 -28.20 12.87
CA ILE E 37 1.76 -27.04 13.18
C ILE E 37 0.92 -25.95 13.83
N ASP E 38 1.46 -25.40 14.93
CA ASP E 38 0.80 -24.31 15.62
C ASP E 38 0.49 -23.16 14.67
N PHE E 39 -0.69 -22.56 14.87
CA PHE E 39 -1.05 -21.29 14.25
C PHE E 39 -1.40 -21.41 12.77
N ILE E 40 -0.55 -22.09 11.98
CA ILE E 40 -0.70 -22.04 10.52
C ILE E 40 -1.35 -23.28 9.92
N SER E 41 -1.55 -24.33 10.68
CA SER E 41 -2.35 -25.40 10.10
C SER E 41 -3.83 -25.03 10.13
N PRO E 42 -4.62 -25.54 9.17
CA PRO E 42 -6.01 -25.06 9.04
C PRO E 42 -6.91 -25.33 10.23
N PHE E 43 -6.72 -26.43 10.96
CA PHE E 43 -7.62 -26.79 12.05
C PHE E 43 -6.97 -26.65 13.42
N TYR E 44 -6.09 -25.66 13.57
CA TYR E 44 -5.42 -25.46 14.85
C TYR E 44 -6.35 -24.82 15.90
N SER E 45 -7.19 -23.87 15.50
CA SER E 45 -7.94 -23.01 16.41
C SER E 45 -9.34 -22.76 15.87
N ARG E 46 -10.28 -22.59 16.77
CA ARG E 46 -11.63 -22.17 16.38
C ARG E 46 -11.73 -20.66 16.12
N GLY E 47 -10.67 -19.90 16.35
CA GLY E 47 -10.73 -18.47 16.13
C GLY E 47 -10.82 -18.13 14.66
N CYS E 48 -11.05 -16.84 14.39
CA CYS E 48 -11.19 -16.35 13.02
C CYS E 48 -9.83 -16.05 12.41
N SER E 49 -8.95 -17.02 12.53
CA SER E 49 -7.64 -16.98 11.91
C SER E 49 -7.62 -17.90 10.70
N PHE E 50 -7.03 -17.41 9.62
CA PHE E 50 -7.04 -18.12 8.35
C PHE E 50 -5.66 -18.15 7.70
N GLU E 51 -4.59 -18.17 8.51
CA GLU E 51 -3.22 -18.26 7.99
C GLU E 51 -3.07 -19.40 6.98
N ALA E 52 -3.67 -20.56 7.25
CA ALA E 52 -3.48 -21.71 6.38
C ALA E 52 -3.96 -21.40 4.97
N TRP E 53 -5.07 -20.66 4.87
CA TRP E 53 -5.58 -20.32 3.55
C TRP E 53 -4.78 -19.20 2.90
N GLU E 54 -4.28 -18.23 3.69
CA GLU E 54 -3.38 -17.22 3.11
C GLU E 54 -2.11 -17.86 2.56
N LEU E 55 -1.53 -18.81 3.30
CA LEU E 55 -0.34 -19.51 2.79
C LEU E 55 -0.62 -20.23 1.48
N LYS E 56 -1.83 -20.77 1.31
CA LYS E 56 -2.22 -21.44 0.08
C LYS E 56 -2.78 -20.51 -1.00
N HIS E 57 -2.93 -19.21 -0.72
CA HIS E 57 -3.46 -18.26 -1.70
C HIS E 57 -4.89 -18.60 -2.10
N THR E 58 -5.69 -19.11 -1.17
CA THR E 58 -7.07 -19.42 -1.51
C THR E 58 -7.88 -18.15 -1.75
N PRO E 59 -8.50 -17.99 -2.92
CA PRO E 59 -9.38 -16.84 -3.10
C PRO E 59 -10.44 -16.79 -2.00
N GLN E 60 -10.77 -15.58 -1.58
CA GLN E 60 -11.67 -15.43 -0.44
C GLN E 60 -13.00 -16.15 -0.68
N ARG E 61 -13.53 -16.06 -1.90
CA ARG E 61 -14.81 -16.71 -2.21
C ARG E 61 -14.74 -18.22 -2.13
N VAL E 62 -13.55 -18.80 -2.07
CA VAL E 62 -13.43 -20.26 -2.10
C VAL E 62 -13.18 -20.85 -0.72
N ILE E 63 -12.88 -20.03 0.28
CA ILE E 63 -12.59 -20.53 1.62
C ILE E 63 -13.76 -21.37 2.16
N LYS E 64 -15.00 -20.91 1.94
CA LYS E 64 -16.15 -21.62 2.48
C LYS E 64 -16.26 -23.04 1.94
N TYR E 65 -15.91 -23.25 0.67
CA TYR E 65 -15.96 -24.61 0.13
C TYR E 65 -14.77 -25.44 0.61
N SER E 66 -13.61 -24.79 0.77
CA SER E 66 -12.45 -25.48 1.34
C SER E 66 -12.81 -26.08 2.68
N ILE E 67 -13.38 -25.27 3.57
CA ILE E 67 -13.77 -25.72 4.90
C ILE E 67 -14.79 -26.84 4.80
N ALA E 68 -15.79 -26.67 3.94
CA ALA E 68 -16.86 -27.65 3.84
C ALA E 68 -16.32 -29.00 3.39
N PHE E 69 -15.48 -29.01 2.35
CA PHE E 69 -14.97 -30.27 1.82
C PHE E 69 -14.04 -30.95 2.81
N TYR E 70 -13.22 -30.18 3.50
CA TYR E 70 -12.49 -30.74 4.62
C TYR E 70 -13.45 -31.42 5.59
N ALA E 71 -14.55 -30.74 5.93
CA ALA E 71 -15.51 -31.28 6.87
C ALA E 71 -16.07 -32.61 6.41
N TYR E 72 -16.43 -32.70 5.12
CA TYR E 72 -17.02 -33.94 4.61
C TYR E 72 -16.02 -35.09 4.68
N GLY E 73 -14.75 -34.83 4.38
CA GLY E 73 -13.73 -35.85 4.54
C GLY E 73 -13.54 -36.29 5.98
N LEU E 74 -13.50 -35.33 6.91
CA LEU E 74 -13.34 -35.69 8.32
C LEU E 74 -14.49 -36.56 8.81
N ALA E 75 -15.70 -36.35 8.28
CA ALA E 75 -16.83 -37.20 8.61
C ALA E 75 -16.58 -38.65 8.19
N SER E 76 -15.99 -38.87 7.02
CA SER E 76 -15.68 -40.23 6.60
C SER E 76 -14.56 -40.82 7.46
N VAL E 77 -13.60 -39.99 7.86
CA VAL E 77 -12.55 -40.47 8.74
C VAL E 77 -13.16 -41.00 10.03
N ALA E 78 -14.26 -40.38 10.51
CA ALA E 78 -14.93 -40.87 11.71
C ALA E 78 -15.42 -42.31 11.55
N LEU E 79 -15.97 -42.62 10.37
CA LEU E 79 -16.50 -43.94 10.09
C LEU E 79 -15.40 -44.95 9.87
N ILE E 80 -14.31 -44.51 9.22
CA ILE E 80 -13.22 -45.40 8.89
C ILE E 80 -12.51 -45.89 10.14
N ASP E 81 -12.06 -44.96 10.98
CA ASP E 81 -11.12 -45.26 12.05
C ASP E 81 -11.70 -44.83 13.39
N PRO E 82 -12.29 -45.74 14.15
CA PRO E 82 -12.76 -45.36 15.50
C PRO E 82 -11.67 -44.66 16.31
N LYS E 83 -10.41 -45.06 16.15
CA LYS E 83 -9.35 -44.41 16.91
C LYS E 83 -9.22 -42.93 16.56
N LEU E 84 -9.66 -42.52 15.37
CA LEU E 84 -9.58 -41.11 14.95
C LEU E 84 -10.92 -40.36 15.06
N ARG E 85 -11.97 -40.98 15.59
CA ARG E 85 -13.28 -40.33 15.59
C ARG E 85 -13.31 -39.07 16.47
N ALA E 86 -12.68 -39.12 17.64
CA ALA E 86 -12.68 -37.94 18.52
C ALA E 86 -11.94 -36.77 17.88
N LEU E 87 -10.77 -37.04 17.29
CA LEU E 87 -10.05 -35.99 16.58
C LEU E 87 -10.89 -35.39 15.44
N ALA E 88 -11.55 -36.26 14.68
CA ALA E 88 -12.44 -35.80 13.60
C ALA E 88 -13.56 -34.93 14.15
N GLY E 89 -14.14 -35.31 15.29
CA GLY E 89 -15.12 -34.46 15.93
C GLY E 89 -14.56 -33.10 16.30
N HIS E 90 -13.37 -33.10 16.92
CA HIS E 90 -12.71 -31.85 17.25
C HIS E 90 -12.51 -30.97 16.02
N ASP E 91 -12.05 -31.56 14.93
CA ASP E 91 -11.85 -30.80 13.70
C ASP E 91 -13.18 -30.26 13.17
N LEU E 92 -14.23 -31.09 13.21
CA LEU E 92 -15.55 -30.64 12.77
C LEU E 92 -16.05 -29.47 13.61
N ASP E 93 -15.82 -29.54 14.93
CA ASP E 93 -16.15 -28.41 15.79
C ASP E 93 -15.45 -27.13 15.33
N ILE E 94 -14.15 -27.23 15.07
CA ILE E 94 -13.40 -26.07 14.62
C ILE E 94 -13.90 -25.60 13.25
N ALA E 95 -14.25 -26.53 12.37
CA ALA E 95 -14.70 -26.20 11.02
C ALA E 95 -15.97 -25.36 11.03
N VAL E 96 -17.05 -25.84 11.67
CA VAL E 96 -18.28 -25.04 11.66
C VAL E 96 -18.00 -23.69 12.31
N SER E 97 -17.20 -23.69 13.37
CA SER E 97 -16.84 -22.43 14.03
C SER E 97 -16.17 -21.46 13.07
N LYS E 98 -15.17 -21.93 12.31
CA LYS E 98 -14.53 -21.05 11.33
C LYS E 98 -15.49 -20.63 10.22
N MET E 99 -16.42 -21.50 9.87
CA MET E 99 -17.40 -21.24 8.82
C MET E 99 -18.26 -20.00 9.09
N LYS E 100 -18.39 -19.59 10.34
CA LYS E 100 -19.25 -18.47 10.68
C LYS E 100 -18.52 -17.13 10.76
N CYS E 101 -17.20 -17.13 10.54
CA CYS E 101 -16.43 -15.89 10.53
C CYS E 101 -16.74 -15.05 9.29
N LYS E 102 -16.74 -13.73 9.44
CA LYS E 102 -17.07 -12.85 8.33
C LYS E 102 -16.09 -13.00 7.19
N ARG E 103 -14.86 -13.41 7.47
CA ARG E 103 -13.91 -13.63 6.39
C ARG E 103 -14.40 -14.68 5.42
N VAL E 104 -15.21 -15.62 5.89
CA VAL E 104 -15.70 -16.71 5.05
C VAL E 104 -16.97 -16.31 4.30
N TRP E 105 -17.96 -15.70 4.96
CA TRP E 105 -19.22 -15.40 4.29
C TRP E 105 -19.34 -13.96 3.82
N GLY E 106 -18.35 -13.10 4.11
CA GLY E 106 -18.46 -11.66 3.93
C GLY E 106 -18.70 -11.20 2.50
N ASP E 107 -18.33 -12.03 1.51
CA ASP E 107 -18.59 -11.65 0.12
C ASP E 107 -20.08 -11.38 -0.13
N TRP E 108 -20.96 -12.09 0.58
CA TRP E 108 -22.39 -11.85 0.42
C TRP E 108 -22.74 -10.39 0.69
N GLU E 109 -22.09 -9.80 1.69
CA GLU E 109 -22.32 -8.40 2.01
C GLU E 109 -21.52 -7.47 1.11
N GLU E 110 -20.24 -7.78 0.82
CA GLU E 110 -19.47 -6.88 -0.04
C GLU E 110 -20.13 -6.71 -1.40
N ASP E 111 -20.76 -7.77 -1.92
CA ASP E 111 -21.46 -7.73 -3.21
C ASP E 111 -22.77 -6.96 -3.16
N GLY E 112 -23.22 -6.56 -1.96
CA GLY E 112 -24.38 -5.71 -1.80
C GLY E 112 -25.70 -6.42 -1.61
N PHE E 113 -25.67 -7.73 -1.37
CA PHE E 113 -26.86 -8.55 -1.27
C PHE E 113 -27.47 -8.58 0.14
N GLY E 114 -26.78 -8.00 1.12
CA GLY E 114 -27.30 -7.91 2.46
C GLY E 114 -26.28 -8.18 3.54
N THR E 115 -26.71 -8.00 4.79
CA THR E 115 -25.82 -8.12 5.94
C THR E 115 -25.92 -9.47 6.65
N ASP E 116 -26.99 -10.22 6.40
CA ASP E 116 -27.26 -11.52 7.02
C ASP E 116 -27.10 -12.61 5.98
N PRO E 117 -26.09 -13.49 6.08
CA PRO E 117 -25.83 -14.49 5.02
C PRO E 117 -26.77 -15.68 5.04
N ILE E 118 -27.65 -15.81 6.02
CA ILE E 118 -28.60 -16.92 6.06
C ILE E 118 -30.04 -16.48 5.93
N GLU E 119 -30.33 -15.18 5.98
CA GLU E 119 -31.70 -14.69 5.97
C GLU E 119 -32.49 -15.17 4.75
N LYS E 120 -31.98 -14.91 3.55
CA LYS E 120 -32.64 -15.24 2.29
C LYS E 120 -31.60 -15.67 1.27
N GLU E 121 -31.93 -16.67 0.46
CA GLU E 121 -31.05 -17.06 -0.65
C GLU E 121 -29.69 -17.52 -0.09
N ASN E 122 -28.62 -17.27 -0.85
CA ASN E 122 -27.25 -17.60 -0.44
C ASN E 122 -27.10 -19.06 -0.01
N ILE E 123 -27.83 -19.95 -0.70
CA ILE E 123 -27.81 -21.37 -0.39
C ILE E 123 -26.42 -21.97 -0.61
N MET E 124 -25.61 -21.36 -1.49
CA MET E 124 -24.23 -21.79 -1.69
C MET E 124 -23.43 -21.73 -0.40
N TYR E 125 -23.79 -20.85 0.53
CA TYR E 125 -23.11 -20.76 1.83
C TYR E 125 -23.83 -21.55 2.93
N LYS E 126 -25.10 -21.22 3.21
CA LYS E 126 -25.80 -21.84 4.32
C LYS E 126 -26.16 -23.30 4.04
N GLY E 127 -26.16 -23.71 2.77
CA GLY E 127 -26.33 -25.12 2.50
C GLY E 127 -25.20 -25.94 3.11
N HIS E 128 -23.94 -25.52 2.87
CA HIS E 128 -22.81 -26.23 3.46
C HIS E 128 -22.80 -26.11 4.98
N LEU E 129 -23.00 -24.89 5.50
CA LEU E 129 -22.97 -24.73 6.95
C LEU E 129 -23.97 -25.67 7.61
N ASN E 130 -25.18 -25.75 7.04
CA ASN E 130 -26.24 -26.57 7.62
C ASN E 130 -25.86 -28.04 7.61
N LEU E 131 -25.30 -28.52 6.50
CA LEU E 131 -24.84 -29.90 6.46
C LEU E 131 -23.75 -30.14 7.51
N MET E 132 -22.84 -29.17 7.68
CA MET E 132 -21.78 -29.31 8.67
C MET E 132 -22.33 -29.39 10.10
N TYR E 133 -23.36 -28.59 10.43
CA TYR E 133 -24.04 -28.72 11.73
C TYR E 133 -24.41 -30.17 12.01
N GLY E 134 -25.10 -30.81 11.06
CA GLY E 134 -25.59 -32.16 11.29
C GLY E 134 -24.49 -33.20 11.33
N LEU E 135 -23.52 -33.09 10.40
CA LEU E 135 -22.39 -34.02 10.41
C LEU E 135 -21.62 -33.95 11.72
N TYR E 136 -21.42 -32.75 12.25
CA TYR E 136 -20.78 -32.64 13.55
C TYR E 136 -21.56 -33.41 14.61
N GLN E 137 -22.89 -33.29 14.61
CA GLN E 137 -23.68 -34.00 15.63
C GLN E 137 -23.68 -35.50 15.39
N LEU E 138 -23.70 -35.92 14.12
CA LEU E 138 -23.60 -37.35 13.84
C LEU E 138 -22.28 -37.93 14.34
N VAL E 139 -21.18 -37.19 14.14
CA VAL E 139 -19.87 -37.71 14.53
C VAL E 139 -19.72 -37.70 16.04
N THR E 140 -20.05 -36.57 16.67
CA THR E 140 -19.72 -36.37 18.07
C THR E 140 -20.86 -36.72 19.01
N GLY E 141 -22.12 -36.58 18.59
CA GLY E 141 -23.23 -36.67 19.51
C GLY E 141 -23.50 -35.44 20.33
N SER E 142 -22.73 -34.38 20.11
CA SER E 142 -22.89 -33.13 20.83
C SER E 142 -24.08 -32.32 20.27
N ARG E 143 -24.85 -31.70 21.18
CA ARG E 143 -25.94 -30.81 20.82
C ARG E 143 -25.51 -29.36 20.83
N ARG E 144 -24.19 -29.13 20.84
CA ARG E 144 -23.62 -27.80 20.89
C ARG E 144 -24.27 -26.86 19.88
N TYR E 145 -24.43 -27.34 18.64
CA TYR E 145 -24.99 -26.52 17.58
C TYR E 145 -26.41 -26.95 17.24
N GLU E 146 -27.03 -27.77 18.09
CA GLU E 146 -28.34 -28.30 17.73
C GLU E 146 -29.34 -27.18 17.49
N ALA E 147 -29.32 -26.15 18.35
CA ALA E 147 -30.23 -25.02 18.19
C ALA E 147 -30.04 -24.34 16.85
N GLU E 148 -28.79 -23.99 16.50
CA GLU E 148 -28.56 -23.34 15.22
C GLU E 148 -28.92 -24.25 14.05
N HIS E 149 -28.68 -25.56 14.21
CA HIS E 149 -29.04 -26.54 13.20
C HIS E 149 -30.53 -26.49 12.87
N ALA E 150 -31.38 -26.51 13.90
CA ALA E 150 -32.82 -26.47 13.67
C ALA E 150 -33.27 -25.13 13.09
N HIS E 151 -32.60 -24.04 13.47
CA HIS E 151 -32.95 -22.71 12.97
C HIS E 151 -32.72 -22.62 11.45
N LEU E 152 -31.54 -23.04 10.99
CA LEU E 152 -31.21 -22.96 9.58
C LEU E 152 -31.97 -24.00 8.77
N THR E 153 -32.29 -25.15 9.36
CA THR E 153 -33.10 -26.13 8.64
C THR E 153 -34.50 -25.58 8.39
N ARG E 154 -35.08 -24.89 9.35
CA ARG E 154 -36.40 -24.33 9.14
C ARG E 154 -36.35 -23.21 8.11
N ILE E 155 -35.30 -22.40 8.16
CA ILE E 155 -35.11 -21.37 7.15
C ILE E 155 -35.07 -22.00 5.76
N ILE E 156 -34.24 -23.03 5.59
CA ILE E 156 -34.12 -23.70 4.30
C ILE E 156 -35.47 -24.30 3.91
N HIS E 157 -36.08 -25.09 4.80
CA HIS E 157 -37.35 -25.72 4.49
C HIS E 157 -38.41 -24.70 4.10
N ASP E 158 -38.52 -23.61 4.85
CA ASP E 158 -39.53 -22.61 4.54
C ASP E 158 -39.24 -21.95 3.20
N GLU E 159 -37.95 -21.73 2.87
CA GLU E 159 -37.65 -21.10 1.59
C GLU E 159 -38.04 -22.02 0.43
N ILE E 160 -37.80 -23.32 0.56
CA ILE E 160 -38.24 -24.26 -0.47
C ILE E 160 -39.74 -24.16 -0.69
N ALA E 161 -40.51 -24.21 0.41
CA ALA E 161 -41.96 -24.25 0.29
C ALA E 161 -42.49 -23.02 -0.42
N ALA E 162 -41.79 -21.88 -0.34
CA ALA E 162 -42.31 -20.64 -0.90
C ALA E 162 -42.01 -20.46 -2.37
N ASN E 163 -41.03 -21.25 -2.96
CA ASN E 163 -40.66 -20.99 -4.34
C ASN E 163 -41.51 -21.79 -5.32
N PRO E 164 -41.95 -21.14 -6.41
CA PRO E 164 -42.65 -21.89 -7.46
C PRO E 164 -41.76 -22.90 -8.17
N PHE E 165 -40.46 -22.65 -8.28
CA PHE E 165 -39.53 -23.70 -8.67
C PHE E 165 -39.13 -24.51 -7.44
N ALA E 166 -38.52 -25.66 -7.66
CA ALA E 166 -38.11 -26.52 -6.56
C ALA E 166 -36.67 -26.18 -6.17
N GLY E 167 -36.50 -25.65 -4.96
CA GLY E 167 -35.17 -25.31 -4.44
C GLY E 167 -35.02 -23.87 -4.04
N ILE E 168 -33.78 -23.43 -3.90
CA ILE E 168 -33.43 -22.09 -3.44
C ILE E 168 -32.34 -21.55 -4.37
N VAL E 169 -32.36 -20.23 -4.59
CA VAL E 169 -31.39 -19.58 -5.46
C VAL E 169 -30.18 -19.17 -4.62
N CYS E 170 -29.06 -18.92 -5.31
CA CYS E 170 -27.87 -18.34 -4.66
C CYS E 170 -27.93 -16.83 -4.58
N GLU E 171 -27.49 -16.14 -5.62
CA GLU E 171 -27.75 -14.72 -5.74
C GLU E 171 -29.14 -14.54 -6.34
N PRO E 172 -29.70 -13.35 -6.28
CA PRO E 172 -31.04 -13.15 -6.85
C PRO E 172 -31.06 -13.57 -8.31
N ASP E 173 -31.90 -14.55 -8.63
CA ASP E 173 -32.09 -15.03 -10.00
C ASP E 173 -30.91 -15.90 -10.48
N ASN E 174 -30.22 -16.54 -9.56
CA ASN E 174 -29.13 -17.46 -9.89
C ASN E 174 -29.43 -18.80 -9.22
N TYR E 175 -29.85 -19.78 -9.99
CA TYR E 175 -30.19 -21.09 -9.44
C TYR E 175 -29.13 -22.11 -9.86
N PHE E 176 -28.53 -22.77 -8.87
CA PHE E 176 -27.48 -23.74 -9.10
C PHE E 176 -27.86 -25.07 -8.47
N VAL E 177 -27.90 -26.10 -9.30
CA VAL E 177 -28.38 -27.40 -8.86
C VAL E 177 -27.42 -28.01 -7.83
N GLN E 178 -26.11 -27.79 -8.00
CA GLN E 178 -25.16 -28.38 -7.06
C GLN E 178 -25.31 -27.76 -5.67
N CYS E 179 -25.58 -26.46 -5.60
CA CYS E 179 -25.71 -25.86 -4.28
C CYS E 179 -26.99 -26.32 -3.60
N ASN E 180 -28.04 -26.55 -4.39
CA ASN E 180 -29.28 -27.10 -3.85
C ASN E 180 -29.08 -28.54 -3.35
N SER E 181 -28.31 -29.35 -4.05
CA SER E 181 -28.13 -30.73 -3.60
C SER E 181 -27.53 -30.80 -2.20
N VAL E 182 -26.65 -29.84 -1.86
CA VAL E 182 -26.09 -29.78 -0.50
C VAL E 182 -27.19 -29.51 0.52
N ALA E 183 -28.07 -28.54 0.23
CA ALA E 183 -29.11 -28.21 1.20
C ALA E 183 -30.09 -29.36 1.39
N TYR E 184 -30.54 -29.99 0.29
CA TYR E 184 -31.46 -31.11 0.47
C TYR E 184 -30.81 -32.22 1.30
N LEU E 185 -29.53 -32.54 1.05
CA LEU E 185 -28.87 -33.54 1.86
C LEU E 185 -28.87 -33.16 3.34
N SER E 186 -28.75 -31.86 3.65
CA SER E 186 -28.80 -31.45 5.06
C SER E 186 -30.18 -31.70 5.65
N LEU E 187 -31.23 -31.69 4.81
CA LEU E 187 -32.56 -32.03 5.31
C LEU E 187 -32.64 -33.49 5.71
N TRP E 188 -31.99 -34.39 4.96
CA TRP E 188 -31.96 -35.79 5.36
C TRP E 188 -31.21 -36.00 6.67
N VAL E 189 -30.10 -35.28 6.86
CA VAL E 189 -29.31 -35.39 8.08
C VAL E 189 -30.13 -34.93 9.29
N TYR E 190 -30.87 -33.84 9.14
CA TYR E 190 -31.75 -33.41 10.21
C TYR E 190 -32.81 -34.47 10.50
N ASP E 191 -33.41 -35.05 9.45
CA ASP E 191 -34.39 -36.11 9.65
C ASP E 191 -33.79 -37.29 10.39
N ARG E 192 -32.53 -37.64 10.10
CA ARG E 192 -31.92 -38.77 10.77
C ARG E 192 -31.68 -38.47 12.24
N LEU E 193 -31.28 -37.24 12.56
CA LEU E 193 -31.03 -36.86 13.93
C LEU E 193 -32.33 -36.74 14.73
N HIS E 194 -33.41 -36.33 14.08
CA HIS E 194 -34.68 -36.19 14.80
C HIS E 194 -35.73 -37.05 14.14
N GLY E 195 -36.99 -36.79 14.37
CA GLY E 195 -37.93 -37.64 13.69
C GLY E 195 -38.45 -37.07 12.39
N THR E 196 -37.94 -35.91 11.97
CA THR E 196 -38.65 -35.14 10.99
C THR E 196 -38.73 -35.86 9.64
N ASP E 197 -39.50 -35.24 8.76
CA ASP E 197 -39.68 -35.66 7.38
C ASP E 197 -39.46 -34.47 6.46
N TYR E 198 -38.48 -33.63 6.81
CA TYR E 198 -38.11 -32.53 5.93
C TYR E 198 -37.64 -33.04 4.57
N ARG E 199 -37.07 -34.25 4.53
CA ARG E 199 -36.57 -34.78 3.26
C ARG E 199 -37.66 -35.01 2.24
N ALA E 200 -38.93 -34.96 2.64
CA ALA E 200 -40.02 -35.23 1.70
C ALA E 200 -40.00 -34.25 0.55
N ALA E 201 -39.44 -33.06 0.73
CA ALA E 201 -39.39 -32.10 -0.35
C ALA E 201 -38.44 -32.52 -1.45
N THR E 202 -37.64 -33.58 -1.23
CA THR E 202 -36.66 -34.02 -2.21
C THR E 202 -37.31 -34.61 -3.46
N ARG E 203 -38.49 -35.21 -3.32
CA ARG E 203 -39.13 -35.80 -4.50
C ARG E 203 -39.40 -34.72 -5.54
N ALA E 204 -40.10 -33.65 -5.14
CA ALA E 204 -40.44 -32.61 -6.11
C ALA E 204 -39.19 -31.99 -6.72
N TRP E 205 -38.11 -31.89 -5.97
CA TRP E 205 -36.87 -31.34 -6.50
C TRP E 205 -36.23 -32.27 -7.53
N LEU E 206 -36.20 -33.57 -7.25
CA LEU E 206 -35.63 -34.50 -8.22
C LEU E 206 -36.43 -34.48 -9.54
N ASP E 207 -37.74 -34.40 -9.45
CA ASP E 207 -38.53 -34.28 -10.66
C ASP E 207 -38.25 -32.98 -11.39
N PHE E 208 -38.06 -31.89 -10.65
CA PHE E 208 -37.85 -30.59 -11.29
C PHE E 208 -36.52 -30.55 -12.02
N ILE E 209 -35.44 -30.98 -11.35
CA ILE E 209 -34.15 -30.93 -12.01
C ILE E 209 -34.12 -31.91 -13.17
N GLN E 210 -34.90 -32.98 -13.08
CA GLN E 210 -34.86 -33.99 -14.12
C GLN E 210 -35.57 -33.52 -15.40
N LYS E 211 -36.64 -32.74 -15.29
CA LYS E 211 -37.35 -32.32 -16.49
C LYS E 211 -36.84 -31.00 -17.07
N ASP E 212 -36.15 -30.19 -16.27
CA ASP E 212 -35.80 -28.83 -16.68
C ASP E 212 -34.30 -28.58 -16.75
N LEU E 213 -33.51 -29.18 -15.85
CA LEU E 213 -32.12 -28.76 -15.70
C LEU E 213 -31.11 -29.76 -16.24
N ILE E 214 -31.54 -30.94 -16.66
CA ILE E 214 -30.61 -31.97 -17.09
C ILE E 214 -30.85 -32.28 -18.57
N ASP E 215 -29.76 -32.51 -19.29
CA ASP E 215 -29.81 -33.10 -20.62
C ASP E 215 -29.82 -34.62 -20.46
N PRO E 216 -31.00 -35.25 -20.55
CA PRO E 216 -31.09 -36.68 -20.18
C PRO E 216 -30.24 -37.62 -21.03
N GLU E 217 -30.08 -37.36 -22.32
CA GLU E 217 -29.28 -38.28 -23.11
C GLU E 217 -27.81 -38.21 -22.71
N ARG E 218 -27.29 -37.01 -22.45
CA ARG E 218 -25.88 -36.88 -22.12
C ARG E 218 -25.62 -36.99 -20.62
N GLY E 219 -26.66 -37.12 -19.81
CA GLY E 219 -26.49 -37.28 -18.37
C GLY E 219 -25.73 -36.13 -17.77
N ALA E 220 -26.12 -34.92 -18.15
CA ALA E 220 -25.37 -33.73 -17.79
C ALA E 220 -26.31 -32.60 -17.44
N PHE E 221 -25.99 -31.87 -16.37
CA PHE E 221 -26.72 -30.67 -15.99
C PHE E 221 -26.16 -29.43 -16.70
N TYR E 222 -27.07 -28.49 -16.96
CA TYR E 222 -26.68 -27.20 -17.48
C TYR E 222 -26.04 -26.34 -16.39
N LEU E 223 -25.34 -25.30 -16.83
CA LEU E 223 -24.53 -24.53 -15.91
C LEU E 223 -25.39 -23.97 -14.79
N SER E 224 -26.52 -23.36 -15.13
CA SER E 224 -27.36 -22.72 -14.14
C SER E 224 -28.72 -22.40 -14.75
N TYR E 225 -29.67 -22.11 -13.86
CA TYR E 225 -31.04 -21.79 -14.21
C TYR E 225 -31.39 -20.45 -13.59
N HIS E 226 -32.24 -19.67 -14.25
CA HIS E 226 -32.53 -18.30 -13.82
C HIS E 226 -34.03 -18.05 -13.82
N PRO E 227 -34.69 -18.25 -12.66
CA PRO E 227 -36.16 -18.28 -12.64
C PRO E 227 -36.84 -17.03 -13.17
N GLU E 228 -36.38 -15.84 -12.81
CA GLU E 228 -37.07 -14.62 -13.21
C GLU E 228 -37.31 -14.60 -14.71
N SER E 229 -36.27 -14.83 -15.50
CA SER E 229 -36.38 -14.82 -16.96
C SER E 229 -36.61 -16.22 -17.53
N GLY E 230 -36.75 -17.24 -16.69
CA GLY E 230 -36.91 -18.59 -17.19
C GLY E 230 -35.75 -19.11 -18.01
N ALA E 231 -34.60 -18.45 -17.97
CA ALA E 231 -33.49 -18.83 -18.82
C ALA E 231 -32.65 -19.96 -18.20
N VAL E 232 -32.04 -20.76 -19.07
CA VAL E 232 -31.08 -21.80 -18.71
C VAL E 232 -29.83 -21.60 -19.56
N LYS E 233 -28.68 -21.44 -18.90
CA LYS E 233 -27.44 -21.21 -19.64
C LYS E 233 -27.13 -22.41 -20.52
N PRO E 234 -26.94 -22.23 -21.79
CA PRO E 234 -26.93 -23.37 -22.72
C PRO E 234 -25.65 -24.19 -22.75
N TRP E 235 -24.85 -24.18 -21.68
CA TRP E 235 -23.68 -25.06 -21.61
C TRP E 235 -23.88 -26.12 -20.54
N ILE E 236 -23.53 -27.36 -20.84
CA ILE E 236 -23.52 -28.41 -19.83
C ILE E 236 -22.16 -28.41 -19.14
N SER E 237 -22.17 -28.67 -17.84
CA SER E 237 -20.98 -28.52 -17.00
C SER E 237 -20.62 -29.83 -16.33
N ALA E 238 -19.38 -30.29 -16.52
CA ALA E 238 -18.96 -31.53 -15.88
C ALA E 238 -18.83 -31.39 -14.37
N TYR E 239 -18.14 -30.35 -13.89
CA TYR E 239 -17.95 -30.24 -12.44
C TYR E 239 -19.30 -30.06 -11.73
N THR E 240 -20.20 -29.30 -12.34
CA THR E 240 -21.55 -29.20 -11.81
C THR E 240 -22.19 -30.59 -11.73
N THR E 241 -22.10 -31.36 -12.81
CA THR E 241 -22.78 -32.66 -12.81
C THR E 241 -22.14 -33.63 -11.82
N ALA E 242 -20.81 -33.67 -11.76
CA ALA E 242 -20.14 -34.63 -10.88
C ALA E 242 -20.55 -34.41 -9.43
N TRP E 243 -20.46 -33.17 -8.98
CA TRP E 243 -20.86 -32.82 -7.62
C TRP E 243 -22.33 -33.20 -7.33
N THR E 244 -23.24 -32.82 -8.22
CA THR E 244 -24.69 -33.05 -8.03
C THR E 244 -25.03 -34.55 -7.98
N LEU E 245 -24.53 -35.32 -8.96
CA LEU E 245 -24.81 -36.76 -8.94
C LEU E 245 -24.23 -37.42 -7.70
N ALA E 246 -23.06 -36.97 -7.27
CA ALA E 246 -22.41 -37.57 -6.11
C ALA E 246 -23.28 -37.40 -4.87
N MET E 247 -23.78 -36.20 -4.64
CA MET E 247 -24.65 -35.96 -3.49
C MET E 247 -26.03 -36.52 -3.70
N VAL E 248 -26.54 -36.48 -4.93
CA VAL E 248 -27.85 -37.06 -5.16
C VAL E 248 -27.80 -38.57 -4.90
N HIS E 249 -26.68 -39.22 -5.19
CA HIS E 249 -26.55 -40.66 -5.00
C HIS E 249 -26.76 -41.07 -3.55
N GLY E 250 -26.56 -40.14 -2.60
CA GLY E 250 -26.83 -40.46 -1.21
C GLY E 250 -28.29 -40.38 -0.81
N MET E 251 -29.12 -39.71 -1.61
CA MET E 251 -30.55 -39.62 -1.34
C MET E 251 -31.38 -40.55 -2.21
N ASP E 252 -31.03 -40.65 -3.48
CA ASP E 252 -31.75 -41.48 -4.45
C ASP E 252 -30.68 -42.11 -5.32
N PRO E 253 -30.11 -43.24 -4.89
CA PRO E 253 -29.04 -43.87 -5.68
C PRO E 253 -29.44 -44.18 -7.12
N ALA E 254 -30.68 -44.62 -7.33
CA ALA E 254 -31.11 -45.01 -8.66
C ALA E 254 -30.95 -43.87 -9.65
N PHE E 255 -31.24 -42.64 -9.22
CA PHE E 255 -31.08 -41.45 -10.05
C PHE E 255 -29.63 -41.32 -10.53
N SER E 256 -28.69 -41.38 -9.61
CA SER E 256 -27.31 -41.19 -10.01
C SER E 256 -26.79 -42.38 -10.80
N GLU E 257 -27.24 -43.59 -10.48
CA GLU E 257 -26.81 -44.74 -11.27
C GLU E 257 -27.30 -44.60 -12.71
N ARG E 258 -28.50 -44.03 -12.93
CA ARG E 258 -29.02 -43.88 -14.30
C ARG E 258 -28.13 -43.00 -15.17
N TYR E 259 -27.67 -41.87 -14.64
CA TYR E 259 -26.96 -40.90 -15.48
C TYR E 259 -25.45 -41.10 -15.49
N TYR E 260 -24.89 -41.79 -14.49
CA TYR E 260 -23.44 -41.92 -14.38
C TYR E 260 -22.79 -42.46 -15.64
N PRO E 261 -23.22 -43.57 -16.23
CA PRO E 261 -22.58 -44.03 -17.47
C PRO E 261 -22.69 -43.04 -18.62
N ARG E 262 -23.79 -42.30 -18.73
CA ARG E 262 -23.88 -41.28 -19.76
C ARG E 262 -22.99 -40.10 -19.42
N PHE E 263 -22.92 -39.70 -18.15
CA PHE E 263 -21.98 -38.67 -17.77
C PHE E 263 -20.56 -39.04 -18.17
N LYS E 264 -20.17 -40.30 -17.95
CA LYS E 264 -18.80 -40.69 -18.27
C LYS E 264 -18.55 -40.64 -19.78
N GLN E 265 -19.53 -41.06 -20.59
CA GLN E 265 -19.34 -40.94 -22.02
C GLN E 265 -19.22 -39.47 -22.46
N THR E 266 -19.98 -38.58 -21.84
CA THR E 266 -20.02 -37.21 -22.32
C THR E 266 -18.71 -36.47 -22.05
N PHE E 267 -18.13 -36.65 -20.85
CA PHE E 267 -17.06 -35.81 -20.37
C PHE E 267 -15.71 -36.48 -20.17
N VAL E 268 -15.65 -37.77 -19.90
CA VAL E 268 -14.40 -38.39 -19.44
C VAL E 268 -13.55 -38.83 -20.62
N GLU E 269 -12.25 -38.52 -20.58
CA GLU E 269 -11.30 -38.88 -21.62
C GLU E 269 -10.29 -39.85 -21.02
N VAL E 270 -10.32 -41.08 -21.45
CA VAL E 270 -9.32 -42.05 -21.03
C VAL E 270 -8.14 -41.99 -21.97
N TYR E 271 -6.92 -42.04 -21.43
CA TYR E 271 -5.73 -41.94 -22.27
C TYR E 271 -4.59 -42.70 -21.58
N ASP E 272 -3.42 -42.65 -22.19
CA ASP E 272 -2.26 -43.39 -21.71
C ASP E 272 -2.64 -44.87 -21.56
N GLU E 273 -3.14 -45.44 -22.65
CA GLU E 273 -3.46 -46.86 -22.74
C GLU E 273 -4.35 -47.32 -21.58
N GLY E 274 -5.34 -46.49 -21.23
CA GLY E 274 -6.27 -46.82 -20.19
C GLY E 274 -5.75 -46.64 -18.78
N ARG E 275 -4.55 -46.11 -18.62
CA ARG E 275 -4.04 -45.94 -17.27
C ARG E 275 -4.43 -44.61 -16.66
N LYS E 276 -4.79 -43.62 -17.47
CA LYS E 276 -5.13 -42.30 -16.96
C LYS E 276 -6.44 -41.78 -17.55
N ALA E 277 -7.01 -40.79 -16.88
CA ALA E 277 -8.16 -40.07 -17.40
C ALA E 277 -8.16 -38.63 -16.92
N ARG E 278 -8.71 -37.75 -17.74
CA ARG E 278 -9.01 -36.37 -17.41
C ARG E 278 -10.41 -36.05 -17.90
N VAL E 279 -10.98 -34.94 -17.43
CA VAL E 279 -12.39 -34.64 -17.63
C VAL E 279 -12.55 -33.29 -18.33
N ARG E 280 -13.32 -33.28 -19.44
CA ARG E 280 -13.75 -32.05 -20.08
C ARG E 280 -14.77 -31.32 -19.20
N GLU E 281 -14.64 -29.99 -19.12
CA GLU E 281 -15.60 -29.24 -18.31
C GLU E 281 -16.93 -29.07 -19.04
N THR E 282 -16.93 -28.97 -20.36
CA THR E 282 -18.18 -28.78 -21.09
C THR E 282 -18.09 -29.50 -22.44
N ALA E 283 -19.24 -29.59 -23.10
CA ALA E 283 -19.32 -30.24 -24.38
C ALA E 283 -18.75 -29.34 -25.46
N GLY E 284 -18.34 -29.97 -26.56
CA GLY E 284 -17.88 -29.24 -27.73
C GLY E 284 -16.44 -28.85 -27.69
N THR E 285 -15.66 -29.40 -26.76
CA THR E 285 -14.24 -29.09 -26.60
C THR E 285 -13.52 -30.37 -26.24
N ASP E 286 -12.22 -30.40 -26.54
CA ASP E 286 -11.36 -31.48 -26.05
C ASP E 286 -10.47 -31.04 -24.90
N ASP E 287 -10.42 -29.76 -24.60
CA ASP E 287 -9.68 -29.34 -23.43
C ASP E 287 -10.30 -29.93 -22.18
N ALA E 288 -9.45 -30.35 -21.26
CA ALA E 288 -9.87 -30.86 -19.96
C ALA E 288 -9.75 -29.77 -18.90
N ASP E 289 -10.69 -29.78 -17.96
CA ASP E 289 -10.61 -28.94 -16.76
C ASP E 289 -10.56 -27.45 -17.11
N GLY E 290 -11.41 -27.02 -18.04
CA GLY E 290 -11.66 -25.60 -18.26
C GLY E 290 -12.57 -25.07 -17.16
N GLY E 291 -13.01 -23.83 -17.35
CA GLY E 291 -13.88 -23.22 -16.36
C GLY E 291 -13.19 -23.07 -15.01
N VAL E 292 -13.85 -23.52 -13.95
CA VAL E 292 -13.28 -23.41 -12.61
C VAL E 292 -12.12 -24.37 -12.39
N GLY E 293 -11.91 -25.33 -13.30
CA GLY E 293 -10.77 -26.22 -13.22
C GLY E 293 -10.94 -27.39 -12.29
N LEU E 294 -12.18 -27.82 -12.00
CA LEU E 294 -12.45 -28.84 -11.00
C LEU E 294 -13.16 -30.07 -11.56
N ALA E 295 -13.33 -30.17 -12.87
CA ALA E 295 -14.05 -31.32 -13.41
C ALA E 295 -13.38 -32.63 -12.99
N SER E 296 -12.08 -32.76 -13.20
CA SER E 296 -11.41 -34.03 -12.89
C SER E 296 -11.47 -34.34 -11.39
N ALA E 297 -11.21 -33.33 -10.55
CA ALA E 297 -11.26 -33.51 -9.10
C ALA E 297 -12.66 -33.94 -8.63
N PHE E 298 -13.72 -33.25 -9.07
CA PHE E 298 -15.03 -33.67 -8.64
C PHE E 298 -15.42 -35.03 -9.18
N THR E 299 -14.96 -35.38 -10.40
CA THR E 299 -15.29 -36.70 -10.94
C THR E 299 -14.57 -37.80 -10.16
N LEU E 300 -13.40 -37.48 -9.60
CA LEU E 300 -12.74 -38.41 -8.68
C LEU E 300 -13.64 -38.74 -7.50
N LEU E 301 -14.30 -37.72 -6.95
CA LEU E 301 -15.25 -37.91 -5.85
C LEU E 301 -16.45 -38.74 -6.30
N LEU E 302 -16.95 -38.46 -7.51
CA LEU E 302 -18.10 -39.21 -8.02
C LEU E 302 -17.74 -40.68 -8.23
N ALA E 303 -16.56 -40.96 -8.77
CA ALA E 303 -16.15 -42.36 -8.93
C ALA E 303 -16.08 -43.07 -7.58
N ARG E 304 -15.58 -42.38 -6.56
CA ARG E 304 -15.56 -42.93 -5.21
C ARG E 304 -16.98 -43.20 -4.73
N GLU E 305 -17.89 -42.23 -4.88
CA GLU E 305 -19.27 -42.44 -4.47
C GLU E 305 -19.90 -43.61 -5.22
N MET E 306 -19.59 -43.74 -6.52
CA MET E 306 -20.19 -44.77 -7.35
C MET E 306 -19.47 -46.11 -7.22
N GLY E 307 -18.36 -46.16 -6.50
CA GLY E 307 -17.61 -47.39 -6.38
C GLY E 307 -16.79 -47.74 -7.61
N ASP E 308 -16.47 -46.76 -8.46
CA ASP E 308 -15.79 -46.98 -9.75
C ASP E 308 -14.27 -46.94 -9.55
N GLN E 309 -13.73 -48.06 -9.11
CA GLN E 309 -12.31 -48.12 -8.79
C GLN E 309 -11.44 -47.89 -10.02
N GLN E 310 -11.89 -48.36 -11.18
CA GLN E 310 -11.10 -48.14 -12.39
C GLN E 310 -10.97 -46.65 -12.70
N LEU E 311 -12.10 -45.94 -12.79
CA LEU E 311 -12.06 -44.52 -13.10
C LEU E 311 -11.33 -43.74 -12.00
N PHE E 312 -11.52 -44.15 -10.75
CA PHE E 312 -10.83 -43.51 -9.65
C PHE E 312 -9.31 -43.60 -9.81
N ASP E 313 -8.82 -44.80 -10.15
CA ASP E 313 -7.40 -44.98 -10.37
C ASP E 313 -6.92 -44.17 -11.56
N GLN E 314 -7.71 -44.12 -12.63
CA GLN E 314 -7.28 -43.38 -13.81
C GLN E 314 -7.18 -41.88 -13.53
N LEU E 315 -8.17 -41.33 -12.83
CA LEU E 315 -8.18 -39.91 -12.49
C LEU E 315 -7.07 -39.56 -11.51
N LEU E 316 -6.83 -40.41 -10.51
CA LEU E 316 -5.78 -40.14 -9.55
C LEU E 316 -4.40 -40.27 -10.19
N ASN E 317 -4.24 -41.22 -11.11
CA ASN E 317 -2.96 -41.28 -11.83
C ASN E 317 -2.71 -40.03 -12.64
N HIS E 318 -3.76 -39.25 -12.96
CA HIS E 318 -3.62 -37.99 -13.71
C HIS E 318 -3.40 -36.79 -12.79
N LEU E 319 -4.07 -36.74 -11.63
CA LEU E 319 -4.06 -35.55 -10.78
C LEU E 319 -2.86 -35.50 -9.84
N GLU E 320 -2.55 -36.61 -9.17
CA GLU E 320 -1.63 -36.58 -8.05
C GLU E 320 -0.17 -36.52 -8.46
N PRO E 321 0.30 -37.43 -9.30
CA PRO E 321 1.75 -37.53 -9.57
C PRO E 321 2.34 -36.19 -9.99
N PRO E 322 1.70 -35.48 -10.93
CA PRO E 322 2.26 -34.17 -11.34
C PRO E 322 2.20 -33.11 -10.26
N ALA E 323 1.35 -33.29 -9.23
CA ALA E 323 1.35 -32.33 -8.14
C ALA E 323 2.57 -32.49 -7.24
N LYS E 324 3.37 -33.54 -7.44
CA LYS E 324 4.62 -33.78 -6.72
C LYS E 324 4.33 -33.91 -5.22
N PRO E 325 3.61 -34.94 -4.79
CA PRO E 325 3.39 -35.12 -3.35
C PRO E 325 4.68 -35.54 -2.66
N SER E 326 4.86 -35.05 -1.44
CA SER E 326 5.94 -35.59 -0.60
C SER E 326 5.48 -35.54 0.85
N ILE E 327 6.07 -36.42 1.65
CA ILE E 327 5.79 -36.50 3.08
C ILE E 327 7.05 -36.11 3.82
N VAL E 328 6.99 -34.97 4.50
CA VAL E 328 8.11 -34.47 5.29
C VAL E 328 7.66 -34.39 6.74
N SER E 329 8.42 -35.05 7.63
CA SER E 329 8.09 -35.03 9.05
C SER E 329 6.68 -35.56 9.28
N ALA E 330 6.32 -36.61 8.55
CA ALA E 330 5.04 -37.29 8.68
C ALA E 330 3.84 -36.42 8.27
N SER E 331 4.08 -35.38 7.48
CA SER E 331 3.06 -34.44 7.05
C SER E 331 3.08 -34.35 5.53
N LEU E 332 1.89 -34.31 4.92
CA LEU E 332 1.75 -34.33 3.46
C LEU E 332 1.76 -32.94 2.85
N ARG E 333 2.48 -32.81 1.74
CA ARG E 333 2.55 -31.55 1.01
C ARG E 333 2.54 -31.84 -0.49
N TYR E 334 2.02 -30.91 -1.26
CA TYR E 334 2.04 -30.98 -2.72
C TYR E 334 2.85 -29.80 -3.25
N GLU E 335 3.84 -30.08 -4.11
CA GLU E 335 4.66 -28.99 -4.59
C GLU E 335 3.96 -28.15 -5.67
N HIS E 336 3.12 -28.77 -6.52
CA HIS E 336 2.44 -28.08 -7.61
C HIS E 336 0.97 -28.49 -7.67
N PRO E 337 0.17 -28.04 -6.72
CA PRO E 337 -1.28 -28.31 -6.79
C PRO E 337 -1.85 -27.80 -8.11
N GLY E 338 -2.65 -28.64 -8.76
CA GLY E 338 -3.10 -28.36 -10.12
C GLY E 338 -4.34 -27.53 -10.28
N SER E 339 -5.03 -27.20 -9.19
CA SER E 339 -6.29 -26.48 -9.23
C SER E 339 -6.55 -25.86 -7.87
N LEU E 340 -7.65 -25.13 -7.77
CA LEU E 340 -8.20 -24.75 -6.47
C LEU E 340 -8.61 -25.99 -5.70
N LEU E 341 -8.67 -25.87 -4.38
CA LEU E 341 -9.24 -26.93 -3.53
C LEU E 341 -8.57 -28.27 -3.74
N PHE E 342 -7.28 -28.25 -4.10
CA PHE E 342 -6.62 -29.47 -4.54
C PHE E 342 -6.47 -30.46 -3.40
N ASP E 343 -5.76 -30.08 -2.33
CA ASP E 343 -5.55 -31.05 -1.28
C ASP E 343 -6.88 -31.36 -0.59
N GLU E 344 -7.82 -30.42 -0.60
CA GLU E 344 -9.14 -30.68 -0.02
C GLU E 344 -9.89 -31.79 -0.76
N LEU E 345 -9.95 -31.71 -2.10
CA LEU E 345 -10.73 -32.68 -2.85
C LEU E 345 -10.03 -34.03 -2.93
N LEU E 346 -8.72 -34.06 -3.08
CA LEU E 346 -8.02 -35.34 -3.03
C LEU E 346 -8.19 -36.00 -1.65
N PHE E 347 -8.10 -35.21 -0.57
CA PHE E 347 -8.35 -35.75 0.75
C PHE E 347 -9.74 -36.39 0.83
N LEU E 348 -10.76 -35.67 0.37
CA LEU E 348 -12.13 -36.16 0.42
C LEU E 348 -12.28 -37.45 -0.40
N ALA E 349 -11.74 -37.46 -1.62
CA ALA E 349 -11.88 -38.64 -2.47
C ALA E 349 -11.21 -39.87 -1.86
N LYS E 350 -10.06 -39.68 -1.23
CA LYS E 350 -9.35 -40.84 -0.73
C LYS E 350 -10.10 -41.49 0.43
N VAL E 351 -10.82 -40.72 1.24
CA VAL E 351 -11.44 -41.31 2.43
C VAL E 351 -12.93 -41.49 2.27
N HIS E 352 -13.55 -40.89 1.25
CA HIS E 352 -15.00 -40.75 1.17
C HIS E 352 -15.73 -42.08 1.34
N ALA E 353 -16.57 -42.15 2.36
CA ALA E 353 -17.33 -43.36 2.63
C ALA E 353 -18.69 -43.39 1.90
N GLY E 354 -19.05 -42.37 1.15
CA GLY E 354 -20.37 -42.34 0.53
C GLY E 354 -21.31 -41.45 1.32
N PHE E 355 -22.03 -40.54 0.64
CA PHE E 355 -22.90 -39.64 1.40
C PHE E 355 -24.03 -40.42 2.08
N GLY E 356 -24.48 -41.52 1.49
CA GLY E 356 -25.48 -42.32 2.18
C GLY E 356 -24.98 -42.89 3.49
N ALA E 357 -23.72 -43.33 3.53
CA ALA E 357 -23.17 -43.91 4.75
C ALA E 357 -23.04 -42.87 5.84
N LEU E 358 -22.73 -41.62 5.46
CA LEU E 358 -22.69 -40.54 6.42
C LEU E 358 -24.06 -40.32 7.07
N LEU E 359 -25.13 -40.38 6.28
CA LEU E 359 -26.49 -40.31 6.82
C LEU E 359 -26.78 -41.44 7.79
N ARG E 360 -26.34 -42.66 7.45
CA ARG E 360 -26.63 -43.83 8.27
C ARG E 360 -25.53 -44.10 9.28
N MET E 361 -24.75 -43.09 9.65
CA MET E 361 -23.63 -43.26 10.56
C MET E 361 -24.11 -43.63 11.96
N PRO E 362 -23.46 -44.60 12.60
CA PRO E 362 -23.88 -45.05 13.94
C PRO E 362 -23.43 -44.06 15.00
N PRO E 363 -24.05 -44.10 16.17
CA PRO E 363 -23.63 -43.22 17.27
C PRO E 363 -22.26 -43.63 17.77
N PRO E 364 -21.57 -42.75 18.51
CA PRO E 364 -20.26 -43.11 19.05
C PRO E 364 -20.41 -43.92 20.33
N ALA E 365 -19.94 -45.17 20.28
CA ALA E 365 -19.94 -46.04 21.46
C ALA E 365 -19.43 -47.43 21.09
N ALA E 366 -19.63 -48.40 21.99
CA ALA E 366 -19.26 -49.81 21.77
C ALA E 366 -19.48 -50.64 23.04
#